data_9EA3
#
_entry.id   9EA3
#
_cell.length_a   1.00
_cell.length_b   1.00
_cell.length_c   1.00
_cell.angle_alpha   90.00
_cell.angle_beta   90.00
_cell.angle_gamma   90.00
#
_symmetry.space_group_name_H-M   'P 1'
#
loop_
_entity.id
_entity.type
_entity.pdbx_description
1 polymer 'DNA-directed DNA polymerase'
2 polymer 'Sliding clamp'
3 polymer "DNA (5'-AGC TAT GAC CAT GAT TAC GAA TTG ddC-3')"
4 polymer 'DNA (38-MER)'
#
loop_
_entity_poly.entity_id
_entity_poly.type
_entity_poly.pdbx_seq_one_letter_code
_entity_poly.pdbx_strand_id
1 'polypeptide(L)'
;MKEFYISIETVGNNIVERYIDENGKERTREVEYLPTMFRHCKEESKYKDIYGKNCAPQKFPSMKDARDWMKRMERIGLEA
LGMNDFKLAYISDTYGSEIVYDRKFVRVANCDIEVTGDKFPDPMKAEYEIDAITHYDSIDDRFYVFDLLNSMYGSVSKWD
AKLAAKLDCEGGDEVPQEILDRVIYMPFDNERDMLMEYINLWEQKRPAIFTGWNIEGFAVPYIMNRVKMILGERSMKRFS
PIGRVKSKLIQNMYGSKEIYSIDGVSILDYLDLYKKFAFTNLPSFSLESVAQHETKKGKLPYDGPINKLRETNHQRYISY
NIIDVESVQAIDKIRGFIDLVLSMSYYAKMPFSGVMSPIKTWDAIIFNSLKGEHKVIPQQGSHVKQSFPGAFVFEPKPIA
RRYIMSFDLTSLYPSIIRQVNISPETIRGEFEVHPIHEYIAGTAPKPSDEYSCSPNGWMYDKHQEGIIPKEIAKVFFQRK
DWKKKMFAEEMNAEAIKKIIMKGAGSCSTKPEVERYVKFSDDFLNELSNYTESVLNSLIEECEKAATLANTNQLNRKILI
NSLYGALGNIHFRYYDLRNATAITIFGQVGIQWIARKINEYLNKVCGTNDEDFIAAGDTDSVYVCVDKVIEKVGLDRFKE
QNDLVEFMNQFGKKKMEPMIDVAYRELCDYMNNREHLMHMDREAISCPPLGSKGVGGFWKAKKRYALNVYDMEDKRFAEP
HLKIMGMETQQSSTPKAVQEALEESIRRILQEGEESVQEYYKNFEKEYRQLDYKVIAEVKTANDIAKYDDKGWPGFKCPF
HIRGVLTYRRAVSGLGVAPILDGNKVMVLPLREGNPFGDKCIAWPSGTELPKEIRSDVLSWIDHSTLFQKSFVKPLAGMC
ESAGMDYEEKASLDFLFG
;
A
2 'polypeptide(L)'
;MKLSKDTTALLKNFATINSGIMLKSGQFIMTRAVNGTTYAEANISDVIDFDVAIYDLNGFLGILSLVNDDAEISQSEDGN
IKIADARSTIFWPAADPSTVVAPNKPIPFPVASAVTEIKAEDLQQLLRVSRGLQIDTIAITVKEGKIVINGFNKVEDSAL
TRVKYSLTLGDYDGENTFNFIINMANMKMQPGNYKLLLWAKGKQGAAKFEGEHANYVVALEADSTHDF
;
B,D,E
3 'polydeoxyribonucleotide'
;(DA)(DG)(DC)(DT)(DA)(DT)(DG)(DA)(DC)(DC)(DA)(DT)(DG)(DA)(DT)(DT)(DA)(DC)(DG)(DA)
(DA)(DT)(DT)(DG)(DC)
;
P
4 'polydeoxyribonucleotide'
;(DC)(DT)(DG)(DC)(DA)(DC)(DG)(DA)(DA)(DT)(DT)(DA)(DA)(DG)(DC)(DA)(DA)(DT)(DT)(DC)
(DG)(DT)(DA)(DA)(DT)(DC)(DA)(DT)(DG)(DG)(DT)(DC)(DA)(DT)(DA)(DG)(DC)(DT)
;
T
#
loop_
_chem_comp.id
_chem_comp.type
_chem_comp.name
_chem_comp.formula
DA DNA linking 2'-DEOXYADENOSINE-5'-MONOPHOSPHATE 'C10 H14 N5 O6 P'
DC DNA linking 2'-DEOXYCYTIDINE-5'-MONOPHOSPHATE 'C9 H14 N3 O7 P'
DG DNA linking 2'-DEOXYGUANOSINE-5'-MONOPHOSPHATE 'C10 H14 N5 O7 P'
DT DNA linking THYMIDINE-5'-MONOPHOSPHATE 'C10 H15 N2 O8 P'
#
# COMPACT_ATOMS: atom_id res chain seq x y z
N MET A 1 -40.32 10.00 41.79
CA MET A 1 -39.04 9.74 41.16
C MET A 1 -38.06 9.14 42.16
N LYS A 2 -37.78 7.84 42.02
CA LYS A 2 -36.87 7.17 42.93
C LYS A 2 -35.46 7.71 42.78
N GLU A 3 -34.68 7.62 43.84
CA GLU A 3 -33.29 8.02 43.79
C GLU A 3 -32.50 7.06 42.91
N PHE A 4 -31.60 7.62 42.10
CA PHE A 4 -30.69 6.82 41.29
C PHE A 4 -29.33 7.48 41.26
N TYR A 5 -28.30 6.65 41.23
CA TYR A 5 -26.93 7.10 41.34
C TYR A 5 -26.52 7.95 40.15
N ILE A 6 -25.60 8.88 40.40
CA ILE A 6 -25.00 9.71 39.35
C ILE A 6 -23.52 9.43 39.20
N SER A 7 -22.80 9.26 40.31
CA SER A 7 -21.40 8.90 40.22
C SER A 7 -20.98 8.22 41.51
N ILE A 8 -20.01 7.32 41.39
CA ILE A 8 -19.53 6.50 42.50
C ILE A 8 -18.02 6.46 42.46
N GLU A 9 -17.38 6.67 43.61
CA GLU A 9 -15.92 6.61 43.69
C GLU A 9 -15.51 6.02 45.04
N THR A 10 -14.24 5.63 45.12
CA THR A 10 -13.67 5.04 46.32
C THR A 10 -12.60 5.96 46.89
N VAL A 11 -12.75 6.31 48.16
CA VAL A 11 -11.74 7.08 48.88
C VAL A 11 -11.45 6.37 50.20
N GLY A 12 -10.20 5.99 50.40
CA GLY A 12 -9.86 5.21 51.58
C GLY A 12 -10.63 3.90 51.57
N ASN A 13 -11.36 3.66 52.65
CA ASN A 13 -12.24 2.50 52.77
C ASN A 13 -13.71 2.90 52.74
N ASN A 14 -14.00 4.03 52.09
CA ASN A 14 -15.34 4.60 52.03
C ASN A 14 -15.71 4.83 50.57
N ILE A 15 -16.99 4.75 50.27
CA ILE A 15 -17.51 4.97 48.92
C ILE A 15 -18.26 6.29 48.93
N VAL A 16 -17.84 7.21 48.07
CA VAL A 16 -18.54 8.47 47.89
C VAL A 16 -19.51 8.31 46.72
N GLU A 17 -20.79 8.57 46.99
CA GLU A 17 -21.82 8.40 45.93
C GLU A 17 -22.63 9.69 45.75
N ARG A 18 -22.53 10.33 44.57
CA ARG A 18 -23.37 11.52 44.29
C ARG A 18 -24.64 11.03 43.59
N TYR A 19 -25.81 11.58 43.93
CA TYR A 19 -27.07 11.03 43.35
C TYR A 19 -28.20 12.05 43.40
N ILE A 20 -29.37 11.65 42.92
CA ILE A 20 -30.53 12.53 42.87
C ILE A 20 -31.56 12.06 43.90
N ASP A 21 -32.29 13.02 44.47
CA ASP A 21 -33.31 12.71 45.46
C ASP A 21 -34.68 12.57 44.79
N GLU A 22 -35.73 12.52 45.60
CA GLU A 22 -37.08 12.32 45.09
C GLU A 22 -37.54 13.53 44.26
N ASN A 23 -37.26 14.75 44.74
CA ASN A 23 -37.74 15.95 44.08
C ASN A 23 -36.79 16.44 42.98
N GLY A 24 -35.61 15.86 42.86
CA GLY A 24 -34.71 16.23 41.78
C GLY A 24 -33.63 17.23 42.14
N LYS A 25 -32.92 16.99 43.24
CA LYS A 25 -31.78 17.79 43.63
C LYS A 25 -30.56 16.88 43.73
N GLU A 26 -29.45 17.32 43.14
CA GLU A 26 -28.23 16.52 43.13
C GLU A 26 -27.49 16.70 44.46
N ARG A 27 -27.33 15.61 45.20
CA ARG A 27 -26.60 15.65 46.46
C ARG A 27 -25.72 14.42 46.58
N THR A 28 -24.68 14.54 47.39
CA THR A 28 -23.71 13.48 47.60
C THR A 28 -23.81 12.94 49.01
N ARG A 29 -23.11 11.83 49.24
CA ARG A 29 -22.99 11.23 50.55
C ARG A 29 -21.80 10.28 50.54
N GLU A 30 -21.38 9.89 51.73
CA GLU A 30 -20.33 8.90 51.90
C GLU A 30 -20.87 7.72 52.69
N VAL A 31 -20.43 6.52 52.32
CA VAL A 31 -20.87 5.29 52.97
C VAL A 31 -19.65 4.44 53.28
N GLU A 32 -19.45 4.13 54.56
CA GLU A 32 -18.46 3.13 54.95
C GLU A 32 -19.07 1.77 54.64
N TYR A 33 -18.87 1.33 53.40
CA TYR A 33 -19.51 0.11 52.95
C TYR A 33 -18.95 -1.11 53.68
N LEU A 34 -19.73 -2.18 53.69
CA LEU A 34 -19.32 -3.43 54.31
C LEU A 34 -19.15 -4.48 53.22
N PRO A 35 -17.93 -4.74 52.76
CA PRO A 35 -17.74 -5.77 51.73
C PRO A 35 -18.19 -7.14 52.22
N THR A 36 -18.83 -7.88 51.32
CA THR A 36 -19.37 -9.20 51.62
C THR A 36 -19.09 -10.10 50.42
N MET A 37 -18.01 -10.88 50.50
CA MET A 37 -17.62 -11.79 49.44
C MET A 37 -18.04 -13.21 49.82
N PHE A 38 -17.60 -14.17 49.01
CA PHE A 38 -17.86 -15.58 49.26
C PHE A 38 -16.58 -16.38 49.12
N ARG A 39 -16.47 -17.46 49.89
CA ARG A 39 -15.36 -18.38 49.77
C ARG A 39 -15.89 -19.81 49.65
N HIS A 40 -15.07 -20.68 49.08
CA HIS A 40 -15.46 -22.07 48.93
C HIS A 40 -15.68 -22.71 50.29
N CYS A 41 -16.78 -23.45 50.44
CA CYS A 41 -17.08 -24.09 51.70
C CYS A 41 -17.64 -25.48 51.44
N LYS A 42 -17.25 -26.43 52.29
CA LYS A 42 -17.73 -27.80 52.16
C LYS A 42 -19.16 -27.94 52.66
N GLU A 43 -19.54 -27.16 53.68
CA GLU A 43 -20.89 -27.21 54.20
C GLU A 43 -21.89 -26.67 53.18
N GLU A 44 -23.01 -27.35 53.06
CA GLU A 44 -24.06 -26.93 52.13
C GLU A 44 -24.57 -25.54 52.51
N SER A 45 -24.67 -24.67 51.51
CA SER A 45 -25.12 -23.29 51.72
C SER A 45 -26.09 -22.90 50.61
N LYS A 46 -26.90 -21.88 50.89
CA LYS A 46 -27.83 -21.40 49.88
C LYS A 46 -27.10 -20.86 48.67
N TYR A 47 -26.03 -20.11 48.88
CA TYR A 47 -25.26 -19.50 47.79
C TYR A 47 -24.18 -20.49 47.35
N LYS A 48 -24.41 -21.14 46.22
CA LYS A 48 -23.47 -22.08 45.63
C LYS A 48 -22.73 -21.42 44.48
N ASP A 49 -21.63 -22.05 44.07
CA ASP A 49 -20.77 -21.48 43.04
C ASP A 49 -21.39 -21.76 41.66
N ILE A 50 -20.61 -21.50 40.61
CA ILE A 50 -21.10 -21.70 39.25
C ILE A 50 -21.37 -23.18 38.99
N TYR A 51 -20.50 -24.06 39.47
CA TYR A 51 -20.64 -25.48 39.22
C TYR A 51 -21.55 -26.17 40.24
N GLY A 52 -22.08 -25.43 41.21
CA GLY A 52 -22.93 -25.99 42.25
C GLY A 52 -22.26 -26.19 43.58
N LYS A 53 -20.95 -26.03 43.65
CA LYS A 53 -20.24 -26.16 44.93
C LYS A 53 -20.62 -25.00 45.85
N ASN A 54 -20.76 -25.32 47.14
CA ASN A 54 -21.28 -24.36 48.10
C ASN A 54 -20.27 -23.25 48.38
N CYS A 55 -20.79 -22.07 48.71
CA CYS A 55 -19.99 -20.92 49.06
C CYS A 55 -20.52 -20.29 50.34
N ALA A 56 -19.62 -19.99 51.26
CA ALA A 56 -19.91 -19.36 52.52
C ALA A 56 -19.58 -17.88 52.45
N PRO A 57 -20.50 -17.01 52.86
CA PRO A 57 -20.20 -15.57 52.85
C PRO A 57 -19.15 -15.20 53.88
N GLN A 58 -18.43 -14.13 53.57
CA GLN A 58 -17.44 -13.57 54.47
C GLN A 58 -17.53 -12.06 54.41
N LYS A 59 -17.55 -11.43 55.58
CA LYS A 59 -17.77 -10.00 55.69
C LYS A 59 -16.50 -9.31 56.21
N PHE A 60 -16.24 -8.12 55.70
CA PHE A 60 -15.11 -7.32 56.13
C PHE A 60 -15.59 -5.93 56.51
N PRO A 61 -14.89 -5.28 57.44
CA PRO A 61 -15.25 -3.90 57.79
C PRO A 61 -14.73 -2.85 56.80
N SER A 62 -13.86 -3.23 55.87
CA SER A 62 -13.27 -2.26 54.97
C SER A 62 -12.84 -2.95 53.67
N MET A 63 -12.71 -2.14 52.62
CA MET A 63 -12.20 -2.66 51.35
C MET A 63 -10.75 -3.09 51.49
N LYS A 64 -9.95 -2.33 52.25
CA LYS A 64 -8.55 -2.68 52.44
C LYS A 64 -8.40 -4.03 53.11
N ASP A 65 -9.26 -4.32 54.10
CA ASP A 65 -9.19 -5.62 54.76
C ASP A 65 -9.50 -6.75 53.79
N ALA A 66 -10.51 -6.57 52.94
CA ALA A 66 -10.84 -7.60 51.96
C ALA A 66 -9.71 -7.77 50.94
N ARG A 67 -9.10 -6.66 50.52
CA ARG A 67 -8.00 -6.73 49.57
C ARG A 67 -6.81 -7.48 50.17
N ASP A 68 -6.48 -7.19 51.43
CA ASP A 68 -5.39 -7.90 52.10
C ASP A 68 -5.71 -9.37 52.28
N TRP A 69 -6.98 -9.68 52.59
CA TRP A 69 -7.40 -11.07 52.69
C TRP A 69 -7.21 -11.78 51.36
N MET A 70 -7.62 -11.13 50.27
CA MET A 70 -7.43 -11.73 48.94
C MET A 70 -5.95 -11.91 48.63
N LYS A 71 -5.12 -10.95 49.07
CA LYS A 71 -3.68 -11.08 48.84
C LYS A 71 -3.12 -12.30 49.54
N ARG A 72 -3.40 -12.44 50.84
CA ARG A 72 -2.89 -13.61 51.57
C ARG A 72 -3.56 -14.90 51.12
N MET A 73 -4.74 -14.82 50.52
CA MET A 73 -5.41 -16.00 49.98
C MET A 73 -4.76 -16.45 48.68
N GLU A 74 -4.40 -15.49 47.83
CA GLU A 74 -3.75 -15.84 46.54
C GLU A 74 -2.29 -16.23 46.81
N ARG A 75 -1.74 -15.78 47.94
CA ARG A 75 -0.35 -16.15 48.33
C ARG A 75 -0.31 -17.67 48.59
N ILE A 76 -1.39 -18.23 49.14
CA ILE A 76 -1.43 -19.70 49.43
C ILE A 76 -2.03 -20.43 48.23
N GLY A 77 -2.37 -19.71 47.17
CA GLY A 77 -2.88 -20.33 45.93
C GLY A 77 -4.20 -21.06 46.13
N LEU A 78 -5.12 -20.45 46.89
CA LEU A 78 -6.44 -21.04 47.09
C LEU A 78 -7.51 -20.12 46.52
N GLU A 79 -8.57 -20.72 45.98
CA GLU A 79 -9.58 -19.98 45.25
C GLU A 79 -10.59 -19.34 46.20
N ALA A 80 -10.81 -18.05 46.03
CA ALA A 80 -11.83 -17.32 46.76
C ALA A 80 -12.67 -16.51 45.77
N LEU A 81 -13.98 -16.64 45.85
CA LEU A 81 -14.89 -16.07 44.89
C LEU A 81 -15.43 -14.72 45.40
N GLY A 82 -16.42 -14.19 44.70
CA GLY A 82 -16.99 -12.89 45.01
C GLY A 82 -16.72 -11.89 43.90
N MET A 83 -17.11 -10.65 44.17
CA MET A 83 -16.89 -9.53 43.26
C MET A 83 -15.71 -8.71 43.77
N ASN A 84 -14.65 -8.62 42.96
CA ASN A 84 -13.45 -7.92 43.40
C ASN A 84 -13.70 -6.42 43.51
N ASP A 85 -14.29 -5.81 42.49
CA ASP A 85 -14.52 -4.37 42.49
C ASP A 85 -15.68 -4.07 43.45
N PHE A 86 -15.35 -3.54 44.63
CA PHE A 86 -16.36 -3.27 45.62
C PHE A 86 -17.37 -2.22 45.17
N LYS A 87 -17.00 -1.38 44.20
CA LYS A 87 -17.93 -0.37 43.72
C LYS A 87 -19.14 -1.03 43.06
N LEU A 88 -18.91 -2.05 42.24
CA LEU A 88 -20.02 -2.75 41.59
C LEU A 88 -20.90 -3.43 42.63
N ALA A 89 -20.29 -4.09 43.62
CA ALA A 89 -21.07 -4.75 44.64
C ALA A 89 -21.93 -3.76 45.42
N TYR A 90 -21.33 -2.63 45.80
CA TYR A 90 -22.07 -1.63 46.56
C TYR A 90 -23.22 -1.05 45.74
N ILE A 91 -22.96 -0.71 44.47
CA ILE A 91 -23.99 -0.11 43.66
C ILE A 91 -25.10 -1.11 43.33
N SER A 92 -24.77 -2.39 43.25
CA SER A 92 -25.80 -3.40 43.03
C SER A 92 -26.64 -3.60 44.29
N ASP A 93 -26.00 -3.64 45.45
CA ASP A 93 -26.74 -3.82 46.71
C ASP A 93 -27.65 -2.63 46.97
N THR A 94 -27.19 -1.42 46.67
CA THR A 94 -27.96 -0.22 46.99
C THR A 94 -29.30 -0.19 46.25
N TYR A 95 -29.30 -0.58 44.98
CA TYR A 95 -30.50 -0.48 44.14
C TYR A 95 -31.15 -1.84 43.88
N GLY A 96 -30.41 -2.78 43.29
CA GLY A 96 -30.95 -4.10 43.08
C GLY A 96 -31.97 -4.19 41.96
N SER A 97 -33.07 -3.45 42.09
CA SER A 97 -34.15 -3.50 41.11
C SER A 97 -33.81 -2.61 39.93
N GLU A 98 -34.78 -2.43 39.04
CA GLU A 98 -34.58 -1.58 37.87
C GLU A 98 -34.49 -0.12 38.29
N ILE A 99 -33.96 0.70 37.38
CA ILE A 99 -33.73 2.12 37.64
C ILE A 99 -34.48 2.92 36.59
N VAL A 100 -35.24 3.92 37.04
CA VAL A 100 -35.92 4.86 36.15
C VAL A 100 -35.26 6.22 36.32
N TYR A 101 -34.84 6.82 35.21
CA TYR A 101 -34.04 8.02 35.22
C TYR A 101 -34.71 9.12 34.40
N ASP A 102 -34.24 10.35 34.60
CA ASP A 102 -34.67 11.49 33.82
C ASP A 102 -33.46 12.30 33.41
N ARG A 103 -33.51 12.90 32.22
CA ARG A 103 -32.38 13.64 31.68
C ARG A 103 -32.24 15.03 32.28
N LYS A 104 -33.20 15.49 33.06
CA LYS A 104 -33.11 16.80 33.69
C LYS A 104 -32.40 16.76 35.03
N PHE A 105 -31.98 15.58 35.49
CA PHE A 105 -31.25 15.43 36.73
C PHE A 105 -29.77 15.16 36.51
N VAL A 106 -29.30 15.25 35.28
CA VAL A 106 -27.90 14.97 34.93
C VAL A 106 -27.32 16.20 34.24
N ARG A 107 -26.17 16.65 34.72
CA ARG A 107 -25.54 17.88 34.24
C ARG A 107 -24.49 17.52 33.21
N VAL A 108 -24.80 17.78 31.94
CA VAL A 108 -23.89 17.53 30.83
C VAL A 108 -23.16 18.83 30.52
N ALA A 109 -21.83 18.79 30.58
CA ALA A 109 -21.01 19.98 30.39
C ALA A 109 -20.22 19.83 29.10
N ASN A 110 -20.35 20.83 28.22
CA ASN A 110 -19.61 20.86 26.96
C ASN A 110 -18.72 22.10 26.97
N CYS A 111 -17.42 21.89 27.16
CA CYS A 111 -16.49 22.99 27.31
C CYS A 111 -15.58 23.10 26.09
N ASP A 112 -14.95 24.26 25.96
CA ASP A 112 -14.00 24.50 24.88
C ASP A 112 -13.13 25.71 25.18
N ILE A 113 -11.82 25.57 25.04
CA ILE A 113 -10.87 26.63 25.30
C ILE A 113 -10.20 27.02 24.00
N GLU A 114 -10.20 28.30 23.69
CA GLU A 114 -9.50 28.85 22.55
C GLU A 114 -8.36 29.72 23.06
N VAL A 115 -7.14 29.36 22.68
CA VAL A 115 -5.92 29.97 23.19
C VAL A 115 -5.03 30.33 22.02
N THR A 116 -4.49 31.54 22.02
CA THR A 116 -3.62 32.02 20.95
C THR A 116 -2.16 31.96 21.39
N GLY A 117 -1.28 31.80 20.42
CA GLY A 117 0.15 31.82 20.67
C GLY A 117 0.93 31.86 19.37
N ASP A 118 2.24 32.06 19.51
CA ASP A 118 3.10 32.02 18.34
C ASP A 118 3.22 30.60 17.80
N LYS A 119 3.12 29.60 18.67
CA LYS A 119 3.20 28.21 18.29
C LYS A 119 1.99 27.47 18.87
N PHE A 120 1.67 26.33 18.26
CA PHE A 120 0.58 25.47 18.68
C PHE A 120 0.57 25.29 20.19
N PRO A 121 -0.57 25.49 20.84
CA PRO A 121 -0.64 25.34 22.31
C PRO A 121 -0.45 23.89 22.71
N ASP A 122 0.69 23.60 23.34
CA ASP A 122 0.97 22.26 23.81
C ASP A 122 0.51 22.12 25.25
N PRO A 123 -0.40 21.19 25.56
CA PRO A 123 -0.78 20.98 26.97
C PRO A 123 0.39 20.63 27.86
N MET A 124 1.39 19.93 27.33
CA MET A 124 2.60 19.66 28.10
C MET A 124 3.32 20.95 28.45
N LYS A 125 3.40 21.88 27.51
CA LYS A 125 4.06 23.15 27.75
C LYS A 125 3.20 24.09 28.58
N ALA A 126 1.95 24.30 28.16
CA ALA A 126 1.02 25.20 28.84
C ALA A 126 1.64 26.58 29.01
N GLU A 127 2.20 27.09 27.91
CA GLU A 127 2.95 28.34 27.94
C GLU A 127 2.05 29.55 27.73
N TYR A 128 1.05 29.44 26.87
CA TYR A 128 0.18 30.57 26.59
C TYR A 128 -0.96 30.63 27.62
N GLU A 129 -1.78 31.66 27.50
CA GLU A 129 -2.88 31.91 28.42
C GLU A 129 -4.21 31.78 27.69
N ILE A 130 -5.18 31.17 28.36
CA ILE A 130 -6.46 30.84 27.75
C ILE A 130 -7.28 32.12 27.61
N ASP A 131 -7.31 32.67 26.40
CA ASP A 131 -8.00 33.93 26.18
C ASP A 131 -9.40 33.77 25.61
N ALA A 132 -9.96 32.55 25.64
CA ALA A 132 -11.37 32.37 25.34
C ALA A 132 -11.84 31.06 25.97
N ILE A 133 -12.95 31.10 26.70
CA ILE A 133 -13.49 29.89 27.32
C ILE A 133 -14.99 29.85 27.09
N THR A 134 -15.50 28.67 26.74
CA THR A 134 -16.93 28.43 26.65
C THR A 134 -17.28 27.18 27.45
N HIS A 135 -18.39 27.24 28.18
CA HIS A 135 -18.85 26.13 29.00
C HIS A 135 -20.36 26.09 28.93
N TYR A 136 -20.91 25.09 28.26
CA TYR A 136 -22.34 24.92 28.19
C TYR A 136 -22.79 23.91 29.24
N ASP A 137 -23.83 24.28 29.98
CA ASP A 137 -24.44 23.42 30.99
C ASP A 137 -25.82 23.00 30.51
N SER A 138 -26.07 21.68 30.57
CA SER A 138 -27.28 21.11 30.01
C SER A 138 -28.51 21.44 30.86
N ILE A 139 -28.41 21.26 32.18
CA ILE A 139 -29.57 21.48 33.04
C ILE A 139 -29.99 22.94 32.99
N ASP A 140 -29.02 23.86 33.05
CA ASP A 140 -29.32 25.26 32.82
C ASP A 140 -29.53 25.58 31.35
N ASP A 141 -29.21 24.62 30.47
CA ASP A 141 -29.19 24.81 29.02
C ASP A 141 -28.61 26.18 28.66
N ARG A 142 -27.54 26.56 29.34
CA ARG A 142 -26.97 27.88 29.20
C ARG A 142 -25.50 27.80 28.82
N PHE A 143 -25.10 28.64 27.88
CA PHE A 143 -23.70 28.81 27.53
C PHE A 143 -23.11 29.90 28.42
N TYR A 144 -21.94 29.64 28.98
CA TYR A 144 -21.19 30.62 29.75
C TYR A 144 -19.91 30.92 28.98
N VAL A 145 -19.79 32.14 28.48
CA VAL A 145 -18.67 32.52 27.62
C VAL A 145 -17.86 33.57 28.36
N PHE A 146 -16.57 33.29 28.53
CA PHE A 146 -15.65 34.19 29.22
C PHE A 146 -14.53 34.58 28.27
N ASP A 147 -14.34 35.89 28.11
CA ASP A 147 -13.39 36.44 27.14
C ASP A 147 -12.34 37.25 27.86
N LEU A 148 -11.07 37.02 27.54
CA LEU A 148 -9.97 37.79 28.08
C LEU A 148 -9.72 38.99 27.17
N LEU A 149 -9.86 40.20 27.74
CA LEU A 149 -9.70 41.41 26.95
C LEU A 149 -8.23 41.76 26.76
N ASN A 150 -7.46 41.78 27.84
CA ASN A 150 -6.06 42.16 27.80
C ASN A 150 -5.18 40.92 27.89
N SER A 151 -4.28 40.77 26.92
CA SER A 151 -3.34 39.65 26.91
C SER A 151 -2.03 40.12 26.29
N MET A 152 -0.94 39.46 26.68
CA MET A 152 0.36 39.78 26.12
C MET A 152 0.42 39.53 24.62
N TYR A 153 -0.43 38.65 24.11
CA TYR A 153 -0.52 38.40 22.67
C TYR A 153 -1.57 39.27 21.99
N GLY A 154 -2.21 40.18 22.72
CA GLY A 154 -3.15 41.09 22.11
C GLY A 154 -4.25 41.58 23.03
N SER A 155 -4.70 42.81 22.81
CA SER A 155 -5.82 43.38 23.53
C SER A 155 -6.97 43.65 22.57
N VAL A 156 -8.18 43.35 23.01
CA VAL A 156 -9.35 43.38 22.15
C VAL A 156 -10.46 44.18 22.84
N SER A 157 -11.52 44.44 22.08
CA SER A 157 -12.70 45.10 22.57
C SER A 157 -13.68 44.08 23.13
N LYS A 158 -14.81 44.57 23.65
CA LYS A 158 -15.81 43.69 24.24
C LYS A 158 -16.70 43.08 23.16
N TRP A 159 -17.05 41.81 23.35
CA TRP A 159 -17.91 41.10 22.41
C TRP A 159 -19.35 41.60 22.52
N ASP A 160 -20.05 41.55 21.39
CA ASP A 160 -21.44 41.97 21.29
C ASP A 160 -22.30 40.83 20.78
N ALA A 161 -23.48 40.67 21.37
CA ALA A 161 -24.44 39.71 20.85
C ALA A 161 -25.02 40.18 19.52
N LYS A 162 -25.41 41.45 19.45
CA LYS A 162 -26.05 41.96 18.24
C LYS A 162 -25.10 41.91 17.05
N LEU A 163 -23.85 42.32 17.24
CA LEU A 163 -22.89 42.29 16.15
C LEU A 163 -22.60 40.86 15.72
N ALA A 164 -22.45 39.95 16.69
CA ALA A 164 -22.23 38.55 16.37
C ALA A 164 -23.42 37.95 15.63
N ALA A 165 -24.60 38.54 15.80
CA ALA A 165 -25.79 38.09 15.07
C ALA A 165 -25.92 38.69 13.68
N LYS A 166 -25.08 39.68 13.34
CA LYS A 166 -25.19 40.31 12.03
C LYS A 166 -24.63 39.39 10.94
N LEU A 167 -24.97 39.72 9.70
CA LEU A 167 -24.46 38.96 8.56
C LEU A 167 -23.01 39.31 8.28
N ASP A 168 -22.32 38.39 7.62
CA ASP A 168 -20.92 38.63 7.26
C ASP A 168 -20.80 39.79 6.29
N CYS A 169 -21.71 39.88 5.32
CA CYS A 169 -21.71 41.01 4.41
C CYS A 169 -21.93 42.33 5.15
N GLU A 170 -22.53 42.27 6.34
CA GLU A 170 -22.68 43.43 7.20
C GLU A 170 -21.66 43.45 8.32
N GLY A 171 -20.63 42.62 8.24
CA GLY A 171 -19.58 42.60 9.23
C GLY A 171 -19.85 41.74 10.44
N GLY A 172 -20.92 40.95 10.44
CA GLY A 172 -21.29 40.14 11.58
C GLY A 172 -20.67 38.75 11.54
N ASP A 173 -21.30 37.84 12.28
CA ASP A 173 -20.79 36.49 12.41
C ASP A 173 -21.83 35.40 12.10
N GLU A 174 -23.06 35.78 11.79
CA GLU A 174 -24.12 34.85 11.39
C GLU A 174 -24.43 33.81 12.47
N VAL A 175 -24.11 34.11 13.72
CA VAL A 175 -24.45 33.18 14.82
C VAL A 175 -25.96 33.18 15.00
N PRO A 176 -26.59 32.02 15.16
CA PRO A 176 -28.04 32.00 15.40
C PRO A 176 -28.40 32.78 16.66
N GLN A 177 -29.46 33.58 16.55
CA GLN A 177 -29.84 34.45 17.66
C GLN A 177 -30.47 33.65 18.80
N GLU A 178 -31.13 32.53 18.49
CA GLU A 178 -31.65 31.67 19.54
C GLU A 178 -30.55 31.13 20.44
N ILE A 179 -29.32 31.06 19.94
CA ILE A 179 -28.20 30.63 20.77
C ILE A 179 -27.83 31.71 21.77
N LEU A 180 -27.58 32.93 21.27
CA LEU A 180 -27.23 34.02 22.17
C LEU A 180 -28.36 34.36 23.13
N ASP A 181 -29.59 33.96 22.80
CA ASP A 181 -30.68 34.06 23.77
C ASP A 181 -30.44 33.17 24.97
N ARG A 182 -29.51 32.21 24.88
CA ARG A 182 -29.17 31.31 25.97
C ARG A 182 -27.70 31.44 26.34
N VAL A 183 -27.14 32.64 26.19
CA VAL A 183 -25.72 32.89 26.35
C VAL A 183 -25.52 33.94 27.44
N ILE A 184 -24.59 33.67 28.36
CA ILE A 184 -24.24 34.59 29.43
C ILE A 184 -22.75 34.93 29.29
N TYR A 185 -22.46 36.23 29.23
CA TYR A 185 -21.12 36.74 28.93
C TYR A 185 -20.49 37.24 30.21
N MET A 186 -19.30 36.73 30.52
CA MET A 186 -18.50 37.23 31.63
C MET A 186 -17.12 37.61 31.12
N PRO A 187 -16.95 38.78 30.52
CA PRO A 187 -15.61 39.21 30.10
C PRO A 187 -14.76 39.61 31.29
N PHE A 188 -13.46 39.40 31.14
CA PHE A 188 -12.48 39.76 32.16
C PHE A 188 -11.26 40.37 31.49
N ASP A 189 -10.76 41.45 32.08
CA ASP A 189 -9.53 42.05 31.56
C ASP A 189 -8.30 41.23 31.91
N ASN A 190 -8.35 40.44 32.97
CA ASN A 190 -7.19 39.72 33.46
C ASN A 190 -7.50 38.23 33.57
N GLU A 191 -6.45 37.43 33.38
CA GLU A 191 -6.59 35.98 33.43
C GLU A 191 -6.89 35.47 34.83
N ARG A 192 -6.44 36.17 35.87
CA ARG A 192 -6.63 35.68 37.24
C ARG A 192 -8.11 35.60 37.58
N ASP A 193 -8.85 36.70 37.37
CA ASP A 193 -10.27 36.69 37.66
C ASP A 193 -10.99 35.69 36.76
N MET A 194 -10.55 35.56 35.51
CA MET A 194 -11.08 34.57 34.59
C MET A 194 -11.01 33.17 35.18
N LEU A 195 -9.81 32.79 35.62
CA LEU A 195 -9.61 31.46 36.17
C LEU A 195 -10.40 31.26 37.44
N MET A 196 -10.41 32.26 38.33
CA MET A 196 -11.15 32.12 39.57
C MET A 196 -12.65 31.96 39.29
N GLU A 197 -13.18 32.74 38.37
CA GLU A 197 -14.59 32.64 38.02
C GLU A 197 -14.92 31.28 37.44
N TYR A 198 -14.07 30.77 36.55
CA TYR A 198 -14.34 29.44 36.00
C TYR A 198 -14.28 28.38 37.08
N ILE A 199 -13.32 28.48 38.00
CA ILE A 199 -13.19 27.49 39.06
C ILE A 199 -14.43 27.50 39.96
N ASN A 200 -14.88 28.69 40.37
CA ASN A 200 -16.02 28.72 41.27
C ASN A 200 -17.32 28.37 40.55
N LEU A 201 -17.43 28.68 39.26
CA LEU A 201 -18.58 28.22 38.48
C LEU A 201 -18.59 26.70 38.40
N TRP A 202 -17.41 26.11 38.20
CA TRP A 202 -17.29 24.66 38.19
C TRP A 202 -17.71 24.07 39.52
N GLU A 203 -17.28 24.69 40.62
CA GLU A 203 -17.57 24.14 41.94
C GLU A 203 -19.05 24.30 42.31
N GLN A 204 -19.61 25.47 42.03
CA GLN A 204 -21.05 25.72 42.32
C GLN A 204 -21.90 24.92 41.33
N LYS A 205 -21.56 25.01 40.03
CA LYS A 205 -22.30 24.23 38.98
C LYS A 205 -21.47 23.00 38.64
N ARG A 206 -21.42 22.03 39.55
CA ARG A 206 -20.58 20.82 39.34
C ARG A 206 -21.26 19.89 38.33
N PRO A 207 -20.68 19.66 37.13
CA PRO A 207 -21.33 18.84 36.10
C PRO A 207 -21.34 17.35 36.47
N ALA A 208 -22.47 16.68 36.23
CA ALA A 208 -22.55 15.23 36.51
C ALA A 208 -21.76 14.47 35.43
N ILE A 209 -21.82 14.95 34.20
CA ILE A 209 -21.12 14.30 33.10
C ILE A 209 -20.44 15.37 32.26
N PHE A 210 -19.17 15.17 31.96
CA PHE A 210 -18.36 16.12 31.22
C PHE A 210 -17.97 15.50 29.89
N THR A 211 -18.25 16.21 28.79
CA THR A 211 -17.89 15.66 27.48
C THR A 211 -17.62 16.81 26.52
N GLY A 212 -16.85 16.50 25.49
CA GLY A 212 -16.45 17.51 24.52
C GLY A 212 -15.70 16.87 23.37
N TRP A 213 -15.48 17.66 22.33
CA TRP A 213 -14.85 17.16 21.11
C TRP A 213 -13.35 17.05 21.34
N ASN A 214 -12.86 15.81 21.45
CA ASN A 214 -11.46 15.55 21.77
C ASN A 214 -11.08 16.27 23.06
N ILE A 215 -12.03 16.30 24.00
CA ILE A 215 -11.82 17.05 25.28
C ILE A 215 -10.54 16.59 25.98
N GLU A 216 -10.39 15.28 26.21
CA GLU A 216 -9.20 14.77 26.96
C GLU A 216 -7.95 14.96 26.10
N GLY A 217 -8.12 15.24 24.81
CA GLY A 217 -6.97 15.50 23.93
C GLY A 217 -6.30 16.83 24.28
N PHE A 218 -7.09 17.87 24.52
CA PHE A 218 -6.51 19.23 24.77
C PHE A 218 -7.30 19.97 25.86
N ALA A 219 -8.62 20.06 25.72
CA ALA A 219 -9.44 20.85 26.67
C ALA A 219 -9.05 20.54 28.12
N VAL A 220 -9.25 19.30 28.58
CA VAL A 220 -8.98 18.98 30.01
C VAL A 220 -7.49 19.19 30.32
N PRO A 221 -6.54 18.53 29.64
CA PRO A 221 -5.12 18.66 30.00
C PRO A 221 -4.63 20.11 30.08
N TYR A 222 -4.90 20.92 29.06
CA TYR A 222 -4.34 22.27 29.05
C TYR A 222 -4.85 23.08 30.24
N ILE A 223 -6.15 22.97 30.54
CA ILE A 223 -6.72 23.70 31.67
C ILE A 223 -6.06 23.27 32.96
N MET A 224 -5.96 21.96 33.17
CA MET A 224 -5.41 21.46 34.44
C MET A 224 -3.93 21.81 34.56
N ASN A 225 -3.17 21.71 33.47
CA ASN A 225 -1.77 22.10 33.52
C ASN A 225 -1.61 23.58 33.81
N ARG A 226 -2.45 24.42 33.21
CA ARG A 226 -2.37 25.85 33.46
C ARG A 226 -2.68 26.18 34.92
N VAL A 227 -3.76 25.60 35.46
CA VAL A 227 -4.08 25.89 36.84
C VAL A 227 -3.01 25.33 37.77
N LYS A 228 -2.41 24.19 37.41
CA LYS A 228 -1.34 23.64 38.23
C LYS A 228 -0.12 24.57 38.25
N MET A 229 0.26 25.10 37.08
CA MET A 229 1.44 25.96 37.03
C MET A 229 1.18 27.36 37.55
N ILE A 230 -0.08 27.78 37.64
CA ILE A 230 -0.36 29.14 38.07
C ILE A 230 -0.71 29.21 39.55
N LEU A 231 -1.30 28.14 40.09
CA LEU A 231 -1.80 28.14 41.46
C LEU A 231 -1.43 26.85 42.17
N GLY A 232 -0.26 26.31 41.84
CA GLY A 232 0.24 25.14 42.55
C GLY A 232 -0.68 23.94 42.40
N GLU A 233 -0.89 23.20 43.49
CA GLU A 233 -1.69 21.94 43.33
C GLU A 233 -3.16 22.16 43.74
N ARG A 234 -3.40 23.00 44.74
CA ARG A 234 -4.80 23.19 45.24
C ARG A 234 -5.71 23.57 44.07
N SER A 235 -5.17 24.28 43.08
CA SER A 235 -5.98 24.72 41.91
C SER A 235 -6.69 23.51 41.29
N MET A 236 -5.92 22.51 40.85
CA MET A 236 -6.51 21.32 40.18
C MET A 236 -7.34 20.53 41.20
N LYS A 237 -6.80 20.31 42.40
CA LYS A 237 -7.52 19.50 43.42
C LYS A 237 -8.94 20.05 43.60
N ARG A 238 -9.07 21.35 43.85
CA ARG A 238 -10.39 21.90 44.12
C ARG A 238 -11.32 21.76 42.92
N PHE A 239 -10.78 21.54 41.72
CA PHE A 239 -11.62 21.27 40.57
C PHE A 239 -12.41 19.99 40.76
N SER A 240 -11.77 18.97 41.34
CA SER A 240 -12.46 17.72 41.61
C SER A 240 -13.46 17.90 42.75
N PRO A 241 -14.59 17.18 42.70
CA PRO A 241 -15.59 17.31 43.78
C PRO A 241 -15.06 16.95 45.16
N ILE A 242 -14.21 15.93 45.25
CA ILE A 242 -13.68 15.48 46.53
C ILE A 242 -12.17 15.67 46.59
N GLY A 243 -11.64 16.65 45.87
CA GLY A 243 -10.21 16.88 45.87
C GLY A 243 -9.43 15.68 45.37
N ARG A 244 -9.90 15.06 44.30
CA ARG A 244 -9.26 13.86 43.76
C ARG A 244 -9.22 14.00 42.24
N VAL A 245 -8.15 14.60 41.73
CA VAL A 245 -7.86 14.65 40.31
C VAL A 245 -6.50 14.00 40.09
N LYS A 246 -6.47 12.98 39.25
CA LYS A 246 -5.30 12.12 39.11
C LYS A 246 -4.77 12.17 37.69
N SER A 247 -3.44 12.28 37.58
CA SER A 247 -2.78 12.24 36.28
C SER A 247 -2.61 10.80 35.83
N LYS A 248 -2.88 10.55 34.55
CA LYS A 248 -2.78 9.23 33.95
C LYS A 248 -2.05 9.33 32.62
N LEU A 249 -0.89 9.99 32.63
CA LEU A 249 -0.10 10.21 31.42
C LEU A 249 0.16 8.90 30.69
N ILE A 250 -0.35 8.81 29.48
CA ILE A 250 -0.13 7.64 28.62
C ILE A 250 0.97 8.05 27.64
N GLN A 251 2.21 7.75 28.01
CA GLN A 251 3.36 8.08 27.18
C GLN A 251 3.51 6.99 26.13
N ASN A 252 2.94 7.23 24.95
CA ASN A 252 3.04 6.28 23.86
C ASN A 252 4.43 6.34 23.24
N MET A 253 4.64 5.52 22.21
CA MET A 253 5.94 5.46 21.56
C MET A 253 6.29 6.79 20.89
N TYR A 254 5.29 7.44 20.29
CA TYR A 254 5.53 8.67 19.54
C TYR A 254 5.64 9.88 20.46
N GLY A 255 4.61 10.15 21.26
CA GLY A 255 4.57 11.30 22.12
C GLY A 255 4.00 10.94 23.48
N SER A 256 3.37 11.93 24.10
CA SER A 256 2.80 11.79 25.43
C SER A 256 1.33 12.15 25.39
N LYS A 257 0.54 11.47 26.22
CA LYS A 257 -0.90 11.72 26.33
C LYS A 257 -1.24 11.85 27.81
N GLU A 258 -1.18 13.07 28.33
CA GLU A 258 -1.57 13.32 29.70
C GLU A 258 -3.08 13.14 29.84
N ILE A 259 -3.48 12.25 30.74
CA ILE A 259 -4.90 11.98 30.99
C ILE A 259 -5.18 12.35 32.44
N TYR A 260 -6.17 13.21 32.64
CA TYR A 260 -6.56 13.67 33.98
C TYR A 260 -7.96 13.14 34.28
N SER A 261 -8.08 12.42 35.39
CA SER A 261 -9.36 11.92 35.85
C SER A 261 -9.82 12.74 37.04
N ILE A 262 -11.00 13.35 36.93
CA ILE A 262 -11.62 14.06 38.04
C ILE A 262 -12.55 13.09 38.75
N ASP A 263 -12.09 12.55 39.87
CA ASP A 263 -12.88 11.55 40.58
C ASP A 263 -14.14 12.19 41.16
N GLY A 264 -15.25 11.48 41.02
CA GLY A 264 -16.55 11.98 41.41
C GLY A 264 -17.37 12.51 40.27
N VAL A 265 -16.75 12.79 39.13
CA VAL A 265 -17.43 13.22 37.92
C VAL A 265 -17.02 12.29 36.79
N SER A 266 -18.00 11.79 36.05
CA SER A 266 -17.73 10.87 34.96
C SER A 266 -17.12 11.60 33.77
N ILE A 267 -15.80 11.76 33.79
CA ILE A 267 -15.11 12.47 32.66
C ILE A 267 -15.13 11.55 31.43
N LEU A 268 -16.01 11.81 30.48
CA LEU A 268 -16.13 10.97 29.27
C LEU A 268 -15.96 11.83 28.01
N ASP A 269 -15.03 11.45 27.13
CA ASP A 269 -14.79 12.23 25.89
C ASP A 269 -15.96 12.04 24.92
N TYR A 270 -16.01 12.82 23.85
CA TYR A 270 -17.05 12.64 22.85
C TYR A 270 -16.52 12.27 21.49
N LEU A 271 -15.26 12.60 21.17
CA LEU A 271 -14.66 12.15 19.93
C LEU A 271 -14.58 10.63 19.89
N ASP A 272 -14.19 10.02 21.01
CA ASP A 272 -14.14 8.56 21.06
C ASP A 272 -15.53 7.96 20.90
N LEU A 273 -16.54 8.66 21.43
CA LEU A 273 -17.94 8.16 21.33
C LEU A 273 -18.35 8.09 19.86
N TYR A 274 -18.07 9.14 19.10
CA TYR A 274 -18.40 9.16 17.65
C TYR A 274 -17.52 8.14 16.94
N LYS A 275 -16.36 7.82 17.52
CA LYS A 275 -15.43 6.86 16.89
C LYS A 275 -15.74 5.45 17.38
N LYS A 276 -16.85 5.28 18.10
CA LYS A 276 -17.18 3.94 18.68
C LYS A 276 -18.60 3.52 18.29
N PHE A 277 -19.56 4.44 18.32
CA PHE A 277 -20.94 4.05 18.07
C PHE A 277 -21.48 4.52 16.72
N ALA A 278 -20.82 5.47 16.06
CA ALA A 278 -21.38 6.01 14.81
C ALA A 278 -21.23 5.06 13.64
N PHE A 279 -20.13 4.31 13.58
CA PHE A 279 -19.85 3.38 12.48
C PHE A 279 -19.89 4.09 11.13
N THR A 280 -19.17 5.21 11.05
CA THR A 280 -19.01 5.94 9.79
C THR A 280 -17.77 6.80 9.91
N ASN A 281 -16.85 6.64 8.96
CA ASN A 281 -15.59 7.36 8.97
C ASN A 281 -15.60 8.42 7.89
N LEU A 282 -15.26 9.64 8.27
CA LEU A 282 -15.26 10.80 7.40
C LEU A 282 -13.84 11.10 6.92
N PRO A 283 -13.70 11.82 5.81
CA PRO A 283 -12.36 12.21 5.36
C PRO A 283 -11.63 13.07 6.37
N SER A 284 -12.33 13.73 7.27
CA SER A 284 -11.72 14.51 8.33
C SER A 284 -12.38 14.17 9.66
N PHE A 285 -11.65 14.38 10.74
CA PHE A 285 -12.22 14.26 12.08
C PHE A 285 -12.09 15.57 12.85
N SER A 286 -12.03 16.68 12.13
CA SER A 286 -12.16 17.98 12.75
C SER A 286 -13.60 18.21 13.17
N LEU A 287 -13.79 19.08 14.17
CA LEU A 287 -15.13 19.40 14.61
C LEU A 287 -15.93 20.06 13.50
N GLU A 288 -15.29 20.92 12.71
CA GLU A 288 -15.98 21.59 11.62
C GLU A 288 -16.49 20.59 10.59
N SER A 289 -15.66 19.60 10.25
CA SER A 289 -16.04 18.63 9.23
C SER A 289 -17.19 17.75 9.69
N VAL A 290 -17.10 17.23 10.92
CA VAL A 290 -18.18 16.38 11.41
C VAL A 290 -19.45 17.19 11.60
N ALA A 291 -19.32 18.46 12.03
CA ALA A 291 -20.49 19.32 12.13
C ALA A 291 -21.15 19.52 10.78
N GLN A 292 -20.33 19.75 9.75
CA GLN A 292 -20.89 19.91 8.38
C GLN A 292 -21.55 18.60 7.98
N HIS A 293 -20.97 17.48 8.38
CA HIS A 293 -21.52 16.14 8.00
C HIS A 293 -22.83 15.87 8.73
N GLU A 294 -22.94 16.29 10.00
CA GLU A 294 -24.15 15.96 10.80
C GLU A 294 -25.20 17.07 10.73
N THR A 295 -24.82 18.33 10.98
CA THR A 295 -25.83 19.42 11.05
C THR A 295 -25.85 20.27 9.77
N LYS A 296 -25.17 19.82 8.71
CA LYS A 296 -25.10 20.61 7.47
C LYS A 296 -24.71 22.06 7.74
N LYS A 297 -24.42 22.40 9.00
CA LYS A 297 -24.15 23.78 9.35
C LYS A 297 -22.70 24.14 9.08
N GLY A 298 -22.50 25.21 8.32
CA GLY A 298 -21.17 25.65 7.97
C GLY A 298 -20.78 26.94 8.63
N LYS A 299 -19.82 26.88 9.55
CA LYS A 299 -19.28 28.07 10.17
C LYS A 299 -18.75 29.02 9.11
N LEU A 300 -18.95 30.31 9.35
CA LEU A 300 -18.48 31.34 8.43
C LEU A 300 -17.02 31.09 8.05
N PRO A 301 -16.69 30.72 6.79
CA PRO A 301 -15.31 30.37 6.42
C PRO A 301 -14.30 31.46 6.79
N TYR A 302 -13.10 31.05 7.23
CA TYR A 302 -12.02 32.03 7.58
C TYR A 302 -10.75 31.63 6.86
N ASP A 303 -10.00 32.61 6.34
CA ASP A 303 -8.69 32.32 5.70
C ASP A 303 -7.57 32.99 6.48
N GLY A 304 -6.61 32.21 6.97
CA GLY A 304 -5.47 32.77 7.71
C GLY A 304 -5.12 31.95 8.95
N PRO A 305 -4.10 32.33 9.74
CA PRO A 305 -3.76 31.61 10.97
C PRO A 305 -4.81 31.84 12.06
N ILE A 306 -5.22 30.79 12.76
CA ILE A 306 -6.26 30.90 13.82
C ILE A 306 -5.85 31.99 14.81
N ASN A 307 -4.64 31.92 15.35
CA ASN A 307 -4.20 32.90 16.34
C ASN A 307 -4.35 34.32 15.81
N LYS A 308 -3.97 34.55 14.55
CA LYS A 308 -4.04 35.89 13.98
C LYS A 308 -5.47 36.35 13.75
N LEU A 309 -6.46 35.46 13.87
CA LEU A 309 -7.84 35.88 13.75
C LEU A 309 -8.26 36.77 14.92
N ARG A 310 -7.76 36.48 16.12
CA ARG A 310 -8.11 37.29 17.28
C ARG A 310 -7.65 38.72 17.11
N GLU A 311 -6.41 38.92 16.64
CA GLU A 311 -5.87 40.25 16.48
C GLU A 311 -6.57 41.05 15.40
N THR A 312 -7.30 40.39 14.50
CA THR A 312 -8.07 41.06 13.47
C THR A 312 -9.55 41.13 13.81
N ASN A 313 -10.09 40.13 14.51
CA ASN A 313 -11.50 40.11 14.84
C ASN A 313 -11.68 39.25 16.10
N HIS A 314 -11.89 39.91 17.24
CA HIS A 314 -12.24 39.20 18.46
C HIS A 314 -13.69 38.74 18.45
N GLN A 315 -14.57 39.56 17.87
CA GLN A 315 -15.98 39.21 17.82
C GLN A 315 -16.19 37.88 17.11
N ARG A 316 -15.61 37.74 15.92
CA ARG A 316 -15.75 36.50 15.17
C ARG A 316 -15.05 35.34 15.87
N TYR A 317 -13.98 35.63 16.61
CA TYR A 317 -13.30 34.61 17.40
C TYR A 317 -14.25 33.99 18.41
N ILE A 318 -14.89 34.83 19.22
CA ILE A 318 -15.82 34.33 20.22
C ILE A 318 -17.01 33.67 19.55
N SER A 319 -17.46 34.23 18.43
CA SER A 319 -18.57 33.64 17.70
C SER A 319 -18.25 32.22 17.25
N TYR A 320 -17.04 32.02 16.73
CA TYR A 320 -16.65 30.70 16.27
C TYR A 320 -16.59 29.72 17.43
N ASN A 321 -16.02 30.15 18.57
CA ASN A 321 -15.98 29.24 19.71
C ASN A 321 -17.39 28.84 20.16
N ILE A 322 -18.28 29.83 20.25
CA ILE A 322 -19.65 29.55 20.67
C ILE A 322 -20.33 28.60 19.71
N ILE A 323 -20.23 28.88 18.41
CA ILE A 323 -20.94 28.06 17.44
C ILE A 323 -20.36 26.66 17.41
N ASP A 324 -19.07 26.50 17.69
CA ASP A 324 -18.51 25.15 17.69
C ASP A 324 -19.03 24.33 18.86
N VAL A 325 -19.13 24.94 20.05
CA VAL A 325 -19.73 24.22 21.16
C VAL A 325 -21.19 23.90 20.86
N GLU A 326 -21.90 24.85 20.25
CA GLU A 326 -23.29 24.61 19.87
C GLU A 326 -23.40 23.43 18.92
N SER A 327 -22.47 23.34 17.97
CA SER A 327 -22.48 22.24 17.02
C SER A 327 -22.26 20.91 17.72
N VAL A 328 -21.34 20.88 18.70
CA VAL A 328 -21.16 19.65 19.47
C VAL A 328 -22.48 19.22 20.10
N GLN A 329 -23.14 20.16 20.78
CA GLN A 329 -24.40 19.82 21.41
C GLN A 329 -25.42 19.34 20.38
N ALA A 330 -25.44 19.99 19.21
CA ALA A 330 -26.44 19.66 18.20
C ALA A 330 -26.22 18.26 17.64
N ILE A 331 -24.97 17.89 17.37
CA ILE A 331 -24.72 16.56 16.84
C ILE A 331 -25.05 15.51 17.89
N ASP A 332 -24.79 15.81 19.17
CA ASP A 332 -25.22 14.87 20.20
C ASP A 332 -26.73 14.73 20.22
N LYS A 333 -27.44 15.85 20.09
CA LYS A 333 -28.90 15.81 20.13
C LYS A 333 -29.46 14.98 18.98
N ILE A 334 -28.92 15.17 17.78
CA ILE A 334 -29.45 14.43 16.64
C ILE A 334 -29.03 12.96 16.71
N ARG A 335 -27.84 12.66 17.23
CA ARG A 335 -27.39 11.27 17.32
C ARG A 335 -27.93 10.56 18.55
N GLY A 336 -28.07 11.24 19.67
CA GLY A 336 -28.55 10.61 20.88
C GLY A 336 -27.56 9.60 21.43
N PHE A 337 -26.42 10.07 21.92
CA PHE A 337 -25.37 9.19 22.41
C PHE A 337 -25.20 9.22 23.92
N ILE A 338 -25.18 10.40 24.54
CA ILE A 338 -25.00 10.47 25.98
C ILE A 338 -26.14 9.74 26.69
N ASP A 339 -27.37 9.95 26.23
CA ASP A 339 -28.50 9.21 26.76
C ASP A 339 -28.30 7.71 26.57
N LEU A 340 -27.67 7.31 25.47
CA LEU A 340 -27.44 5.89 25.22
C LEU A 340 -26.54 5.29 26.30
N VAL A 341 -25.39 5.93 26.56
CA VAL A 341 -24.47 5.40 27.56
C VAL A 341 -25.11 5.43 28.94
N LEU A 342 -25.84 6.50 29.24
CA LEU A 342 -26.50 6.57 30.53
C LEU A 342 -27.50 5.43 30.70
N SER A 343 -28.29 5.17 29.65
CA SER A 343 -29.26 4.07 29.71
C SER A 343 -28.56 2.74 29.88
N MET A 344 -27.46 2.53 29.16
CA MET A 344 -26.73 1.28 29.27
C MET A 344 -26.20 1.07 30.68
N SER A 345 -25.57 2.11 31.24
CA SER A 345 -25.00 1.98 32.58
C SER A 345 -26.08 1.75 33.62
N TYR A 346 -27.20 2.47 33.51
CA TYR A 346 -28.27 2.29 34.50
C TYR A 346 -28.91 0.91 34.36
N TYR A 347 -29.06 0.42 33.13
CA TYR A 347 -29.61 -0.92 32.93
C TYR A 347 -28.69 -1.97 33.53
N ALA A 348 -27.38 -1.82 33.36
CA ALA A 348 -26.42 -2.78 33.88
C ALA A 348 -25.88 -2.42 35.25
N LYS A 349 -26.19 -1.22 35.77
CA LYS A 349 -25.84 -0.82 37.13
C LYS A 349 -24.33 -0.87 37.36
N MET A 350 -23.64 0.00 36.62
CA MET A 350 -22.19 0.10 36.71
C MET A 350 -21.78 1.57 36.53
N PRO A 351 -20.58 1.97 36.96
CA PRO A 351 -20.17 3.37 36.78
C PRO A 351 -20.16 3.77 35.32
N PHE A 352 -20.42 5.05 35.07
CA PHE A 352 -20.61 5.54 33.71
C PHE A 352 -19.42 5.19 32.82
N SER A 353 -18.20 5.38 33.32
CA SER A 353 -17.01 5.11 32.53
C SER A 353 -16.96 3.66 32.06
N GLY A 354 -17.67 2.76 32.73
CA GLY A 354 -17.74 1.37 32.32
C GLY A 354 -18.31 1.16 30.94
N VAL A 355 -18.93 2.19 30.35
CA VAL A 355 -19.39 2.07 28.98
C VAL A 355 -18.21 1.90 28.02
N MET A 356 -17.03 2.40 28.40
CA MET A 356 -15.89 2.40 27.51
C MET A 356 -15.35 0.99 27.24
N SER A 357 -15.80 -0.02 27.98
CA SER A 357 -15.29 -1.37 27.77
C SER A 357 -16.42 -2.39 27.82
N PRO A 358 -16.68 -3.11 26.73
CA PRO A 358 -17.75 -4.12 26.75
C PRO A 358 -17.51 -5.20 27.78
N ILE A 359 -16.26 -5.53 28.05
CA ILE A 359 -15.95 -6.52 29.08
C ILE A 359 -16.56 -6.07 30.41
N LYS A 360 -16.39 -4.79 30.74
CA LYS A 360 -16.87 -4.29 32.01
C LYS A 360 -18.38 -4.45 32.13
N THR A 361 -19.12 -3.99 31.11
CA THR A 361 -20.58 -4.01 31.21
C THR A 361 -21.12 -5.43 31.16
N TRP A 362 -20.52 -6.29 30.34
CA TRP A 362 -20.97 -7.68 30.34
C TRP A 362 -20.69 -8.35 31.67
N ASP A 363 -19.53 -8.09 32.27
CA ASP A 363 -19.23 -8.62 33.59
C ASP A 363 -20.27 -8.16 34.60
N ALA A 364 -20.59 -6.87 34.57
CA ALA A 364 -21.56 -6.34 35.52
C ALA A 364 -22.94 -6.96 35.33
N ILE A 365 -23.38 -7.09 34.08
CA ILE A 365 -24.74 -7.60 33.85
C ILE A 365 -24.82 -9.09 34.22
N ILE A 366 -23.76 -9.85 33.95
CA ILE A 366 -23.77 -11.25 34.34
C ILE A 366 -23.74 -11.38 35.86
N PHE A 367 -22.98 -10.50 36.54
CA PHE A 367 -22.99 -10.50 37.99
C PHE A 367 -24.40 -10.23 38.52
N ASN A 368 -25.08 -9.24 37.93
CA ASN A 368 -26.43 -8.92 38.36
C ASN A 368 -27.38 -10.10 38.14
N SER A 369 -27.29 -10.73 36.97
CA SER A 369 -28.17 -11.84 36.66
C SER A 369 -27.94 -13.01 37.61
N LEU A 370 -26.68 -13.33 37.90
CA LEU A 370 -26.41 -14.44 38.80
C LEU A 370 -26.80 -14.11 40.23
N LYS A 371 -26.69 -12.84 40.64
CA LYS A 371 -27.18 -12.45 41.95
C LYS A 371 -28.69 -12.58 42.03
N GLY A 372 -29.39 -12.30 40.92
CA GLY A 372 -30.83 -12.51 40.88
C GLY A 372 -31.25 -13.96 41.06
N GLU A 373 -30.44 -14.90 40.59
CA GLU A 373 -30.70 -16.32 40.77
C GLU A 373 -29.93 -16.91 41.94
N HIS A 374 -29.32 -16.07 42.77
CA HIS A 374 -28.65 -16.50 43.99
C HIS A 374 -27.54 -17.51 43.69
N LYS A 375 -26.54 -17.05 42.95
CA LYS A 375 -25.34 -17.82 42.67
C LYS A 375 -24.13 -16.99 43.05
N VAL A 376 -22.95 -17.57 42.88
CA VAL A 376 -21.69 -16.95 43.28
C VAL A 376 -20.81 -16.75 42.05
N ILE A 377 -20.34 -15.52 41.87
CA ILE A 377 -19.51 -15.19 40.71
C ILE A 377 -18.08 -15.67 40.97
N PRO A 378 -17.48 -16.42 40.05
CA PRO A 378 -16.09 -16.86 40.24
C PRO A 378 -15.10 -15.72 40.08
N GLN A 379 -13.95 -15.90 40.72
CA GLN A 379 -12.87 -14.93 40.61
C GLN A 379 -12.18 -15.06 39.25
N GLN A 380 -11.38 -14.06 38.92
CA GLN A 380 -10.71 -14.01 37.62
C GLN A 380 -9.36 -14.71 37.72
N GLY A 381 -9.08 -15.57 36.74
CA GLY A 381 -7.83 -16.29 36.68
C GLY A 381 -6.92 -15.76 35.59
N SER A 382 -5.62 -15.87 35.82
CA SER A 382 -4.64 -15.40 34.84
C SER A 382 -4.63 -16.29 33.61
N HIS A 383 -4.32 -15.68 32.47
CA HIS A 383 -4.24 -16.40 31.20
C HIS A 383 -3.20 -15.71 30.32
N VAL A 384 -3.08 -16.21 29.08
CA VAL A 384 -2.17 -15.64 28.09
C VAL A 384 -2.92 -15.49 26.77
N LYS A 385 -2.73 -14.35 26.12
CA LYS A 385 -3.44 -14.07 24.87
C LYS A 385 -2.97 -15.02 23.78
N GLN A 386 -3.92 -15.64 23.09
CA GLN A 386 -3.63 -16.58 22.01
C GLN A 386 -4.58 -16.33 20.86
N SER A 387 -4.03 -16.30 19.65
CA SER A 387 -4.83 -15.98 18.46
C SER A 387 -5.46 -17.24 17.92
N PHE A 388 -6.72 -17.47 18.26
CA PHE A 388 -7.47 -18.57 17.70
C PHE A 388 -7.82 -18.27 16.24
N PRO A 389 -8.13 -19.29 15.45
CA PRO A 389 -8.57 -19.04 14.07
C PRO A 389 -9.85 -18.21 14.03
N GLY A 390 -9.94 -17.36 13.03
CA GLY A 390 -11.02 -16.41 12.88
C GLY A 390 -12.12 -16.90 11.97
N ALA A 391 -12.64 -15.97 11.16
CA ALA A 391 -13.78 -16.25 10.31
C ALA A 391 -13.32 -16.64 8.91
N PHE A 392 -13.84 -17.76 8.41
CA PHE A 392 -13.52 -18.19 7.06
C PHE A 392 -14.15 -17.27 6.04
N VAL A 393 -13.42 -17.00 4.96
CA VAL A 393 -13.89 -16.11 3.89
C VAL A 393 -13.71 -16.83 2.56
N PHE A 394 -14.74 -16.79 1.73
CA PHE A 394 -14.64 -17.33 0.39
C PHE A 394 -13.68 -16.52 -0.46
N GLU A 395 -13.27 -17.11 -1.57
CA GLU A 395 -12.50 -16.38 -2.58
C GLU A 395 -13.34 -16.27 -3.85
N PRO A 396 -13.97 -15.13 -4.10
CA PRO A 396 -14.78 -15.00 -5.31
C PRO A 396 -13.91 -15.02 -6.56
N LYS A 397 -14.51 -15.51 -7.62
CA LYS A 397 -13.86 -15.43 -8.92
C LYS A 397 -14.05 -14.04 -9.49
N PRO A 398 -12.98 -13.28 -9.71
CA PRO A 398 -13.15 -11.88 -10.12
C PRO A 398 -13.76 -11.74 -11.50
N ILE A 399 -14.90 -12.39 -11.69
CA ILE A 399 -15.67 -12.31 -12.92
C ILE A 399 -16.99 -11.64 -12.60
N ALA A 400 -17.40 -10.71 -13.46
CA ALA A 400 -18.66 -10.00 -13.25
C ALA A 400 -19.84 -10.95 -13.32
N ARG A 401 -20.51 -11.17 -12.19
CA ARG A 401 -21.68 -12.03 -12.13
C ARG A 401 -22.93 -11.19 -12.28
N ARG A 402 -23.76 -11.55 -13.27
CA ARG A 402 -24.93 -10.73 -13.56
C ARG A 402 -25.97 -10.84 -12.45
N TYR A 403 -26.47 -12.03 -12.18
CA TYR A 403 -27.52 -12.25 -11.20
C TYR A 403 -26.92 -12.84 -9.95
N ILE A 404 -27.01 -12.10 -8.84
CA ILE A 404 -26.55 -12.55 -7.53
C ILE A 404 -27.70 -12.48 -6.56
N MET A 405 -27.89 -13.55 -5.79
CA MET A 405 -28.81 -13.57 -4.68
C MET A 405 -28.03 -13.63 -3.38
N SER A 406 -28.35 -12.76 -2.45
CA SER A 406 -27.69 -12.73 -1.16
C SER A 406 -28.55 -13.43 -0.12
N PHE A 407 -27.89 -14.17 0.77
CA PHE A 407 -28.57 -14.78 1.90
C PHE A 407 -27.71 -14.57 3.13
N ASP A 408 -28.34 -14.53 4.30
CA ASP A 408 -27.58 -14.23 5.49
C ASP A 408 -28.22 -14.86 6.71
N LEU A 409 -27.39 -15.04 7.73
CA LEU A 409 -27.82 -15.38 9.07
C LEU A 409 -28.01 -14.10 9.87
N THR A 410 -28.98 -14.12 10.78
CA THR A 410 -29.27 -12.97 11.63
C THR A 410 -28.62 -13.19 12.97
N SER A 411 -27.67 -12.31 13.32
CA SER A 411 -26.96 -12.35 14.60
C SER A 411 -26.36 -13.75 14.82
N LEU A 412 -25.38 -14.06 13.97
CA LEU A 412 -24.83 -15.41 13.94
C LEU A 412 -24.26 -15.83 15.28
N TYR A 413 -23.36 -15.03 15.85
CA TYR A 413 -22.65 -15.46 17.05
C TYR A 413 -23.56 -15.74 18.24
N PRO A 414 -24.49 -14.86 18.61
CA PRO A 414 -25.40 -15.22 19.71
C PRO A 414 -26.24 -16.44 19.39
N SER A 415 -26.65 -16.61 18.14
CA SER A 415 -27.42 -17.79 17.77
C SER A 415 -26.59 -19.06 17.96
N ILE A 416 -25.31 -18.99 17.62
CA ILE A 416 -24.40 -20.11 17.87
C ILE A 416 -24.28 -20.36 19.36
N ILE A 417 -24.10 -19.30 20.13
CA ILE A 417 -23.92 -19.44 21.57
C ILE A 417 -25.12 -20.16 22.19
N ARG A 418 -26.33 -19.70 21.85
CA ARG A 418 -27.52 -20.28 22.44
C ARG A 418 -27.79 -21.68 21.90
N GLN A 419 -27.60 -21.88 20.59
CA GLN A 419 -27.90 -23.16 19.97
C GLN A 419 -26.98 -24.25 20.49
N VAL A 420 -25.68 -23.96 20.60
CA VAL A 420 -24.72 -24.96 21.05
C VAL A 420 -24.69 -25.09 22.57
N ASN A 421 -25.34 -24.17 23.29
CA ASN A 421 -25.40 -24.20 24.75
C ASN A 421 -23.99 -24.25 25.34
N ILE A 422 -23.24 -23.19 25.10
CA ILE A 422 -21.84 -23.12 25.52
C ILE A 422 -21.71 -22.11 26.65
N SER A 423 -20.78 -22.40 27.56
CA SER A 423 -20.57 -21.65 28.79
C SER A 423 -19.32 -22.20 29.47
N PRO A 424 -18.61 -21.40 30.27
CA PRO A 424 -17.41 -21.92 30.93
C PRO A 424 -17.68 -23.09 31.86
N GLU A 425 -18.92 -23.25 32.33
CA GLU A 425 -19.26 -24.35 33.23
C GLU A 425 -19.77 -25.59 32.51
N THR A 426 -20.37 -25.43 31.34
CA THR A 426 -20.99 -26.57 30.65
C THR A 426 -19.97 -27.50 30.02
N ILE A 427 -18.68 -27.21 30.18
CA ILE A 427 -17.61 -28.03 29.53
C ILE A 427 -17.68 -29.47 30.06
N ARG A 428 -17.72 -30.45 29.15
CA ARG A 428 -17.75 -31.88 29.57
C ARG A 428 -16.49 -32.60 29.09
N GLY A 429 -15.99 -32.29 27.89
CA GLY A 429 -14.74 -32.90 27.42
C GLY A 429 -14.50 -32.74 25.93
N GLU A 430 -13.51 -33.45 25.39
CA GLU A 430 -13.16 -33.34 23.95
C GLU A 430 -13.44 -34.68 23.25
N PHE A 431 -13.75 -34.64 21.96
CA PHE A 431 -14.01 -35.88 21.18
C PHE A 431 -12.89 -36.09 20.16
N GLU A 432 -12.77 -37.30 19.62
CA GLU A 432 -11.75 -37.56 18.58
C GLU A 432 -12.02 -36.63 17.40
N VAL A 433 -11.15 -35.63 17.19
CA VAL A 433 -11.39 -34.63 16.11
C VAL A 433 -11.18 -35.30 14.75
N HIS A 434 -12.09 -35.06 13.80
CA HIS A 434 -11.90 -35.59 12.43
C HIS A 434 -11.44 -34.43 11.53
N PRO A 435 -10.83 -34.68 10.36
CA PRO A 435 -10.48 -33.59 9.44
C PRO A 435 -11.70 -32.78 9.09
N ILE A 436 -11.50 -31.46 8.93
CA ILE A 436 -12.63 -30.55 8.74
C ILE A 436 -13.38 -30.88 7.47
N HIS A 437 -12.66 -31.20 6.39
CA HIS A 437 -13.31 -31.48 5.11
C HIS A 437 -14.24 -32.69 5.21
N GLU A 438 -14.06 -33.57 6.19
CA GLU A 438 -15.06 -34.58 6.45
C GLU A 438 -16.36 -33.95 6.93
N TYR A 439 -16.27 -33.02 7.89
CA TYR A 439 -17.46 -32.39 8.41
C TYR A 439 -18.16 -31.56 7.34
N ILE A 440 -17.40 -30.83 6.53
CA ILE A 440 -18.02 -29.97 5.53
C ILE A 440 -18.82 -30.78 4.53
N ALA A 441 -18.45 -32.05 4.33
CA ALA A 441 -19.17 -32.94 3.44
C ALA A 441 -20.14 -33.85 4.18
N GLY A 442 -20.29 -33.67 5.49
CA GLY A 442 -21.19 -34.52 6.26
C GLY A 442 -20.81 -35.98 6.24
N THR A 443 -19.51 -36.28 6.20
CA THR A 443 -19.03 -37.65 6.14
C THR A 443 -18.48 -38.14 7.47
N ALA A 444 -17.93 -37.25 8.28
CA ALA A 444 -17.43 -37.65 9.58
C ALA A 444 -18.59 -38.15 10.45
N PRO A 445 -18.39 -39.17 11.27
CA PRO A 445 -19.49 -39.70 12.09
C PRO A 445 -19.87 -38.77 13.22
N LYS A 446 -20.91 -39.11 13.96
CA LYS A 446 -21.33 -38.29 15.08
C LYS A 446 -20.29 -38.36 16.19
N PRO A 447 -19.70 -37.23 16.60
CA PRO A 447 -18.74 -37.28 17.71
C PRO A 447 -19.34 -37.77 19.01
N SER A 448 -20.58 -37.40 19.29
CA SER A 448 -21.26 -37.84 20.50
C SER A 448 -22.76 -37.64 20.32
N ASP A 449 -23.52 -38.38 21.12
CA ASP A 449 -24.97 -38.26 21.14
C ASP A 449 -25.52 -37.88 22.50
N GLU A 450 -24.66 -37.67 23.49
CA GLU A 450 -25.10 -37.31 24.84
C GLU A 450 -24.78 -35.88 25.22
N TYR A 451 -23.83 -35.24 24.53
CA TYR A 451 -23.45 -33.87 24.82
C TYR A 451 -23.39 -33.09 23.52
N SER A 452 -23.71 -31.80 23.60
CA SER A 452 -23.69 -30.94 22.43
C SER A 452 -22.25 -30.73 21.99
N CYS A 453 -21.95 -31.05 20.74
CA CYS A 453 -20.58 -31.06 20.27
C CYS A 453 -20.28 -29.81 19.44
N SER A 454 -18.97 -29.56 19.28
CA SER A 454 -18.46 -28.44 18.54
C SER A 454 -17.27 -28.92 17.72
N PRO A 455 -17.23 -28.58 16.42
CA PRO A 455 -16.22 -29.13 15.50
C PRO A 455 -14.82 -28.64 15.80
N ASN A 456 -14.67 -27.78 16.80
CA ASN A 456 -13.34 -27.59 17.38
C ASN A 456 -12.91 -28.82 18.17
N GLY A 457 -13.82 -29.76 18.39
CA GLY A 457 -13.52 -31.01 19.02
C GLY A 457 -13.91 -31.08 20.49
N TRP A 458 -15.11 -30.62 20.83
CA TRP A 458 -15.52 -30.62 22.23
C TRP A 458 -16.97 -31.06 22.38
N MET A 459 -17.30 -31.58 23.56
CA MET A 459 -18.68 -31.90 23.93
C MET A 459 -18.98 -31.21 25.26
N TYR A 460 -20.11 -30.52 25.31
CA TYR A 460 -20.55 -29.75 26.47
C TYR A 460 -21.94 -30.20 26.89
N ASP A 461 -22.30 -29.87 28.12
CA ASP A 461 -23.49 -30.45 28.73
C ASP A 461 -24.74 -30.17 27.91
N LYS A 462 -25.58 -31.19 27.80
CA LYS A 462 -26.86 -31.12 27.12
C LYS A 462 -27.96 -30.75 28.12
N HIS A 463 -29.18 -30.60 27.61
CA HIS A 463 -30.37 -30.35 28.41
C HIS A 463 -30.28 -29.06 29.20
N GLN A 464 -29.32 -28.98 30.13
CA GLN A 464 -29.18 -27.80 30.98
C GLN A 464 -28.86 -26.57 30.13
N GLU A 465 -29.59 -25.49 30.37
CA GLU A 465 -29.29 -24.23 29.72
C GLU A 465 -27.98 -23.66 30.23
N GLY A 466 -27.27 -22.97 29.34
CA GLY A 466 -26.10 -22.21 29.73
C GLY A 466 -26.50 -20.81 30.18
N ILE A 467 -25.72 -20.28 31.13
CA ILE A 467 -26.03 -18.97 31.68
C ILE A 467 -25.94 -17.90 30.60
N ILE A 468 -24.89 -17.94 29.79
CA ILE A 468 -24.77 -17.00 28.68
C ILE A 468 -25.92 -17.16 27.70
N PRO A 469 -26.33 -18.37 27.28
CA PRO A 469 -27.58 -18.48 26.52
C PRO A 469 -28.79 -17.94 27.26
N LYS A 470 -28.86 -18.10 28.59
CA LYS A 470 -29.97 -17.52 29.34
C LYS A 470 -30.04 -16.02 29.12
N GLU A 471 -28.92 -15.34 29.33
CA GLU A 471 -28.90 -13.89 29.17
C GLU A 471 -29.12 -13.48 27.72
N ILE A 472 -28.66 -14.30 26.78
CA ILE A 472 -28.92 -14.02 25.37
C ILE A 472 -30.40 -14.07 25.08
N ALA A 473 -31.09 -15.08 25.62
CA ALA A 473 -32.54 -15.15 25.47
C ALA A 473 -33.21 -13.96 26.11
N LYS A 474 -32.72 -13.56 27.30
CA LYS A 474 -33.30 -12.40 27.97
C LYS A 474 -33.18 -11.15 27.11
N VAL A 475 -31.99 -10.88 26.58
CA VAL A 475 -31.78 -9.66 25.82
C VAL A 475 -32.52 -9.72 24.49
N PHE A 476 -32.59 -10.89 23.87
CA PHE A 476 -33.36 -11.01 22.63
C PHE A 476 -34.85 -10.76 22.88
N PHE A 477 -35.38 -11.31 23.96
CA PHE A 477 -36.79 -11.11 24.29
C PHE A 477 -37.06 -9.65 24.57
N GLN A 478 -36.18 -8.99 25.32
CA GLN A 478 -36.35 -7.56 25.58
C GLN A 478 -36.26 -6.77 24.28
N ARG A 479 -35.35 -7.16 23.39
CA ARG A 479 -35.19 -6.46 22.12
C ARG A 479 -36.45 -6.55 21.28
N LYS A 480 -37.02 -7.75 21.15
CA LYS A 480 -38.23 -7.89 20.35
C LYS A 480 -39.42 -7.21 21.00
N ASP A 481 -39.50 -7.24 22.34
CA ASP A 481 -40.57 -6.52 23.02
C ASP A 481 -40.46 -5.01 22.78
N TRP A 482 -39.24 -4.48 22.87
CA TRP A 482 -39.06 -3.05 22.61
C TRP A 482 -39.38 -2.69 21.18
N LYS A 483 -39.03 -3.58 20.23
CA LYS A 483 -39.36 -3.28 18.84
C LYS A 483 -40.87 -3.34 18.59
N LYS A 484 -41.59 -4.24 19.27
CA LYS A 484 -43.04 -4.25 19.13
C LYS A 484 -43.64 -3.00 19.74
N LYS A 485 -43.07 -2.51 20.86
CA LYS A 485 -43.50 -1.24 21.41
C LYS A 485 -43.26 -0.10 20.43
N MET A 486 -42.10 -0.13 19.76
CA MET A 486 -41.79 0.88 18.76
C MET A 486 -42.81 0.86 17.63
N PHE A 487 -43.14 -0.33 17.14
CA PHE A 487 -44.11 -0.43 16.07
C PHE A 487 -45.47 0.09 16.50
N ALA A 488 -45.88 -0.25 17.73
CA ALA A 488 -47.16 0.23 18.24
C ALA A 488 -47.18 1.75 18.31
N GLU A 489 -46.10 2.35 18.81
CA GLU A 489 -46.05 3.80 18.91
C GLU A 489 -46.03 4.45 17.53
N GLU A 490 -45.33 3.84 16.58
CA GLU A 490 -45.33 4.36 15.22
C GLU A 490 -46.74 4.35 14.63
N MET A 491 -47.46 3.25 14.83
CA MET A 491 -48.84 3.19 14.34
C MET A 491 -49.72 4.22 15.02
N ASN A 492 -49.53 4.42 16.33
CA ASN A 492 -50.31 5.42 17.05
C ASN A 492 -50.05 6.82 16.49
N ALA A 493 -48.77 7.13 16.26
CA ALA A 493 -48.42 8.44 15.73
C ALA A 493 -49.00 8.65 14.34
N GLU A 494 -48.90 7.64 13.49
CA GLU A 494 -49.45 7.76 12.14
C GLU A 494 -50.97 7.94 12.18
N ALA A 495 -51.65 7.20 13.07
CA ALA A 495 -53.09 7.34 13.20
C ALA A 495 -53.47 8.74 13.68
N ILE A 496 -52.74 9.27 14.65
CA ILE A 496 -53.03 10.61 15.13
C ILE A 496 -52.79 11.64 14.03
N LYS A 497 -51.72 11.45 13.25
CA LYS A 497 -51.43 12.38 12.16
C LYS A 497 -52.56 12.36 11.12
N LYS A 498 -53.02 11.17 10.75
CA LYS A 498 -54.08 11.09 9.75
C LYS A 498 -55.40 11.63 10.31
N ILE A 499 -55.65 11.46 11.60
CA ILE A 499 -56.83 12.05 12.22
C ILE A 499 -56.75 13.58 12.14
N ILE A 500 -55.59 14.14 12.48
CA ILE A 500 -55.43 15.59 12.48
C ILE A 500 -55.60 16.14 11.08
N MET A 501 -54.97 15.52 10.09
CA MET A 501 -55.12 16.01 8.71
C MET A 501 -56.54 15.79 8.20
N LYS A 502 -57.26 14.80 8.72
CA LYS A 502 -58.67 14.68 8.38
C LYS A 502 -59.54 15.68 9.13
N GLY A 503 -59.17 16.02 10.36
CA GLY A 503 -59.95 16.96 11.15
C GLY A 503 -59.83 16.75 12.65
N ALA A 504 -59.71 17.84 13.39
CA ALA A 504 -59.58 17.82 14.84
C ALA A 504 -60.89 18.23 15.51
N GLY A 505 -60.96 17.94 16.81
CA GLY A 505 -62.12 18.26 17.63
C GLY A 505 -61.92 19.54 18.42
N SER A 506 -62.67 19.67 19.51
CA SER A 506 -62.65 20.88 20.33
C SER A 506 -62.66 20.54 21.82
N CYS A 507 -61.85 19.58 22.23
CA CYS A 507 -61.65 19.26 23.64
C CYS A 507 -60.24 19.70 24.03
N SER A 508 -60.16 20.60 25.01
CA SER A 508 -58.90 21.21 25.40
C SER A 508 -58.28 20.59 26.64
N THR A 509 -58.87 19.50 27.16
CA THR A 509 -58.35 18.81 28.33
C THR A 509 -57.53 17.60 27.90
N LYS A 510 -56.26 17.57 28.31
CA LYS A 510 -55.37 16.50 27.90
C LYS A 510 -55.64 15.25 28.73
N PRO A 511 -56.01 14.13 28.11
CA PRO A 511 -56.27 12.90 28.86
C PRO A 511 -54.99 12.12 29.12
N GLU A 512 -55.14 11.05 29.89
CA GLU A 512 -54.02 10.17 30.20
C GLU A 512 -53.84 9.14 29.09
N VAL A 513 -52.58 8.95 28.69
CA VAL A 513 -52.22 7.99 27.66
C VAL A 513 -51.18 7.04 28.22
N GLU A 514 -51.46 5.74 28.12
CA GLU A 514 -50.51 4.72 28.57
C GLU A 514 -49.35 4.64 27.59
N ARG A 515 -48.14 4.65 28.13
CA ARG A 515 -46.95 4.61 27.29
C ARG A 515 -46.73 3.21 26.73
N TYR A 516 -46.07 3.15 25.57
CA TYR A 516 -45.57 1.91 24.98
C TYR A 516 -46.69 0.93 24.64
N VAL A 517 -47.88 1.43 24.32
CA VAL A 517 -48.99 0.59 23.91
C VAL A 517 -49.63 1.17 22.65
N LYS A 518 -50.27 0.29 21.89
CA LYS A 518 -50.94 0.69 20.66
C LYS A 518 -52.33 1.23 20.99
N PHE A 519 -52.71 2.31 20.31
CA PHE A 519 -54.02 2.91 20.54
C PHE A 519 -55.10 2.10 19.83
N SER A 520 -56.22 1.92 20.51
CA SER A 520 -57.36 1.26 19.89
C SER A 520 -58.11 2.23 18.99
N ASP A 521 -58.92 1.66 18.09
CA ASP A 521 -59.69 2.50 17.16
C ASP A 521 -60.69 3.37 17.92
N ASP A 522 -61.31 2.84 18.97
CA ASP A 522 -62.17 3.67 19.81
C ASP A 522 -61.37 4.78 20.48
N PHE A 523 -60.15 4.46 20.92
CA PHE A 523 -59.29 5.48 21.50
C PHE A 523 -58.96 6.56 20.47
N LEU A 524 -58.69 6.16 19.23
CA LEU A 524 -58.42 7.13 18.18
C LEU A 524 -59.64 8.01 17.90
N ASN A 525 -60.82 7.41 17.86
CA ASN A 525 -62.03 8.18 17.65
C ASN A 525 -62.27 9.17 18.78
N GLU A 526 -61.99 8.76 20.01
CA GLU A 526 -62.07 9.67 21.14
C GLU A 526 -61.07 10.81 20.99
N LEU A 527 -59.83 10.49 20.62
CA LEU A 527 -58.80 11.51 20.49
C LEU A 527 -59.09 12.46 19.34
N SER A 528 -59.89 12.03 18.37
CA SER A 528 -60.26 12.90 17.26
C SER A 528 -61.11 14.08 17.69
N ASN A 529 -61.64 14.07 18.92
CA ASN A 529 -62.52 15.12 19.41
C ASN A 529 -61.81 16.16 20.27
N TYR A 530 -60.49 16.12 20.32
CA TYR A 530 -59.71 17.04 21.14
C TYR A 530 -59.18 18.21 20.31
N THR A 531 -58.73 19.25 21.01
CA THR A 531 -58.14 20.40 20.36
C THR A 531 -56.77 20.06 19.78
N GLU A 532 -56.26 20.97 18.94
CA GLU A 532 -54.99 20.72 18.28
C GLU A 532 -53.84 20.68 19.28
N SER A 533 -53.91 21.51 20.33
CA SER A 533 -52.83 21.53 21.33
C SER A 533 -52.72 20.19 22.04
N VAL A 534 -53.84 19.60 22.44
CA VAL A 534 -53.82 18.29 23.10
C VAL A 534 -53.27 17.23 22.15
N LEU A 535 -53.68 17.29 20.88
CA LEU A 535 -53.19 16.33 19.90
C LEU A 535 -51.68 16.45 19.71
N ASN A 536 -51.16 17.67 19.64
CA ASN A 536 -49.73 17.87 19.50
C ASN A 536 -48.98 17.39 20.75
N SER A 537 -49.56 17.62 21.93
CA SER A 537 -48.93 17.14 23.16
C SER A 537 -48.86 15.61 23.16
N LEU A 538 -49.95 14.95 22.74
CA LEU A 538 -49.92 13.50 22.65
C LEU A 538 -48.90 13.04 21.61
N ILE A 539 -48.80 13.75 20.50
CA ILE A 539 -47.85 13.39 19.46
C ILE A 539 -46.43 13.45 19.99
N GLU A 540 -46.09 14.55 20.70
CA GLU A 540 -44.73 14.70 21.19
C GLU A 540 -44.43 13.69 22.30
N GLU A 541 -45.43 13.38 23.12
CA GLU A 541 -45.23 12.33 24.14
C GLU A 541 -44.95 10.99 23.48
N CYS A 542 -45.71 10.66 22.43
CA CYS A 542 -45.46 9.42 21.70
C CYS A 542 -44.09 9.41 21.06
N GLU A 543 -43.66 10.55 20.51
CA GLU A 543 -42.34 10.63 19.91
C GLU A 543 -41.25 10.42 20.94
N LYS A 544 -41.39 11.00 22.12
CA LYS A 544 -40.38 10.81 23.16
C LYS A 544 -40.36 9.36 23.64
N ALA A 545 -41.52 8.73 23.74
CA ALA A 545 -41.57 7.31 24.07
C ALA A 545 -40.88 6.47 23.01
N ALA A 546 -41.11 6.81 21.74
CA ALA A 546 -40.46 6.08 20.65
C ALA A 546 -38.95 6.26 20.71
N THR A 547 -38.48 7.46 21.03
CA THR A 547 -37.05 7.69 21.14
C THR A 547 -36.45 6.86 22.27
N LEU A 548 -37.14 6.80 23.41
CA LEU A 548 -36.64 5.97 24.51
C LEU A 548 -36.60 4.50 24.13
N ALA A 549 -37.63 4.03 23.41
CA ALA A 549 -37.65 2.64 22.96
C ALA A 549 -36.50 2.38 21.98
N ASN A 550 -36.24 3.33 21.08
CA ASN A 550 -35.12 3.18 20.15
C ASN A 550 -33.80 3.12 20.90
N THR A 551 -33.64 3.96 21.92
CA THR A 551 -32.43 3.90 22.72
C THR A 551 -32.27 2.54 23.39
N ASN A 552 -33.35 2.01 23.96
CA ASN A 552 -33.28 0.70 24.60
C ASN A 552 -32.90 -0.39 23.60
N GLN A 553 -33.57 -0.41 22.44
CA GLN A 553 -33.32 -1.47 21.49
C GLN A 553 -31.91 -1.37 20.92
N LEU A 554 -31.43 -0.16 20.66
CA LEU A 554 -30.07 -0.01 20.15
C LEU A 554 -29.03 -0.37 21.20
N ASN A 555 -29.31 -0.09 22.47
CA ASN A 555 -28.40 -0.53 23.53
C ASN A 555 -28.34 -2.04 23.58
N ARG A 556 -29.50 -2.70 23.47
CA ARG A 556 -29.49 -4.16 23.43
C ARG A 556 -28.72 -4.68 22.22
N LYS A 557 -28.88 -4.02 21.08
CA LYS A 557 -28.17 -4.43 19.87
C LYS A 557 -26.66 -4.29 20.07
N ILE A 558 -26.22 -3.19 20.67
CA ILE A 558 -24.80 -3.02 20.95
C ILE A 558 -24.32 -4.11 21.89
N LEU A 559 -25.10 -4.42 22.93
CA LEU A 559 -24.70 -5.46 23.87
C LEU A 559 -24.51 -6.79 23.17
N ILE A 560 -25.48 -7.20 22.36
CA ILE A 560 -25.40 -8.52 21.72
C ILE A 560 -24.27 -8.55 20.72
N ASN A 561 -24.12 -7.50 19.91
CA ASN A 561 -23.03 -7.47 18.94
C ASN A 561 -21.67 -7.39 19.61
N SER A 562 -21.61 -6.91 20.85
CA SER A 562 -20.34 -6.80 21.54
C SER A 562 -20.01 -8.02 22.39
N LEU A 563 -21.00 -8.86 22.69
CA LEU A 563 -20.73 -10.02 23.52
C LEU A 563 -19.67 -10.93 22.90
N TYR A 564 -19.64 -11.06 21.58
CA TYR A 564 -18.66 -11.91 20.93
C TYR A 564 -17.24 -11.39 21.19
N GLY A 565 -17.03 -10.09 21.02
CA GLY A 565 -15.75 -9.53 21.39
C GLY A 565 -15.48 -9.59 22.87
N ALA A 566 -16.54 -9.68 23.68
CA ALA A 566 -16.35 -9.79 25.12
C ALA A 566 -15.85 -11.16 25.53
N LEU A 567 -16.38 -12.22 24.90
CA LEU A 567 -16.08 -13.57 25.37
C LEU A 567 -14.61 -13.92 25.18
N GLY A 568 -14.03 -13.57 24.04
CA GLY A 568 -12.64 -13.88 23.82
C GLY A 568 -11.71 -12.75 24.20
N ASN A 569 -11.19 -12.80 25.42
CA ASN A 569 -10.27 -11.81 25.96
C ASN A 569 -9.72 -12.33 27.28
N ILE A 570 -8.41 -12.14 27.48
CA ILE A 570 -7.78 -12.67 28.69
C ILE A 570 -8.38 -12.02 29.93
N HIS A 571 -8.59 -10.71 29.90
CA HIS A 571 -9.08 -10.00 31.06
C HIS A 571 -10.52 -10.29 31.38
N PHE A 572 -11.26 -10.95 30.49
CA PHE A 572 -12.66 -11.23 30.74
C PHE A 572 -12.81 -12.24 31.87
N ARG A 573 -13.90 -12.08 32.63
CA ARG A 573 -14.09 -12.89 33.82
C ARG A 573 -14.47 -14.33 33.46
N TYR A 574 -15.39 -14.51 32.52
CA TYR A 574 -15.80 -15.83 32.06
C TYR A 574 -15.07 -16.24 30.79
N TYR A 575 -13.82 -15.79 30.64
CA TYR A 575 -13.04 -16.11 29.46
C TYR A 575 -12.77 -17.61 29.39
N ASP A 576 -12.90 -18.17 28.18
CA ASP A 576 -12.61 -19.57 27.97
C ASP A 576 -12.21 -19.74 26.51
N LEU A 577 -10.90 -19.85 26.26
CA LEU A 577 -10.39 -19.92 24.89
C LEU A 577 -11.07 -21.02 24.10
N ARG A 578 -11.31 -22.17 24.76
CA ARG A 578 -11.98 -23.27 24.07
C ARG A 578 -13.37 -22.87 23.62
N ASN A 579 -14.07 -22.07 24.41
CA ASN A 579 -15.44 -21.68 24.04
C ASN A 579 -15.44 -20.80 22.79
N ALA A 580 -14.61 -19.76 22.78
CA ALA A 580 -14.58 -18.86 21.64
C ALA A 580 -14.08 -19.57 20.39
N THR A 581 -13.06 -20.42 20.55
CA THR A 581 -12.61 -21.20 19.41
C THR A 581 -13.72 -22.11 18.90
N ALA A 582 -14.49 -22.69 19.82
CA ALA A 582 -15.65 -23.47 19.41
C ALA A 582 -16.61 -22.63 18.59
N ILE A 583 -16.88 -21.41 19.04
CA ILE A 583 -17.84 -20.57 18.35
C ILE A 583 -17.38 -20.26 16.94
N THR A 584 -16.13 -19.78 16.80
CA THR A 584 -15.65 -19.40 15.47
C THR A 584 -15.53 -20.62 14.56
N ILE A 585 -15.04 -21.74 15.10
CA ILE A 585 -14.89 -22.94 14.29
C ILE A 585 -16.25 -23.44 13.82
N PHE A 586 -17.24 -23.43 14.73
CA PHE A 586 -18.58 -23.83 14.32
C PHE A 586 -19.14 -22.90 13.27
N GLY A 587 -18.84 -21.61 13.37
CA GLY A 587 -19.28 -20.69 12.34
C GLY A 587 -18.71 -21.04 10.98
N GLN A 588 -17.40 -21.31 10.95
CA GLN A 588 -16.77 -21.70 9.69
C GLN A 588 -17.38 -22.99 9.15
N VAL A 589 -17.57 -23.97 10.04
CA VAL A 589 -18.12 -25.25 9.62
C VAL A 589 -19.51 -25.06 9.03
N GLY A 590 -20.34 -24.28 9.72
CA GLY A 590 -21.70 -24.07 9.24
C GLY A 590 -21.73 -23.36 7.90
N ILE A 591 -20.91 -22.32 7.74
CA ILE A 591 -20.97 -21.58 6.49
C ILE A 591 -20.46 -22.43 5.33
N GLN A 592 -19.38 -23.20 5.54
CA GLN A 592 -18.90 -24.05 4.46
C GLN A 592 -19.88 -25.17 4.17
N TRP A 593 -20.52 -25.72 5.21
CA TRP A 593 -21.53 -26.74 5.02
C TRP A 593 -22.66 -26.22 4.15
N ILE A 594 -23.22 -25.07 4.51
CA ILE A 594 -24.33 -24.55 3.72
C ILE A 594 -23.84 -24.16 2.33
N ALA A 595 -22.57 -23.78 2.20
CA ALA A 595 -22.03 -23.49 0.88
C ALA A 595 -22.08 -24.72 -0.01
N ARG A 596 -21.60 -25.85 0.49
CA ARG A 596 -21.65 -27.09 -0.26
C ARG A 596 -23.08 -27.49 -0.56
N LYS A 597 -23.98 -27.35 0.40
CA LYS A 597 -25.37 -27.71 0.19
C LYS A 597 -26.02 -26.83 -0.89
N ILE A 598 -25.72 -25.54 -0.86
CA ILE A 598 -26.26 -24.63 -1.87
C ILE A 598 -25.76 -25.00 -3.25
N ASN A 599 -24.46 -25.28 -3.37
CA ASN A 599 -23.93 -25.69 -4.66
C ASN A 599 -24.61 -26.97 -5.14
N GLU A 600 -24.81 -27.92 -4.23
CA GLU A 600 -25.47 -29.17 -4.60
C GLU A 600 -26.88 -28.91 -5.11
N TYR A 601 -27.67 -28.14 -4.36
CA TYR A 601 -29.06 -27.89 -4.76
C TYR A 601 -29.13 -27.12 -6.07
N LEU A 602 -28.22 -26.16 -6.26
CA LEU A 602 -28.25 -25.39 -7.49
C LEU A 602 -27.83 -26.22 -8.69
N ASN A 603 -26.87 -27.14 -8.51
CA ASN A 603 -26.55 -28.08 -9.57
C ASN A 603 -27.75 -28.97 -9.88
N LYS A 604 -28.48 -29.37 -8.84
CA LYS A 604 -29.67 -30.19 -9.05
C LYS A 604 -30.72 -29.45 -9.88
N VAL A 605 -31.06 -28.23 -9.47
CA VAL A 605 -32.14 -27.51 -10.14
C VAL A 605 -31.71 -27.08 -11.54
N CYS A 606 -30.50 -26.54 -11.67
CA CYS A 606 -30.03 -26.08 -12.97
C CYS A 606 -29.68 -27.24 -13.89
N GLY A 607 -29.40 -28.41 -13.33
CA GLY A 607 -29.10 -29.58 -14.13
C GLY A 607 -27.63 -29.78 -14.46
N THR A 608 -26.79 -28.80 -14.21
CA THR A 608 -25.36 -28.95 -14.48
C THR A 608 -24.71 -29.68 -13.30
N ASN A 609 -23.39 -29.84 -13.36
CA ASN A 609 -22.66 -30.57 -12.34
C ASN A 609 -21.42 -29.77 -11.92
N ASP A 610 -21.00 -30.00 -10.68
CA ASP A 610 -19.81 -29.40 -10.06
C ASP A 610 -19.65 -27.93 -10.40
N GLU A 611 -20.75 -27.20 -10.46
CA GLU A 611 -20.73 -25.77 -10.73
C GLU A 611 -20.79 -25.01 -9.41
N ASP A 612 -19.88 -24.05 -9.24
CA ASP A 612 -19.82 -23.27 -8.00
C ASP A 612 -20.76 -22.08 -8.15
N PHE A 613 -22.01 -22.29 -7.74
CA PHE A 613 -23.00 -21.22 -7.80
C PHE A 613 -22.80 -20.19 -6.71
N ILE A 614 -22.21 -20.59 -5.58
CA ILE A 614 -21.98 -19.69 -4.47
C ILE A 614 -20.92 -18.66 -4.90
N ALA A 615 -21.36 -17.43 -5.16
CA ALA A 615 -20.43 -16.43 -5.65
C ALA A 615 -19.31 -16.19 -4.65
N ALA A 616 -19.66 -15.75 -3.46
CA ALA A 616 -18.68 -15.49 -2.41
C ALA A 616 -19.42 -15.28 -1.09
N GLY A 617 -18.71 -14.78 -0.10
CA GLY A 617 -19.31 -14.45 1.16
C GLY A 617 -18.32 -14.67 2.28
N ASP A 618 -18.80 -14.44 3.50
CA ASP A 618 -18.04 -14.78 4.69
C ASP A 618 -19.06 -15.12 5.77
N THR A 619 -18.61 -15.13 7.03
CA THR A 619 -19.48 -15.50 8.13
C THR A 619 -20.83 -14.81 8.03
N ASP A 620 -21.89 -15.57 8.27
CA ASP A 620 -23.28 -15.13 8.29
C ASP A 620 -23.72 -14.43 7.01
N SER A 621 -23.02 -14.62 5.90
CA SER A 621 -23.44 -13.98 4.66
C SER A 621 -22.87 -14.74 3.47
N VAL A 622 -23.75 -15.25 2.61
CA VAL A 622 -23.33 -15.97 1.41
C VAL A 622 -24.09 -15.42 0.21
N TYR A 623 -23.36 -14.98 -0.80
CA TYR A 623 -23.92 -14.52 -2.06
C TYR A 623 -23.70 -15.61 -3.10
N VAL A 624 -24.77 -16.01 -3.77
CA VAL A 624 -24.74 -17.05 -4.79
C VAL A 624 -25.07 -16.44 -6.13
N CYS A 625 -24.65 -17.11 -7.19
CA CYS A 625 -24.96 -16.67 -8.55
C CYS A 625 -26.04 -17.57 -9.13
N VAL A 626 -27.11 -16.97 -9.63
CA VAL A 626 -28.27 -17.75 -10.07
C VAL A 626 -28.67 -17.38 -11.49
N ASP A 627 -27.74 -16.79 -12.26
CA ASP A 627 -28.06 -16.42 -13.64
C ASP A 627 -28.47 -17.63 -14.46
N LYS A 628 -27.98 -18.82 -14.10
CA LYS A 628 -28.34 -20.02 -14.82
C LYS A 628 -29.84 -20.29 -14.73
N VAL A 629 -30.45 -19.98 -13.58
CA VAL A 629 -31.89 -20.14 -13.45
C VAL A 629 -32.61 -19.21 -14.41
N ILE A 630 -32.16 -17.97 -14.51
CA ILE A 630 -32.78 -17.02 -15.43
C ILE A 630 -32.66 -17.52 -16.86
N GLU A 631 -31.48 -18.03 -17.23
CA GLU A 631 -31.31 -18.61 -18.55
C GLU A 631 -32.26 -19.79 -18.76
N LYS A 632 -32.45 -20.60 -17.71
CA LYS A 632 -33.36 -21.74 -17.80
C LYS A 632 -34.78 -21.28 -18.06
N VAL A 633 -35.20 -20.18 -17.44
CA VAL A 633 -36.54 -19.67 -17.66
C VAL A 633 -36.57 -18.76 -18.88
N GLY A 634 -35.64 -17.82 -18.97
CA GLY A 634 -35.59 -16.91 -20.10
C GLY A 634 -36.01 -15.50 -19.77
N LEU A 635 -35.30 -14.52 -20.35
CA LEU A 635 -35.55 -13.11 -20.06
C LEU A 635 -36.68 -12.52 -20.91
N ASP A 636 -37.10 -13.20 -21.97
CA ASP A 636 -38.06 -12.61 -22.90
C ASP A 636 -39.44 -12.47 -22.28
N ARG A 637 -39.82 -13.39 -21.39
CA ARG A 637 -41.17 -13.41 -20.85
C ARG A 637 -41.49 -12.22 -19.96
N PHE A 638 -40.47 -11.48 -19.52
CA PHE A 638 -40.67 -10.36 -18.61
C PHE A 638 -40.88 -9.07 -19.40
N LYS A 639 -42.08 -8.51 -19.31
CA LYS A 639 -42.37 -7.27 -20.00
C LYS A 639 -41.61 -6.10 -19.39
N GLU A 640 -41.40 -6.11 -18.08
CA GLU A 640 -40.76 -5.01 -17.38
C GLU A 640 -39.75 -5.56 -16.38
N GLN A 641 -38.82 -4.69 -16.00
CA GLN A 641 -37.81 -5.06 -15.01
C GLN A 641 -38.46 -5.48 -13.69
N ASN A 642 -39.48 -4.74 -13.25
CA ASN A 642 -40.15 -5.08 -12.00
C ASN A 642 -40.75 -6.48 -12.06
N ASP A 643 -41.18 -6.91 -13.24
CA ASP A 643 -41.64 -8.29 -13.39
C ASP A 643 -40.54 -9.28 -13.02
N LEU A 644 -39.33 -9.04 -13.54
CA LEU A 644 -38.20 -9.90 -13.18
C LEU A 644 -37.89 -9.82 -11.70
N VAL A 645 -37.94 -8.61 -11.13
CA VAL A 645 -37.59 -8.44 -9.73
C VAL A 645 -38.56 -9.22 -8.85
N GLU A 646 -39.86 -9.08 -9.12
CA GLU A 646 -40.85 -9.80 -8.32
C GLU A 646 -40.79 -11.30 -8.56
N PHE A 647 -40.47 -11.72 -9.78
CA PHE A 647 -40.32 -13.15 -10.05
C PHE A 647 -39.19 -13.74 -9.23
N MET A 648 -38.03 -13.11 -9.25
CA MET A 648 -36.91 -13.63 -8.47
C MET A 648 -37.17 -13.49 -6.99
N ASN A 649 -37.94 -12.48 -6.58
CA ASN A 649 -38.35 -12.37 -5.18
C ASN A 649 -39.15 -13.59 -4.76
N GLN A 650 -40.18 -13.94 -5.55
CA GLN A 650 -40.98 -15.11 -5.23
C GLN A 650 -40.14 -16.37 -5.24
N PHE A 651 -39.23 -16.49 -6.22
CA PHE A 651 -38.37 -17.66 -6.30
C PHE A 651 -37.49 -17.78 -5.06
N GLY A 652 -36.94 -16.67 -4.60
CA GLY A 652 -36.15 -16.69 -3.39
C GLY A 652 -36.98 -17.05 -2.16
N LYS A 653 -38.17 -16.48 -2.05
CA LYS A 653 -38.94 -16.67 -0.83
C LYS A 653 -39.56 -18.05 -0.73
N LYS A 654 -39.89 -18.68 -1.87
CA LYS A 654 -40.67 -19.91 -1.83
C LYS A 654 -39.92 -21.15 -2.26
N LYS A 655 -38.82 -21.03 -3.01
CA LYS A 655 -38.20 -22.19 -3.63
C LYS A 655 -36.99 -22.72 -2.86
N MET A 656 -35.99 -21.88 -2.61
CA MET A 656 -34.79 -22.44 -1.97
C MET A 656 -34.81 -22.22 -0.46
N GLU A 657 -35.45 -21.15 0.03
CA GLU A 657 -35.47 -20.88 1.47
C GLU A 657 -35.90 -22.08 2.32
N PRO A 658 -36.97 -22.82 1.99
CA PRO A 658 -37.22 -24.07 2.71
C PRO A 658 -36.06 -25.05 2.63
N MET A 659 -35.37 -25.08 1.49
CA MET A 659 -34.21 -25.97 1.38
C MET A 659 -33.10 -25.57 2.33
N ILE A 660 -32.82 -24.28 2.45
CA ILE A 660 -31.82 -23.83 3.42
C ILE A 660 -32.25 -24.20 4.83
N ASP A 661 -33.53 -23.97 5.13
CA ASP A 661 -34.02 -24.27 6.47
C ASP A 661 -33.88 -25.75 6.80
N VAL A 662 -34.27 -26.62 5.85
CA VAL A 662 -34.18 -28.05 6.12
C VAL A 662 -32.72 -28.49 6.17
N ALA A 663 -31.84 -27.84 5.39
CA ALA A 663 -30.43 -28.14 5.49
C ALA A 663 -29.90 -27.84 6.88
N TYR A 664 -30.32 -26.71 7.45
CA TYR A 664 -29.88 -26.39 8.81
C TYR A 664 -30.54 -27.27 9.86
N ARG A 665 -31.79 -27.71 9.60
CA ARG A 665 -32.39 -28.70 10.49
C ARG A 665 -31.58 -29.99 10.49
N GLU A 666 -31.16 -30.43 9.31
CA GLU A 666 -30.29 -31.59 9.20
C GLU A 666 -28.95 -31.33 9.87
N LEU A 667 -28.46 -30.10 9.80
CA LEU A 667 -27.22 -29.74 10.47
C LEU A 667 -27.36 -29.92 11.98
N CYS A 668 -28.39 -29.31 12.57
CA CYS A 668 -28.62 -29.45 14.00
C CYS A 668 -28.91 -30.88 14.39
N ASP A 669 -29.45 -31.68 13.47
CA ASP A 669 -29.58 -33.12 13.72
C ASP A 669 -28.22 -33.79 13.77
N TYR A 670 -27.35 -33.47 12.81
CA TYR A 670 -26.03 -34.06 12.76
C TYR A 670 -25.25 -33.74 14.03
N MET A 671 -25.25 -32.48 14.42
CA MET A 671 -24.66 -32.08 15.69
C MET A 671 -25.61 -32.46 16.82
N ASN A 672 -25.10 -32.43 18.05
CA ASN A 672 -25.94 -32.64 19.22
C ASN A 672 -26.38 -31.32 19.86
N ASN A 673 -26.50 -30.26 19.07
CA ASN A 673 -26.86 -28.96 19.63
C ASN A 673 -28.24 -28.99 20.25
N ARG A 674 -28.45 -28.11 21.23
CA ARG A 674 -29.69 -28.12 22.00
C ARG A 674 -30.90 -27.83 21.13
N GLU A 675 -30.80 -26.83 20.27
CA GLU A 675 -31.96 -26.36 19.53
C GLU A 675 -31.53 -25.72 18.23
N HIS A 676 -32.22 -26.06 17.14
CA HIS A 676 -31.95 -25.43 15.86
C HIS A 676 -32.34 -23.96 15.90
N LEU A 677 -31.42 -23.10 15.50
CA LEU A 677 -31.69 -21.67 15.52
C LEU A 677 -31.22 -20.90 14.30
N MET A 678 -30.41 -21.49 13.42
CA MET A 678 -29.79 -20.74 12.34
C MET A 678 -30.79 -20.37 11.26
N HIS A 679 -31.64 -19.38 11.53
CA HIS A 679 -32.59 -18.93 10.54
C HIS A 679 -31.89 -18.12 9.47
N MET A 680 -31.99 -18.57 8.23
CA MET A 680 -31.40 -17.90 7.08
C MET A 680 -32.47 -17.11 6.36
N ASP A 681 -32.12 -15.92 5.90
CA ASP A 681 -33.08 -15.08 5.19
C ASP A 681 -32.43 -14.54 3.91
N ARG A 682 -33.27 -14.39 2.89
CA ARG A 682 -32.84 -13.68 1.69
C ARG A 682 -32.58 -12.21 2.03
N GLU A 683 -31.48 -11.68 1.54
CA GLU A 683 -31.02 -10.35 1.91
C GLU A 683 -31.25 -9.32 0.81
N ALA A 684 -30.79 -9.58 -0.40
CA ALA A 684 -30.91 -8.58 -1.44
C ALA A 684 -30.98 -9.27 -2.80
N ILE A 685 -31.56 -8.57 -3.75
CA ILE A 685 -31.71 -9.04 -5.12
C ILE A 685 -30.87 -8.15 -6.03
N SER A 686 -29.98 -8.77 -6.79
CA SER A 686 -29.10 -8.06 -7.70
C SER A 686 -29.36 -8.53 -9.12
N CYS A 687 -29.62 -7.58 -10.03
CA CYS A 687 -29.89 -7.91 -11.41
C CYS A 687 -29.68 -6.65 -12.24
N PRO A 688 -29.17 -6.78 -13.46
CA PRO A 688 -29.01 -5.61 -14.32
C PRO A 688 -30.36 -5.14 -14.83
N PRO A 689 -30.47 -3.88 -15.24
CA PRO A 689 -31.71 -3.42 -15.86
C PRO A 689 -32.00 -4.23 -17.12
N LEU A 690 -33.28 -4.53 -17.32
CA LEU A 690 -33.68 -5.36 -18.45
C LEU A 690 -33.35 -4.67 -19.77
N GLY A 691 -32.82 -5.42 -20.72
CA GLY A 691 -32.54 -4.91 -22.04
C GLY A 691 -31.25 -4.10 -22.11
N SER A 692 -30.89 -3.45 -21.01
CA SER A 692 -29.65 -2.69 -20.97
C SER A 692 -28.47 -3.63 -21.03
N LYS A 693 -27.43 -3.23 -21.76
CA LYS A 693 -26.23 -4.03 -21.83
C LYS A 693 -25.35 -3.87 -20.60
N GLY A 694 -25.90 -3.34 -19.52
CA GLY A 694 -25.19 -3.31 -18.25
C GLY A 694 -24.82 -4.69 -17.77
N VAL A 695 -24.07 -4.72 -16.67
CA VAL A 695 -23.49 -5.97 -16.22
C VAL A 695 -24.21 -6.49 -14.98
N GLY A 696 -24.82 -5.59 -14.21
CA GLY A 696 -25.57 -6.02 -13.05
C GLY A 696 -24.76 -6.05 -11.76
N GLY A 697 -23.57 -6.63 -11.79
CA GLY A 697 -22.77 -6.72 -10.58
C GLY A 697 -21.42 -7.34 -10.87
N PHE A 698 -20.49 -7.10 -9.96
CA PHE A 698 -19.17 -7.69 -10.14
C PHE A 698 -18.42 -7.67 -8.82
N TRP A 699 -17.22 -8.24 -8.85
CA TRP A 699 -16.38 -8.39 -7.67
C TRP A 699 -14.95 -8.04 -8.01
N LYS A 700 -14.13 -7.92 -7.01
CA LYS A 700 -12.71 -7.82 -7.34
C LYS A 700 -11.86 -8.79 -6.56
N ALA A 701 -12.18 -9.03 -5.29
CA ALA A 701 -11.44 -9.96 -4.46
C ALA A 701 -12.35 -10.35 -3.30
N LYS A 702 -11.78 -10.96 -2.27
CA LYS A 702 -12.60 -11.28 -1.07
C LYS A 702 -13.05 -9.97 -0.43
N LYS A 703 -14.32 -9.89 -0.02
CA LYS A 703 -14.86 -8.68 0.67
C LYS A 703 -14.75 -7.47 -0.25
N ARG A 704 -14.83 -7.67 -1.57
CA ARG A 704 -14.78 -6.56 -2.55
C ARG A 704 -15.82 -6.81 -3.64
N TYR A 705 -16.91 -6.04 -3.67
CA TYR A 705 -17.99 -6.31 -4.66
C TYR A 705 -18.89 -5.09 -4.86
N ALA A 706 -19.47 -4.98 -6.06
CA ALA A 706 -20.43 -3.89 -6.35
C ALA A 706 -21.70 -4.53 -6.91
N LEU A 707 -22.84 -4.41 -6.20
CA LEU A 707 -24.08 -5.09 -6.65
C LEU A 707 -25.21 -4.06 -6.84
N ASN A 708 -25.76 -3.99 -8.05
CA ASN A 708 -26.94 -3.10 -8.27
C ASN A 708 -28.14 -3.75 -7.59
N VAL A 709 -28.55 -3.24 -6.43
CA VAL A 709 -29.61 -3.89 -5.67
C VAL A 709 -30.95 -3.29 -6.05
N TYR A 710 -31.94 -4.16 -6.30
CA TYR A 710 -33.29 -3.74 -6.63
C TYR A 710 -34.25 -3.84 -5.45
N ASP A 711 -34.04 -4.80 -4.54
CA ASP A 711 -34.92 -4.93 -3.39
C ASP A 711 -34.10 -5.55 -2.25
N MET A 712 -33.59 -4.71 -1.37
CA MET A 712 -32.92 -5.19 -0.17
C MET A 712 -33.97 -5.52 0.89
N GLU A 713 -33.86 -6.72 1.48
CA GLU A 713 -34.88 -7.26 2.36
C GLU A 713 -36.19 -7.30 1.56
N ASP A 714 -37.26 -6.67 2.02
CA ASP A 714 -38.49 -6.58 1.24
C ASP A 714 -38.82 -5.17 0.81
N LYS A 715 -37.99 -4.18 1.17
CA LYS A 715 -38.26 -2.80 0.82
C LYS A 715 -38.00 -2.59 -0.67
N ARG A 716 -39.03 -2.81 -1.49
CA ARG A 716 -38.88 -2.68 -2.93
C ARG A 716 -38.46 -1.25 -3.30
N PHE A 717 -37.43 -1.15 -4.12
CA PHE A 717 -36.93 0.15 -4.59
C PHE A 717 -37.56 0.45 -5.94
N ALA A 718 -38.16 1.63 -6.05
CA ALA A 718 -38.70 2.06 -7.34
C ALA A 718 -37.59 2.10 -8.39
N GLU A 719 -36.51 2.80 -8.08
CA GLU A 719 -35.35 2.66 -8.93
C GLU A 719 -34.27 1.87 -8.19
N PRO A 720 -33.48 1.06 -8.89
CA PRO A 720 -32.44 0.29 -8.19
C PRO A 720 -31.40 1.22 -7.60
N HIS A 721 -30.87 0.84 -6.46
CA HIS A 721 -29.83 1.61 -5.81
C HIS A 721 -28.60 0.72 -5.62
N LEU A 722 -27.41 1.33 -5.70
CA LEU A 722 -26.16 0.52 -5.65
C LEU A 722 -25.73 0.24 -4.21
N LYS A 723 -25.25 -0.98 -3.94
CA LYS A 723 -24.72 -1.31 -2.59
C LYS A 723 -23.24 -1.67 -2.74
N ILE A 724 -22.42 -0.69 -3.09
CA ILE A 724 -20.96 -0.93 -3.29
C ILE A 724 -20.31 -1.18 -1.92
N MET A 725 -19.37 -2.13 -1.84
CA MET A 725 -18.77 -2.47 -0.51
C MET A 725 -17.29 -2.82 -0.68
N GLY A 726 -16.42 -2.18 0.12
CA GLY A 726 -14.98 -2.52 0.11
C GLY A 726 -14.20 -1.75 -0.94
N MET A 727 -14.85 -1.38 -2.04
CA MET A 727 -14.13 -0.74 -3.13
C MET A 727 -13.69 0.66 -2.74
N GLU A 728 -12.99 1.32 -3.66
CA GLU A 728 -12.41 2.63 -3.38
C GLU A 728 -13.46 3.70 -3.15
N THR A 729 -14.71 3.46 -3.56
CA THR A 729 -15.74 4.45 -3.29
C THR A 729 -15.96 4.63 -1.81
N GLN A 730 -16.10 3.53 -1.06
CA GLN A 730 -16.30 3.66 0.37
C GLN A 730 -15.06 4.15 1.10
N GLN A 731 -13.88 3.82 0.57
CA GLN A 731 -12.65 4.22 1.23
C GLN A 731 -12.60 5.74 1.36
N SER A 732 -12.24 6.20 2.57
CA SER A 732 -12.03 7.63 2.77
C SER A 732 -10.84 8.13 1.99
N SER A 733 -9.90 7.26 1.64
CA SER A 733 -8.64 7.69 1.05
C SER A 733 -8.87 8.41 -0.27
N THR A 734 -9.79 7.92 -1.08
CA THR A 734 -10.02 8.51 -2.39
C THR A 734 -10.52 9.95 -2.25
N PRO A 735 -10.06 10.84 -3.11
CA PRO A 735 -10.51 12.23 -3.05
C PRO A 735 -11.99 12.34 -3.35
N LYS A 736 -12.61 13.39 -2.80
CA LYS A 736 -14.06 13.51 -2.88
C LYS A 736 -14.54 13.61 -4.32
N ALA A 737 -13.91 14.44 -5.13
CA ALA A 737 -14.32 14.55 -6.53
C ALA A 737 -14.09 13.24 -7.27
N VAL A 738 -12.92 12.65 -7.07
CA VAL A 738 -12.64 11.34 -7.65
C VAL A 738 -13.63 10.31 -7.13
N GLN A 739 -13.99 10.43 -5.85
CA GLN A 739 -14.95 9.49 -5.27
C GLN A 739 -16.29 9.58 -6.00
N GLU A 740 -16.80 10.79 -6.19
CA GLU A 740 -18.10 10.94 -6.83
C GLU A 740 -18.06 10.49 -8.28
N ALA A 741 -17.02 10.90 -9.02
CA ALA A 741 -16.95 10.51 -10.42
C ALA A 741 -16.78 9.00 -10.56
N LEU A 742 -15.99 8.40 -9.68
CA LEU A 742 -15.81 6.96 -9.68
C LEU A 742 -17.13 6.26 -9.38
N GLU A 743 -17.90 6.78 -8.44
CA GLU A 743 -19.19 6.19 -8.13
C GLU A 743 -20.12 6.26 -9.33
N GLU A 744 -20.13 7.41 -10.02
CA GLU A 744 -20.95 7.51 -11.22
C GLU A 744 -20.51 6.50 -12.27
N SER A 745 -19.19 6.33 -12.42
CA SER A 745 -18.69 5.35 -13.38
C SER A 745 -19.15 3.95 -13.02
N ILE A 746 -19.10 3.61 -11.73
CA ILE A 746 -19.55 2.29 -11.31
C ILE A 746 -21.03 2.11 -11.59
N ARG A 747 -21.83 3.15 -11.34
CA ARG A 747 -23.24 3.06 -11.67
C ARG A 747 -23.43 2.83 -13.15
N ARG A 748 -22.63 3.49 -13.98
CA ARG A 748 -22.77 3.33 -15.43
C ARG A 748 -22.45 1.91 -15.87
N ILE A 749 -21.35 1.34 -15.37
CA ILE A 749 -21.02 -0.03 -15.76
C ILE A 749 -22.11 -0.99 -15.29
N LEU A 750 -22.56 -0.82 -14.05
CA LEU A 750 -23.58 -1.72 -13.53
C LEU A 750 -24.86 -1.64 -14.34
N GLN A 751 -25.30 -0.43 -14.70
CA GLN A 751 -26.60 -0.25 -15.32
C GLN A 751 -26.53 -0.22 -16.84
N GLU A 752 -25.81 0.73 -17.43
CA GLU A 752 -25.90 0.95 -18.87
C GLU A 752 -25.04 -0.02 -19.66
N GLY A 753 -23.73 0.04 -19.47
CA GLY A 753 -22.80 -0.76 -20.23
C GLY A 753 -21.48 -0.03 -20.41
N GLU A 754 -20.65 -0.56 -21.31
CA GLU A 754 -19.28 -0.06 -21.46
C GLU A 754 -19.25 1.34 -22.03
N GLU A 755 -20.08 1.60 -23.05
CA GLU A 755 -19.99 2.86 -23.78
C GLU A 755 -20.21 4.06 -22.87
N SER A 756 -21.17 3.96 -21.96
CA SER A 756 -21.37 5.04 -20.99
C SER A 756 -20.14 5.21 -20.12
N VAL A 757 -19.51 4.11 -19.73
CA VAL A 757 -18.30 4.19 -18.93
C VAL A 757 -17.23 4.98 -19.67
N GLN A 758 -17.03 4.65 -20.95
CA GLN A 758 -16.01 5.35 -21.71
C GLN A 758 -16.34 6.82 -21.89
N GLU A 759 -17.60 7.13 -22.17
CA GLU A 759 -17.98 8.53 -22.36
C GLU A 759 -17.77 9.33 -21.09
N TYR A 760 -18.22 8.80 -19.96
CA TYR A 760 -18.02 9.52 -18.70
C TYR A 760 -16.54 9.59 -18.34
N TYR A 761 -15.77 8.58 -18.72
CA TYR A 761 -14.32 8.64 -18.49
C TYR A 761 -13.72 9.81 -19.26
N LYS A 762 -14.12 9.98 -20.52
CA LYS A 762 -13.62 11.12 -21.28
C LYS A 762 -14.05 12.44 -20.66
N ASN A 763 -15.32 12.53 -20.24
CA ASN A 763 -15.80 13.76 -19.63
C ASN A 763 -15.02 14.09 -18.37
N PHE A 764 -14.77 13.09 -17.53
CA PHE A 764 -14.00 13.33 -16.33
C PHE A 764 -12.56 13.69 -16.66
N GLU A 765 -12.01 13.10 -17.73
CA GLU A 765 -10.65 13.45 -18.13
C GLU A 765 -10.56 14.92 -18.50
N LYS A 766 -11.53 15.42 -19.27
CA LYS A 766 -11.46 16.82 -19.66
C LYS A 766 -11.85 17.77 -18.54
N GLU A 767 -12.59 17.31 -17.53
CA GLU A 767 -12.93 18.20 -16.42
C GLU A 767 -11.89 18.21 -15.32
N TYR A 768 -11.16 17.12 -15.12
CA TYR A 768 -10.32 16.96 -13.94
C TYR A 768 -9.23 18.03 -13.86
N ARG A 769 -8.79 18.54 -15.01
CA ARG A 769 -7.76 19.58 -14.97
C ARG A 769 -8.28 20.86 -14.33
N GLN A 770 -9.55 21.19 -14.56
CA GLN A 770 -10.13 22.45 -14.12
C GLN A 770 -10.91 22.31 -12.82
N LEU A 771 -10.54 21.36 -11.98
CA LEU A 771 -11.23 21.17 -10.72
C LEU A 771 -10.56 21.91 -9.58
N ASP A 772 -11.31 22.16 -8.53
CA ASP A 772 -10.76 22.76 -7.32
C ASP A 772 -9.71 21.84 -6.72
N TYR A 773 -8.59 22.43 -6.32
CA TYR A 773 -7.50 21.64 -5.77
C TYR A 773 -7.87 21.02 -4.43
N LYS A 774 -8.93 21.50 -3.78
CA LYS A 774 -9.29 20.97 -2.47
C LYS A 774 -9.92 19.59 -2.59
N VAL A 775 -10.59 19.30 -3.71
CA VAL A 775 -11.37 18.08 -3.82
C VAL A 775 -10.63 16.99 -4.60
N ILE A 776 -9.33 17.14 -4.83
CA ILE A 776 -8.51 16.10 -5.42
C ILE A 776 -7.29 15.92 -4.52
N ALA A 777 -7.36 14.96 -3.62
CA ALA A 777 -6.24 14.65 -2.75
C ALA A 777 -6.53 13.34 -2.02
N GLU A 778 -5.53 12.47 -1.95
CA GLU A 778 -5.58 11.37 -1.01
C GLU A 778 -5.53 11.91 0.40
N VAL A 779 -6.22 11.27 1.33
CA VAL A 779 -6.32 11.76 2.69
C VAL A 779 -5.44 10.97 3.65
N LYS A 780 -5.46 9.65 3.56
CA LYS A 780 -4.64 8.75 4.38
C LYS A 780 -4.66 9.20 5.84
N THR A 781 -3.55 9.00 6.55
CA THR A 781 -3.49 9.35 7.97
C THR A 781 -2.05 9.37 8.44
N ALA A 782 -1.65 10.41 9.15
CA ALA A 782 -0.29 10.52 9.68
C ALA A 782 -0.25 9.94 11.09
N ASN A 783 0.50 8.86 11.25
CA ASN A 783 0.75 8.25 12.56
C ASN A 783 2.25 8.18 12.77
N ASP A 784 2.74 8.81 13.83
CA ASP A 784 4.15 8.79 14.20
C ASP A 784 5.03 9.32 13.06
N ILE A 785 4.81 10.59 12.70
CA ILE A 785 5.72 11.23 11.77
C ILE A 785 7.11 11.30 12.35
N ALA A 786 7.23 11.37 13.68
CA ALA A 786 8.53 11.39 14.31
C ALA A 786 9.34 10.14 13.97
N LYS A 787 8.67 8.99 13.85
CA LYS A 787 9.36 7.77 13.46
C LYS A 787 10.07 7.93 12.12
N TYR A 788 9.53 8.75 11.24
CA TYR A 788 10.14 9.01 9.94
C TYR A 788 10.56 10.46 9.78
N ASP A 789 10.64 11.21 10.86
CA ASP A 789 11.05 12.61 10.79
C ASP A 789 12.54 12.70 11.01
N ASP A 790 13.27 13.26 10.02
CA ASP A 790 14.72 13.38 10.15
C ASP A 790 15.14 14.63 9.38
N LYS A 791 15.27 15.73 10.12
CA LYS A 791 15.84 16.99 9.63
C LYS A 791 15.25 17.37 8.26
N GLY A 792 13.94 17.60 8.28
CA GLY A 792 13.24 18.14 7.13
C GLY A 792 13.35 17.33 5.85
N TRP A 793 13.61 16.03 5.98
CA TRP A 793 13.69 15.16 4.81
C TRP A 793 13.22 13.76 5.17
N PRO A 794 12.69 13.01 4.21
CA PRO A 794 12.17 11.68 4.50
C PRO A 794 13.25 10.74 4.99
N GLY A 795 12.85 9.80 5.85
CA GLY A 795 13.74 8.78 6.36
C GLY A 795 13.64 7.48 5.58
N PHE A 796 14.30 6.46 6.13
CA PHE A 796 14.27 5.14 5.51
C PHE A 796 12.89 4.54 5.58
N LYS A 797 12.45 3.93 4.47
CA LYS A 797 11.13 3.30 4.38
C LYS A 797 10.03 4.30 4.72
N CYS A 798 10.18 5.52 4.23
CA CYS A 798 9.27 6.60 4.61
C CYS A 798 7.94 6.46 3.89
N PRO A 799 6.82 6.38 4.60
CA PRO A 799 5.53 6.33 3.92
C PRO A 799 5.26 7.61 3.14
N PHE A 800 4.40 7.49 2.13
CA PHE A 800 4.22 8.57 1.16
C PHE A 800 3.63 9.82 1.80
N HIS A 801 2.50 9.66 2.51
CA HIS A 801 1.86 10.83 3.10
C HIS A 801 2.73 11.45 4.17
N ILE A 802 3.55 10.65 4.85
CA ILE A 802 4.49 11.20 5.82
C ILE A 802 5.57 12.02 5.11
N ARG A 803 6.00 11.57 3.92
CA ARG A 803 6.92 12.38 3.13
C ARG A 803 6.28 13.72 2.79
N GLY A 804 5.03 13.70 2.36
CA GLY A 804 4.34 14.95 2.07
C GLY A 804 4.23 15.84 3.30
N VAL A 805 3.96 15.23 4.46
CA VAL A 805 3.87 16.00 5.69
C VAL A 805 5.21 16.67 6.00
N LEU A 806 6.31 15.94 5.83
CA LEU A 806 7.62 16.54 6.08
C LEU A 806 7.88 17.69 5.12
N THR A 807 7.49 17.52 3.86
CA THR A 807 7.66 18.62 2.90
C THR A 807 6.86 19.84 3.32
N TYR A 808 5.61 19.63 3.75
CA TYR A 808 4.78 20.74 4.17
C TYR A 808 5.37 21.44 5.38
N ARG A 809 5.86 20.68 6.35
CA ARG A 809 6.48 21.26 7.54
C ARG A 809 7.73 22.06 7.16
N ARG A 810 8.51 21.56 6.20
CA ARG A 810 9.60 22.36 5.66
C ARG A 810 9.09 23.65 5.07
N ALA A 811 7.99 23.58 4.33
CA ALA A 811 7.47 24.75 3.63
C ALA A 811 7.00 25.82 4.60
N VAL A 812 6.33 25.43 5.67
CA VAL A 812 5.61 26.39 6.51
C VAL A 812 6.18 26.51 7.91
N SER A 813 7.31 25.88 8.21
CA SER A 813 7.96 26.12 9.49
C SER A 813 8.38 27.58 9.58
N GLY A 814 7.97 28.25 10.65
CA GLY A 814 8.18 29.67 10.79
C GLY A 814 7.12 30.54 10.15
N LEU A 815 6.14 29.93 9.46
CA LEU A 815 5.03 30.69 8.91
C LEU A 815 3.86 30.85 9.88
N GLY A 816 3.90 30.16 11.01
CA GLY A 816 2.91 30.32 12.05
C GLY A 816 1.51 29.92 11.65
N VAL A 817 1.38 28.80 10.97
CA VAL A 817 0.09 28.27 10.58
C VAL A 817 -0.18 27.01 11.41
N ALA A 818 -1.40 26.49 11.30
CA ALA A 818 -1.80 25.34 12.09
C ALA A 818 -0.97 24.13 11.73
N PRO A 819 -0.32 23.47 12.68
CA PRO A 819 0.58 22.35 12.37
C PRO A 819 -0.14 21.01 12.36
N ILE A 820 0.51 20.05 11.72
CA ILE A 820 -0.07 18.73 11.50
C ILE A 820 0.49 17.76 12.52
N LEU A 821 -0.39 16.94 13.10
CA LEU A 821 -0.04 16.02 14.17
C LEU A 821 -0.68 14.67 13.87
N ASP A 822 -0.46 13.72 14.78
CA ASP A 822 -1.05 12.40 14.62
C ASP A 822 -2.56 12.47 14.73
N GLY A 823 -3.24 11.54 14.08
CA GLY A 823 -4.69 11.47 14.07
C GLY A 823 -5.32 12.36 13.03
N ASN A 824 -4.78 13.56 12.84
CA ASN A 824 -5.32 14.47 11.85
C ASN A 824 -5.08 13.92 10.45
N LYS A 825 -6.16 13.66 9.73
CA LYS A 825 -6.05 13.26 8.33
C LYS A 825 -5.31 14.34 7.55
N VAL A 826 -4.35 13.92 6.72
CA VAL A 826 -3.52 14.85 5.97
C VAL A 826 -3.74 14.59 4.49
N MET A 827 -4.43 15.49 3.81
CA MET A 827 -4.62 15.37 2.38
C MET A 827 -3.31 15.68 1.67
N VAL A 828 -2.89 14.79 0.79
CA VAL A 828 -1.60 14.89 0.11
C VAL A 828 -1.84 15.25 -1.36
N LEU A 829 -0.84 15.85 -1.97
CA LEU A 829 -0.87 16.18 -3.38
C LEU A 829 0.49 15.90 -4.00
N PRO A 830 0.51 15.42 -5.25
CA PRO A 830 1.79 15.21 -5.94
C PRO A 830 2.25 16.47 -6.66
N LEU A 831 3.57 16.62 -6.73
CA LEU A 831 4.21 17.78 -7.34
C LEU A 831 5.12 17.31 -8.45
N ARG A 832 5.11 18.04 -9.56
CA ARG A 832 5.80 17.60 -10.78
C ARG A 832 7.16 18.26 -10.91
N GLU A 833 8.07 17.55 -11.57
CA GLU A 833 9.37 18.03 -12.05
C GLU A 833 10.05 18.83 -10.94
N GLY A 834 10.39 20.10 -11.16
CA GLY A 834 11.05 20.89 -10.14
C GLY A 834 10.11 21.73 -9.31
N ASN A 835 9.81 21.27 -8.15
CA ASN A 835 8.98 22.06 -7.24
C ASN A 835 9.87 22.87 -6.30
N PRO A 836 9.44 24.09 -5.96
CA PRO A 836 10.25 24.90 -5.03
C PRO A 836 10.41 24.26 -3.67
N PHE A 837 9.45 23.45 -3.22
CA PHE A 837 9.58 22.82 -1.91
C PHE A 837 10.74 21.83 -1.89
N GLY A 838 10.92 21.08 -2.96
CA GLY A 838 12.01 20.14 -3.07
C GLY A 838 11.66 18.66 -2.98
N ASP A 839 10.40 18.29 -3.23
CA ASP A 839 10.00 16.89 -3.20
C ASP A 839 8.69 16.73 -3.96
N LYS A 840 8.30 15.49 -4.21
CA LYS A 840 7.24 15.17 -5.13
C LYS A 840 5.84 15.22 -4.50
N CYS A 841 5.72 15.48 -3.20
CA CYS A 841 4.41 15.47 -2.58
C CYS A 841 4.38 16.42 -1.39
N ILE A 842 3.22 17.03 -1.16
CA ILE A 842 3.02 17.96 -0.05
C ILE A 842 1.65 17.68 0.57
N ALA A 843 1.59 17.72 1.90
CA ALA A 843 0.42 17.25 2.63
C ALA A 843 -0.01 18.25 3.68
N TRP A 844 -1.29 18.61 3.68
CA TRP A 844 -1.83 19.59 4.60
C TRP A 844 -3.01 19.00 5.36
N PRO A 845 -3.33 19.54 6.54
CA PRO A 845 -4.41 18.95 7.34
C PRO A 845 -5.72 18.92 6.58
N SER A 846 -6.44 17.81 6.73
CA SER A 846 -7.65 17.59 5.95
C SER A 846 -8.68 18.66 6.26
N GLY A 847 -9.34 19.14 5.21
CA GLY A 847 -10.27 20.23 5.32
C GLY A 847 -9.64 21.61 5.25
N THR A 848 -8.43 21.76 5.78
CA THR A 848 -7.80 23.07 5.83
C THR A 848 -7.43 23.53 4.42
N GLU A 849 -6.88 24.74 4.35
CA GLU A 849 -6.51 25.36 3.10
C GLU A 849 -5.08 25.87 3.19
N LEU A 850 -4.46 26.02 2.03
CA LEU A 850 -3.11 26.54 2.19
C LEU A 850 -3.12 28.07 2.19
N PRO A 851 -2.31 28.67 3.04
CA PRO A 851 -2.19 30.13 3.04
C PRO A 851 -1.65 30.64 1.72
N LYS A 852 -2.05 31.85 1.37
CA LYS A 852 -1.93 32.34 -0.01
C LYS A 852 -0.49 32.45 -0.48
N GLU A 853 0.48 32.54 0.43
CA GLU A 853 1.87 32.66 0.00
C GLU A 853 2.35 31.38 -0.68
N ILE A 854 1.76 30.23 -0.35
CA ILE A 854 2.12 28.97 -0.96
C ILE A 854 1.01 28.40 -1.84
N ARG A 855 -0.17 29.01 -1.83
CA ARG A 855 -1.26 28.53 -2.67
C ARG A 855 -0.88 28.61 -4.14
N SER A 856 -0.31 29.75 -4.56
CA SER A 856 0.08 29.92 -5.95
C SER A 856 1.16 28.92 -6.34
N ASP A 857 2.13 28.70 -5.45
CA ASP A 857 3.20 27.77 -5.75
C ASP A 857 2.68 26.35 -5.88
N VAL A 858 1.74 25.95 -5.02
CA VAL A 858 1.18 24.60 -5.11
C VAL A 858 0.37 24.45 -6.38
N LEU A 859 -0.52 25.42 -6.66
CA LEU A 859 -1.35 25.31 -7.84
C LEU A 859 -0.54 25.41 -9.13
N SER A 860 0.67 26.00 -9.07
CA SER A 860 1.52 26.05 -10.24
C SER A 860 2.26 24.75 -10.50
N TRP A 861 2.30 23.84 -9.54
CA TRP A 861 3.06 22.61 -9.70
C TRP A 861 2.27 21.39 -9.24
N ILE A 862 0.95 21.41 -9.42
CA ILE A 862 0.15 20.24 -9.13
C ILE A 862 0.26 19.25 -10.28
N ASP A 863 0.77 18.05 -9.97
CA ASP A 863 0.93 17.03 -11.00
C ASP A 863 -0.43 16.38 -11.23
N HIS A 864 -1.18 16.91 -12.19
CA HIS A 864 -2.50 16.38 -12.47
C HIS A 864 -2.43 14.94 -12.92
N SER A 865 -1.46 14.62 -13.78
CA SER A 865 -1.48 13.33 -14.48
C SER A 865 -1.21 12.17 -13.52
N THR A 866 -0.18 12.29 -12.69
CA THR A 866 0.18 11.17 -11.83
C THR A 866 -0.94 10.85 -10.85
N LEU A 867 -1.52 11.87 -10.21
CA LEU A 867 -2.63 11.63 -9.29
C LEU A 867 -3.84 11.08 -10.02
N PHE A 868 -4.16 11.67 -11.18
CA PHE A 868 -5.30 11.22 -11.96
C PHE A 868 -5.18 9.75 -12.31
N GLN A 869 -3.95 9.26 -12.52
CA GLN A 869 -3.75 7.87 -12.89
C GLN A 869 -3.54 6.95 -11.70
N LYS A 870 -3.09 7.46 -10.56
CA LYS A 870 -2.83 6.65 -9.38
C LYS A 870 -3.94 6.69 -8.36
N SER A 871 -5.01 7.44 -8.62
CA SER A 871 -6.16 7.47 -7.73
C SER A 871 -7.46 7.12 -8.43
N PHE A 872 -7.65 7.57 -9.66
CA PHE A 872 -8.88 7.35 -10.39
C PHE A 872 -8.73 6.35 -11.53
N VAL A 873 -7.68 6.47 -12.34
CA VAL A 873 -7.53 5.58 -13.49
C VAL A 873 -7.24 4.16 -13.04
N LYS A 874 -6.32 3.99 -12.09
CA LYS A 874 -5.92 2.64 -11.68
C LYS A 874 -7.05 1.85 -11.05
N PRO A 875 -7.76 2.34 -10.03
CA PRO A 875 -8.89 1.54 -9.51
C PRO A 875 -9.99 1.34 -10.52
N LEU A 876 -10.23 2.33 -11.38
CA LEU A 876 -11.25 2.17 -12.41
C LEU A 876 -10.88 1.05 -13.36
N ALA A 877 -9.60 0.98 -13.74
CA ALA A 877 -9.14 -0.09 -14.60
C ALA A 877 -9.30 -1.43 -13.91
N GLY A 878 -8.94 -1.49 -12.62
CA GLY A 878 -9.13 -2.74 -11.89
C GLY A 878 -10.58 -3.20 -11.90
N MET A 879 -11.49 -2.28 -11.60
CA MET A 879 -12.90 -2.63 -11.56
C MET A 879 -13.39 -3.10 -12.92
N CYS A 880 -13.15 -2.30 -13.96
CA CYS A 880 -13.68 -2.64 -15.28
C CYS A 880 -13.08 -3.93 -15.81
N GLU A 881 -11.77 -4.13 -15.62
CA GLU A 881 -11.15 -5.37 -16.08
C GLU A 881 -11.65 -6.56 -15.28
N SER A 882 -12.07 -6.35 -14.03
CA SER A 882 -12.76 -7.42 -13.32
C SER A 882 -14.16 -7.65 -13.85
N ALA A 883 -14.69 -6.75 -14.67
CA ALA A 883 -16.05 -6.85 -15.18
C ALA A 883 -16.09 -6.97 -16.70
N GLY A 884 -14.97 -7.30 -17.33
CA GLY A 884 -14.94 -7.48 -18.76
C GLY A 884 -15.28 -6.22 -19.53
N MET A 885 -14.74 -5.09 -19.08
CA MET A 885 -14.95 -3.82 -19.73
C MET A 885 -13.62 -3.11 -19.89
N ASP A 886 -13.55 -2.24 -20.90
CA ASP A 886 -12.39 -1.38 -21.10
C ASP A 886 -12.89 0.06 -21.11
N TYR A 887 -12.22 0.91 -20.35
CA TYR A 887 -12.63 2.30 -20.22
C TYR A 887 -12.26 3.15 -21.43
N GLU A 888 -11.33 2.68 -22.25
CA GLU A 888 -10.85 3.42 -23.42
C GLU A 888 -10.89 2.49 -24.61
N GLU A 889 -11.74 2.82 -25.59
CA GLU A 889 -11.89 1.98 -26.76
C GLU A 889 -10.54 1.83 -27.47
N LYS A 890 -10.06 0.59 -27.53
CA LYS A 890 -8.75 0.31 -28.12
C LYS A 890 -8.83 -0.35 -29.48
N ALA A 891 -9.76 -1.29 -29.67
CA ALA A 891 -10.01 -1.93 -30.96
C ALA A 891 -8.80 -2.72 -31.46
N SER A 892 -8.97 -3.40 -32.59
CA SER A 892 -7.93 -4.26 -33.14
C SER A 892 -8.20 -4.45 -34.62
N LEU A 893 -7.52 -5.43 -35.21
CA LEU A 893 -7.69 -5.77 -36.62
C LEU A 893 -8.87 -6.68 -36.87
N ASP A 894 -9.87 -6.68 -35.98
CA ASP A 894 -11.04 -7.52 -36.17
C ASP A 894 -11.74 -7.23 -37.49
N PHE A 895 -11.63 -6.00 -37.99
CA PHE A 895 -12.21 -5.67 -39.28
C PHE A 895 -11.64 -6.54 -40.39
N LEU A 896 -10.34 -6.83 -40.33
CA LEU A 896 -9.65 -7.57 -41.37
C LEU A 896 -9.11 -8.90 -40.90
N PHE A 897 -8.34 -8.92 -39.81
CA PHE A 897 -7.76 -10.16 -39.32
C PHE A 897 -8.84 -11.16 -38.92
N GLY A 898 -10.01 -10.68 -38.54
CA GLY A 898 -11.11 -11.56 -38.20
C GLY A 898 -11.71 -12.23 -39.42
N MET B 1 57.70 -9.63 -8.69
CA MET B 1 57.03 -10.67 -9.45
C MET B 1 55.91 -10.08 -10.30
N LYS B 2 55.69 -10.67 -11.48
CA LYS B 2 54.68 -10.18 -12.40
C LYS B 2 53.85 -11.36 -12.89
N LEU B 3 52.59 -11.08 -13.22
CA LEU B 3 51.67 -12.09 -13.74
C LEU B 3 51.38 -11.80 -15.20
N SER B 4 51.60 -12.80 -16.05
CA SER B 4 51.31 -12.64 -17.47
C SER B 4 49.81 -12.68 -17.72
N LYS B 5 49.42 -12.28 -18.92
CA LYS B 5 48.00 -12.18 -19.26
C LYS B 5 47.30 -13.53 -19.14
N ASP B 6 47.96 -14.60 -19.59
CA ASP B 6 47.35 -15.92 -19.50
C ASP B 6 47.12 -16.32 -18.05
N THR B 7 48.07 -15.99 -17.17
CA THR B 7 47.90 -16.29 -15.76
C THR B 7 46.70 -15.55 -15.18
N THR B 8 46.55 -14.28 -15.56
CA THR B 8 45.40 -13.50 -15.12
C THR B 8 44.10 -14.14 -15.60
N ALA B 9 44.06 -14.55 -16.86
CA ALA B 9 42.87 -15.20 -17.39
C ALA B 9 42.56 -16.49 -16.63
N LEU B 10 43.60 -17.29 -16.35
CA LEU B 10 43.39 -18.57 -15.69
C LEU B 10 42.87 -18.36 -14.27
N LEU B 11 43.46 -17.43 -13.53
CA LEU B 11 42.97 -17.17 -12.19
C LEU B 11 41.57 -16.57 -12.21
N LYS B 12 41.25 -15.81 -13.25
CA LYS B 12 39.87 -15.36 -13.44
C LYS B 12 38.94 -16.55 -13.60
N ASN B 13 39.35 -17.53 -14.40
CA ASN B 13 38.53 -18.74 -14.55
C ASN B 13 38.38 -19.46 -13.22
N PHE B 14 39.46 -19.50 -12.44
CA PHE B 14 39.45 -20.18 -11.16
C PHE B 14 38.58 -19.49 -10.12
N ALA B 15 38.49 -18.16 -10.17
CA ALA B 15 37.62 -17.46 -9.25
C ALA B 15 36.15 -17.81 -9.46
N THR B 16 35.80 -18.33 -10.64
CA THR B 16 34.41 -18.66 -10.93
C THR B 16 33.89 -19.76 -10.04
N ILE B 17 34.76 -20.51 -9.38
CA ILE B 17 34.34 -21.65 -8.57
C ILE B 17 34.54 -21.42 -7.08
N ASN B 18 35.57 -20.67 -6.67
CA ASN B 18 35.84 -20.43 -5.26
C ASN B 18 36.02 -18.93 -5.03
N SER B 19 35.51 -18.43 -3.91
CA SER B 19 35.66 -17.03 -3.58
C SER B 19 37.12 -16.68 -3.31
N GLY B 20 37.82 -17.52 -2.55
CA GLY B 20 39.20 -17.27 -2.18
C GLY B 20 40.16 -18.16 -2.94
N ILE B 21 41.44 -18.03 -2.59
CA ILE B 21 42.49 -18.85 -3.17
C ILE B 21 43.75 -18.70 -2.32
N MET B 22 44.63 -19.68 -2.40
CA MET B 22 45.97 -19.59 -1.84
C MET B 22 46.97 -19.39 -2.97
N LEU B 23 47.90 -18.46 -2.77
CA LEU B 23 48.95 -18.18 -3.72
C LEU B 23 50.24 -18.71 -3.11
N LYS B 24 50.59 -19.94 -3.46
CA LYS B 24 51.77 -20.59 -2.94
C LYS B 24 52.98 -20.26 -3.81
N SER B 25 54.17 -20.32 -3.20
CA SER B 25 55.39 -20.06 -3.93
C SER B 25 55.64 -21.15 -4.96
N GLY B 26 56.18 -20.75 -6.12
CA GLY B 26 56.46 -21.69 -7.17
C GLY B 26 55.77 -21.37 -8.48
N GLN B 27 55.28 -22.38 -9.18
CA GLN B 27 54.54 -22.21 -10.42
C GLN B 27 53.33 -23.13 -10.46
N PHE B 28 52.67 -23.29 -9.32
CA PHE B 28 51.52 -24.16 -9.20
C PHE B 28 50.39 -23.41 -8.52
N ILE B 29 49.18 -23.49 -9.08
CA ILE B 29 48.02 -22.81 -8.54
C ILE B 29 46.91 -23.83 -8.34
N MET B 30 46.26 -23.77 -7.18
CA MET B 30 45.32 -24.77 -6.72
C MET B 30 44.01 -24.11 -6.29
N THR B 31 42.90 -24.82 -6.46
CA THR B 31 41.62 -24.30 -6.01
C THR B 31 40.63 -25.45 -5.83
N ARG B 32 39.74 -25.29 -4.86
CA ARG B 32 38.74 -26.30 -4.53
C ARG B 32 37.40 -25.61 -4.29
N ALA B 33 36.33 -26.33 -4.61
CA ALA B 33 34.98 -25.80 -4.38
C ALA B 33 34.77 -25.51 -2.90
N VAL B 34 33.97 -24.47 -2.62
CA VAL B 34 33.69 -24.10 -1.24
C VAL B 34 32.98 -25.24 -0.53
N ASN B 35 32.06 -25.93 -1.20
CA ASN B 35 31.47 -27.14 -0.68
C ASN B 35 32.26 -28.38 -1.06
N GLY B 36 33.38 -28.21 -1.76
CA GLY B 36 34.24 -29.33 -2.12
C GLY B 36 33.64 -30.29 -3.12
N THR B 37 32.83 -29.80 -4.05
CA THR B 37 32.28 -30.65 -5.11
C THR B 37 33.11 -30.59 -6.38
N THR B 38 34.04 -29.65 -6.50
CA THR B 38 34.83 -29.51 -7.70
C THR B 38 36.22 -29.01 -7.33
N TYR B 39 37.19 -29.34 -8.18
CA TYR B 39 38.60 -29.12 -7.92
C TYR B 39 39.25 -28.63 -9.20
N ALA B 40 40.32 -27.86 -9.06
CA ALA B 40 41.02 -27.39 -10.25
C ALA B 40 42.44 -27.01 -9.88
N GLU B 41 43.32 -27.08 -10.88
CA GLU B 41 44.72 -26.70 -10.68
C GLU B 41 45.32 -26.32 -12.02
N ALA B 42 46.46 -25.63 -11.96
CA ALA B 42 47.16 -25.23 -13.17
C ALA B 42 48.60 -24.91 -12.86
N ASN B 43 49.40 -24.83 -13.92
CA ASN B 43 50.81 -24.47 -13.83
C ASN B 43 51.06 -23.20 -14.65
N ILE B 44 51.74 -22.25 -14.05
CA ILE B 44 52.06 -21.00 -14.71
C ILE B 44 53.55 -20.97 -15.04
N SER B 45 53.94 -19.97 -15.83
CA SER B 45 55.34 -19.75 -16.17
C SER B 45 56.00 -18.70 -15.29
N ASP B 46 55.31 -18.22 -14.26
CA ASP B 46 55.83 -17.17 -13.40
C ASP B 46 56.24 -17.76 -12.06
N VAL B 47 57.45 -17.43 -11.61
CA VAL B 47 57.97 -17.94 -10.35
C VAL B 47 57.39 -17.11 -9.20
N ILE B 48 56.76 -17.80 -8.25
CA ILE B 48 56.14 -17.16 -7.09
C ILE B 48 57.06 -17.33 -5.89
N ASP B 49 57.25 -16.25 -5.14
CA ASP B 49 58.18 -16.25 -4.01
C ASP B 49 57.50 -16.27 -2.65
N PHE B 50 56.20 -16.01 -2.58
CA PHE B 50 55.52 -15.99 -1.29
C PHE B 50 54.08 -16.48 -1.44
N ASP B 51 53.53 -16.96 -0.34
CA ASP B 51 52.16 -17.45 -0.28
C ASP B 51 51.27 -16.42 0.39
N VAL B 52 50.06 -16.27 -0.13
CA VAL B 52 49.11 -15.30 0.41
C VAL B 52 47.70 -15.78 0.12
N ALA B 53 46.82 -15.63 1.10
CA ALA B 53 45.41 -15.98 0.94
C ALA B 53 44.65 -14.77 0.42
N ILE B 54 43.87 -14.97 -0.63
CA ILE B 54 43.12 -13.90 -1.29
C ILE B 54 41.64 -14.22 -1.18
N TYR B 55 40.85 -13.26 -0.71
CA TYR B 55 39.43 -13.47 -0.46
C TYR B 55 38.55 -12.84 -1.55
N ASP B 56 38.81 -11.58 -1.91
CA ASP B 56 38.02 -10.89 -2.94
C ASP B 56 38.79 -10.96 -4.25
N LEU B 57 38.75 -12.14 -4.87
CA LEU B 57 39.62 -12.40 -6.01
C LEU B 57 39.12 -11.67 -7.26
N ASN B 58 37.81 -11.57 -7.44
CA ASN B 58 37.29 -10.88 -8.63
C ASN B 58 37.69 -9.41 -8.63
N GLY B 59 37.59 -8.75 -7.48
CA GLY B 59 38.11 -7.39 -7.39
C GLY B 59 39.61 -7.34 -7.59
N PHE B 60 40.33 -8.36 -7.12
CA PHE B 60 41.78 -8.39 -7.28
C PHE B 60 42.16 -8.46 -8.76
N LEU B 61 41.49 -9.32 -9.53
CA LEU B 61 41.79 -9.39 -10.94
C LEU B 61 41.32 -8.14 -11.67
N GLY B 62 40.21 -7.55 -11.23
CA GLY B 62 39.78 -6.29 -11.83
C GLY B 62 40.82 -5.19 -11.67
N ILE B 63 41.36 -5.05 -10.46
CA ILE B 63 42.34 -4.00 -10.22
C ILE B 63 43.66 -4.33 -10.92
N LEU B 64 44.01 -5.63 -10.98
CA LEU B 64 45.24 -6.00 -11.69
C LEU B 64 45.14 -5.70 -13.18
N SER B 65 43.97 -5.96 -13.78
CA SER B 65 43.81 -5.69 -15.20
C SER B 65 43.95 -4.22 -15.52
N LEU B 66 43.53 -3.35 -14.60
CA LEU B 66 43.60 -1.91 -14.86
C LEU B 66 45.02 -1.40 -14.97
N VAL B 67 46.00 -2.12 -14.42
CA VAL B 67 47.39 -1.70 -14.47
C VAL B 67 48.15 -2.62 -15.43
N ASN B 68 49.33 -2.18 -15.82
CA ASN B 68 50.15 -2.94 -16.75
C ASN B 68 50.69 -4.19 -16.09
N ASP B 69 51.02 -5.19 -16.92
CA ASP B 69 51.45 -6.48 -16.41
C ASP B 69 52.84 -6.42 -15.78
N ASP B 70 53.58 -5.33 -15.96
CA ASP B 70 54.91 -5.20 -15.39
C ASP B 70 54.88 -4.73 -13.94
N ALA B 71 53.71 -4.50 -13.38
CA ALA B 71 53.60 -4.13 -11.98
C ALA B 71 54.07 -5.28 -11.10
N GLU B 72 54.68 -4.94 -9.96
CA GLU B 72 55.28 -5.92 -9.07
C GLU B 72 54.39 -6.13 -7.85
N ILE B 73 54.24 -7.39 -7.45
CA ILE B 73 53.50 -7.76 -6.25
C ILE B 73 54.51 -8.12 -5.16
N SER B 74 54.34 -7.53 -3.99
CA SER B 74 55.27 -7.73 -2.89
C SER B 74 54.50 -7.81 -1.58
N GLN B 75 55.22 -8.23 -0.53
CA GLN B 75 54.68 -8.23 0.83
C GLN B 75 54.73 -6.81 1.37
N SER B 76 53.59 -6.26 1.73
CA SER B 76 53.53 -4.89 2.23
C SER B 76 54.06 -4.82 3.65
N GLU B 77 54.24 -3.58 4.12
CA GLU B 77 54.82 -3.36 5.44
C GLU B 77 53.89 -3.79 6.57
N ASP B 78 52.58 -3.84 6.33
CA ASP B 78 51.61 -4.17 7.37
C ASP B 78 50.98 -5.54 7.17
N GLY B 79 51.77 -6.52 6.72
CA GLY B 79 51.25 -7.87 6.55
C GLY B 79 50.16 -7.99 5.52
N ASN B 80 50.31 -7.31 4.39
CA ASN B 80 49.30 -7.30 3.34
C ASN B 80 50.01 -7.29 2.00
N ILE B 81 49.27 -6.99 0.93
CA ILE B 81 49.75 -7.09 -0.43
C ILE B 81 50.02 -5.70 -0.96
N LYS B 82 51.19 -5.49 -1.56
CA LYS B 82 51.56 -4.23 -2.18
C LYS B 82 51.74 -4.45 -3.67
N ILE B 83 51.18 -3.54 -4.47
CA ILE B 83 51.38 -3.51 -5.91
C ILE B 83 52.14 -2.23 -6.23
N ALA B 84 53.35 -2.39 -6.75
CA ALA B 84 54.21 -1.26 -7.08
C ALA B 84 54.33 -1.13 -8.59
N ASP B 85 54.04 0.06 -9.10
CA ASP B 85 54.13 0.37 -10.51
C ASP B 85 55.17 1.47 -10.73
N ALA B 86 55.32 1.90 -11.98
CA ALA B 86 56.27 2.96 -12.29
C ALA B 86 55.88 4.26 -11.61
N ARG B 87 54.58 4.52 -11.47
CA ARG B 87 54.10 5.77 -10.90
C ARG B 87 52.92 5.60 -9.96
N SER B 88 52.45 4.38 -9.70
CA SER B 88 51.29 4.17 -8.86
C SER B 88 51.56 3.04 -7.88
N THR B 89 50.98 3.14 -6.69
CA THR B 89 51.15 2.15 -5.64
C THR B 89 49.79 1.82 -5.05
N ILE B 90 49.53 0.53 -4.87
CA ILE B 90 48.25 0.02 -4.40
C ILE B 90 48.50 -0.88 -3.20
N PHE B 91 47.63 -0.79 -2.20
CA PHE B 91 47.72 -1.62 -1.01
C PHE B 91 46.43 -2.42 -0.87
N TRP B 92 46.51 -3.71 -1.19
CA TRP B 92 45.36 -4.61 -1.07
C TRP B 92 45.61 -5.57 0.07
N PRO B 93 44.73 -5.61 1.08
CA PRO B 93 45.00 -6.44 2.26
C PRO B 93 45.03 -7.93 1.94
N ALA B 94 45.80 -8.66 2.74
CA ALA B 94 45.90 -10.10 2.63
C ALA B 94 44.96 -10.75 3.64
N ALA B 95 44.15 -11.69 3.16
CA ALA B 95 43.18 -12.36 4.00
C ALA B 95 43.85 -13.44 4.86
N ASP B 96 43.14 -13.87 5.89
CA ASP B 96 43.65 -14.91 6.78
C ASP B 96 43.61 -16.26 6.08
N PRO B 97 44.72 -16.98 5.99
CA PRO B 97 44.68 -18.32 5.36
C PRO B 97 43.78 -19.30 6.09
N SER B 98 43.50 -19.09 7.37
CA SER B 98 42.61 -19.99 8.09
C SER B 98 41.19 -19.97 7.53
N THR B 99 40.69 -18.77 7.23
CA THR B 99 39.31 -18.63 6.77
C THR B 99 39.14 -18.98 5.29
N VAL B 100 40.20 -18.97 4.51
CA VAL B 100 40.13 -19.24 3.07
C VAL B 100 40.12 -20.73 2.85
N VAL B 101 39.15 -21.21 2.07
CA VAL B 101 38.95 -22.62 1.83
C VAL B 101 39.79 -23.04 0.64
N ALA B 102 40.70 -23.98 0.85
CA ALA B 102 41.60 -24.47 -0.18
C ALA B 102 42.17 -25.80 0.27
N PRO B 103 42.59 -26.65 -0.66
CA PRO B 103 43.23 -27.91 -0.27
C PRO B 103 44.55 -27.67 0.42
N ASN B 104 44.91 -28.59 1.32
CA ASN B 104 46.19 -28.53 2.01
C ASN B 104 47.32 -29.15 1.20
N LYS B 105 47.01 -29.89 0.15
CA LYS B 105 48.02 -30.58 -0.64
C LYS B 105 47.42 -30.95 -1.99
N PRO B 106 48.24 -31.05 -3.03
CA PRO B 106 47.71 -31.49 -4.33
C PRO B 106 47.19 -32.91 -4.27
N ILE B 107 46.15 -33.17 -5.07
CA ILE B 107 45.49 -34.47 -5.09
C ILE B 107 45.80 -35.14 -6.43
N PRO B 108 46.66 -36.15 -6.47
CA PRO B 108 46.88 -36.89 -7.70
C PRO B 108 45.62 -37.65 -8.13
N PHE B 109 45.49 -37.83 -9.43
CA PHE B 109 44.29 -38.49 -9.91
C PHE B 109 44.60 -39.94 -10.24
N PRO B 110 43.80 -40.88 -9.78
CA PRO B 110 44.07 -42.30 -10.04
C PRO B 110 43.75 -42.70 -11.48
N VAL B 111 43.88 -44.00 -11.76
CA VAL B 111 43.62 -44.51 -13.11
C VAL B 111 42.18 -44.22 -13.50
N ALA B 112 41.96 -44.03 -14.80
CA ALA B 112 40.66 -43.67 -15.33
C ALA B 112 39.96 -44.90 -15.88
N SER B 113 38.69 -45.08 -15.48
CA SER B 113 37.90 -46.16 -16.05
C SER B 113 37.56 -45.89 -17.51
N ALA B 114 37.32 -44.63 -17.86
CA ALA B 114 36.94 -44.25 -19.22
C ALA B 114 37.79 -43.09 -19.70
N VAL B 115 38.12 -43.10 -20.99
CA VAL B 115 38.97 -42.08 -21.61
C VAL B 115 38.31 -41.60 -22.90
N THR B 116 38.24 -40.29 -23.08
CA THR B 116 37.75 -39.71 -24.33
C THR B 116 38.24 -38.27 -24.42
N GLU B 117 37.82 -37.58 -25.47
CA GLU B 117 38.20 -36.18 -25.70
C GLU B 117 36.97 -35.36 -26.04
N ILE B 118 37.04 -34.07 -25.70
CA ILE B 118 35.96 -33.12 -25.96
C ILE B 118 36.56 -31.88 -26.60
N LYS B 119 35.93 -31.39 -27.66
CA LYS B 119 36.43 -30.21 -28.35
C LYS B 119 35.98 -28.94 -27.63
N ALA B 120 36.65 -27.84 -27.97
CA ALA B 120 36.27 -26.54 -27.39
C ALA B 120 34.87 -26.14 -27.82
N GLU B 121 34.54 -26.36 -29.10
CA GLU B 121 33.19 -26.03 -29.58
C GLU B 121 32.14 -26.84 -28.83
N ASP B 122 32.43 -28.11 -28.55
CA ASP B 122 31.50 -28.93 -27.79
C ASP B 122 31.23 -28.33 -26.43
N LEU B 123 32.29 -27.94 -25.71
CA LEU B 123 32.13 -27.34 -24.40
C LEU B 123 31.32 -26.05 -24.48
N GLN B 124 31.64 -25.20 -25.47
CA GLN B 124 30.93 -23.94 -25.62
C GLN B 124 29.45 -24.17 -25.86
N GLN B 125 29.11 -25.07 -26.78
CA GLN B 125 27.70 -25.27 -27.12
C GLN B 125 26.96 -25.94 -25.97
N LEU B 126 27.61 -26.86 -25.26
CA LEU B 126 26.92 -27.50 -24.15
C LEU B 126 26.68 -26.53 -23.00
N LEU B 127 27.65 -25.67 -22.70
CA LEU B 127 27.43 -24.65 -21.68
C LEU B 127 26.31 -23.70 -22.11
N ARG B 128 26.32 -23.29 -23.37
CA ARG B 128 25.30 -22.36 -23.86
C ARG B 128 23.90 -22.99 -23.77
N VAL B 129 23.77 -24.25 -24.17
CA VAL B 129 22.46 -24.89 -24.11
C VAL B 129 22.05 -25.14 -22.66
N SER B 130 23.01 -25.46 -21.80
CA SER B 130 22.70 -25.61 -20.38
C SER B 130 22.11 -24.32 -19.83
N ARG B 131 22.70 -23.18 -20.19
CA ARG B 131 22.11 -21.91 -19.82
C ARG B 131 20.72 -21.75 -20.42
N GLY B 132 20.60 -21.98 -21.73
CA GLY B 132 19.33 -21.80 -22.42
C GLY B 132 18.25 -22.79 -22.05
N LEU B 133 18.61 -24.05 -21.84
CA LEU B 133 17.65 -25.08 -21.48
C LEU B 133 17.52 -25.23 -19.96
N GLN B 134 18.15 -24.34 -19.20
CA GLN B 134 18.12 -24.32 -17.74
C GLN B 134 18.23 -25.73 -17.16
N ILE B 135 19.20 -26.48 -17.68
CA ILE B 135 19.43 -27.85 -17.26
C ILE B 135 20.03 -27.86 -15.86
N ASP B 136 19.82 -28.95 -15.13
CA ASP B 136 20.46 -29.14 -13.84
C ASP B 136 21.22 -30.46 -13.74
N THR B 137 20.97 -31.41 -14.63
CA THR B 137 21.58 -32.74 -14.57
C THR B 137 22.15 -33.09 -15.93
N ILE B 138 23.36 -33.62 -15.94
CA ILE B 138 23.94 -34.19 -17.15
C ILE B 138 24.30 -35.63 -16.88
N ALA B 139 23.86 -36.53 -17.75
CA ALA B 139 24.15 -37.95 -17.67
C ALA B 139 25.12 -38.30 -18.79
N ILE B 140 26.37 -38.58 -18.42
CA ILE B 140 27.37 -39.03 -19.38
C ILE B 140 27.37 -40.54 -19.39
N THR B 141 27.18 -41.13 -20.57
CA THR B 141 26.97 -42.57 -20.68
C THR B 141 27.55 -43.05 -21.99
N VAL B 142 27.26 -44.30 -22.34
CA VAL B 142 27.68 -44.89 -23.60
C VAL B 142 26.44 -45.46 -24.29
N LYS B 143 26.16 -44.97 -25.49
CA LYS B 143 25.08 -45.50 -26.31
C LYS B 143 25.66 -46.03 -27.61
N GLU B 144 25.34 -47.29 -27.93
CA GLU B 144 25.81 -47.96 -29.14
C GLU B 144 27.33 -47.90 -29.25
N GLY B 145 28.02 -48.10 -28.13
CA GLY B 145 29.46 -48.06 -28.12
C GLY B 145 30.06 -46.68 -28.29
N LYS B 146 29.25 -45.63 -28.12
CA LYS B 146 29.72 -44.26 -28.25
C LYS B 146 29.59 -43.57 -26.90
N ILE B 147 30.70 -43.05 -26.39
CA ILE B 147 30.65 -42.24 -25.18
C ILE B 147 30.03 -40.89 -25.52
N VAL B 148 28.87 -40.61 -24.92
CA VAL B 148 28.05 -39.45 -25.22
C VAL B 148 27.62 -38.81 -23.91
N ILE B 149 27.05 -37.62 -24.03
CA ILE B 149 26.51 -36.88 -22.90
C ILE B 149 25.08 -36.45 -23.23
N ASN B 150 24.17 -36.63 -22.28
CA ASN B 150 22.79 -36.21 -22.42
C ASN B 150 22.43 -35.27 -21.28
N GLY B 151 21.40 -34.46 -21.50
CA GLY B 151 20.98 -33.47 -20.53
C GLY B 151 19.57 -33.74 -20.03
N PHE B 152 19.41 -33.73 -18.71
CA PHE B 152 18.13 -33.99 -18.08
C PHE B 152 17.90 -32.97 -16.97
N ASN B 153 16.67 -32.49 -16.88
CA ASN B 153 16.27 -31.56 -15.83
C ASN B 153 15.77 -32.38 -14.65
N LYS B 154 16.61 -32.52 -13.62
CA LYS B 154 16.27 -33.38 -12.48
C LYS B 154 15.03 -32.87 -11.75
N VAL B 155 14.90 -31.55 -11.58
CA VAL B 155 13.77 -31.01 -10.85
C VAL B 155 12.46 -31.36 -11.55
N GLU B 156 12.38 -31.08 -12.85
CA GLU B 156 11.17 -31.43 -13.59
C GLU B 156 11.10 -32.92 -13.88
N ASP B 157 12.22 -33.52 -14.28
CA ASP B 157 12.29 -34.93 -14.66
C ASP B 157 13.17 -35.64 -13.63
N SER B 158 12.57 -36.06 -12.53
CA SER B 158 13.30 -36.74 -11.47
C SER B 158 13.84 -38.09 -11.92
N ALA B 159 13.23 -38.71 -12.92
CA ALA B 159 13.66 -40.00 -13.42
C ALA B 159 14.65 -39.89 -14.58
N LEU B 160 15.05 -38.67 -14.95
CA LEU B 160 15.94 -38.40 -16.08
C LEU B 160 15.59 -39.28 -17.28
N THR B 161 14.30 -39.32 -17.60
CA THR B 161 13.79 -40.17 -18.67
C THR B 161 13.54 -39.42 -19.98
N ARG B 162 13.79 -38.12 -20.03
CA ARG B 162 13.53 -37.31 -21.21
C ARG B 162 14.84 -36.65 -21.64
N VAL B 163 15.38 -37.07 -22.77
CA VAL B 163 16.64 -36.54 -23.27
C VAL B 163 16.36 -35.25 -24.02
N LYS B 164 16.38 -34.12 -23.30
CA LYS B 164 16.19 -32.84 -23.94
C LYS B 164 17.41 -32.45 -24.76
N TYR B 165 18.60 -32.80 -24.30
CA TYR B 165 19.84 -32.51 -25.00
C TYR B 165 20.73 -33.74 -25.02
N SER B 166 21.50 -33.91 -26.09
CA SER B 166 22.45 -35.00 -26.17
C SER B 166 23.63 -34.58 -27.04
N LEU B 167 24.76 -35.24 -26.85
CA LEU B 167 25.97 -34.95 -27.61
C LEU B 167 26.90 -36.15 -27.53
N THR B 168 27.43 -36.56 -28.67
CA THR B 168 28.36 -37.68 -28.74
C THR B 168 29.79 -37.17 -28.64
N LEU B 169 30.59 -37.81 -27.78
CA LEU B 169 31.97 -37.40 -27.58
C LEU B 169 32.97 -38.30 -28.32
N GLY B 170 32.81 -39.61 -28.21
CA GLY B 170 33.79 -40.48 -28.86
C GLY B 170 33.27 -41.88 -29.04
N ASP B 171 34.13 -42.74 -29.59
CA ASP B 171 33.81 -44.14 -29.83
C ASP B 171 34.49 -45.01 -28.78
N TYR B 172 33.68 -45.72 -28.00
CA TYR B 172 34.18 -46.56 -26.91
C TYR B 172 33.98 -48.02 -27.28
N ASP B 173 35.07 -48.72 -27.55
CA ASP B 173 35.04 -50.14 -27.92
C ASP B 173 35.23 -51.03 -26.70
N GLY B 174 34.33 -50.91 -25.72
CA GLY B 174 34.44 -51.71 -24.51
C GLY B 174 33.10 -52.12 -23.93
N GLU B 175 33.05 -53.34 -23.38
CA GLU B 175 31.83 -53.79 -22.72
C GLU B 175 31.54 -53.01 -21.44
N ASN B 176 32.54 -52.34 -20.89
CA ASN B 176 32.34 -51.48 -19.74
C ASN B 176 31.27 -50.44 -20.04
N THR B 177 30.33 -50.27 -19.11
CA THR B 177 29.23 -49.34 -19.29
C THR B 177 29.05 -48.51 -18.03
N PHE B 178 28.59 -47.27 -18.23
CA PHE B 178 28.47 -46.34 -17.12
C PHE B 178 27.48 -45.24 -17.49
N ASN B 179 27.00 -44.55 -16.47
CA ASN B 179 26.09 -43.42 -16.63
C ASN B 179 26.25 -42.57 -15.38
N PHE B 180 26.89 -41.42 -15.53
CA PHE B 180 27.25 -40.56 -14.41
C PHE B 180 26.47 -39.27 -14.48
N ILE B 181 25.88 -38.86 -13.34
CA ILE B 181 25.05 -37.68 -13.24
C ILE B 181 25.84 -36.59 -12.55
N ILE B 182 25.88 -35.40 -13.18
CA ILE B 182 26.64 -34.27 -12.68
C ILE B 182 25.75 -33.03 -12.70
N ASN B 183 25.88 -32.18 -11.69
CA ASN B 183 25.21 -30.90 -11.66
C ASN B 183 26.00 -29.88 -12.47
N MET B 184 25.28 -28.91 -13.03
CA MET B 184 25.90 -27.92 -13.90
C MET B 184 26.87 -27.04 -13.13
N ALA B 185 26.50 -26.65 -11.90
CA ALA B 185 27.32 -25.73 -11.13
C ALA B 185 28.73 -26.26 -10.92
N ASN B 186 28.90 -27.58 -10.95
CA ASN B 186 30.24 -28.15 -10.94
C ASN B 186 31.01 -27.76 -12.19
N MET B 187 30.34 -27.73 -13.34
CA MET B 187 31.00 -27.36 -14.59
C MET B 187 31.31 -25.88 -14.58
N LYS B 188 32.57 -25.54 -14.35
CA LYS B 188 33.05 -24.16 -14.37
C LYS B 188 34.29 -24.01 -15.24
N MET B 189 34.57 -25.00 -16.08
CA MET B 189 35.81 -25.00 -16.84
C MET B 189 35.84 -23.89 -17.89
N GLN B 190 37.02 -23.36 -18.13
CA GLN B 190 37.20 -22.40 -19.21
C GLN B 190 37.05 -23.11 -20.56
N PRO B 191 36.60 -22.39 -21.57
CA PRO B 191 36.46 -23.01 -22.90
C PRO B 191 37.80 -23.47 -23.44
N GLY B 192 37.77 -24.60 -24.12
CA GLY B 192 38.97 -25.17 -24.70
C GLY B 192 38.83 -26.66 -24.93
N ASN B 193 39.75 -27.18 -25.74
CA ASN B 193 39.79 -28.62 -25.97
C ASN B 193 40.32 -29.33 -24.73
N TYR B 194 39.62 -30.39 -24.33
CA TYR B 194 39.96 -31.09 -23.10
C TYR B 194 39.89 -32.59 -23.33
N LYS B 195 40.48 -33.33 -22.40
CA LYS B 195 40.40 -34.78 -22.36
C LYS B 195 39.65 -35.19 -21.11
N LEU B 196 38.66 -36.06 -21.28
CA LEU B 196 37.77 -36.48 -20.21
C LEU B 196 38.15 -37.88 -19.73
N LEU B 197 38.32 -38.02 -18.43
CA LEU B 197 38.60 -39.29 -17.77
C LEU B 197 37.54 -39.55 -16.71
N LEU B 198 37.05 -40.77 -16.65
CA LEU B 198 36.06 -41.19 -15.66
C LEU B 198 36.67 -42.27 -14.78
N TRP B 199 36.53 -42.10 -13.46
CA TRP B 199 37.01 -43.10 -12.53
C TRP B 199 36.00 -43.25 -11.39
N ALA B 200 35.48 -44.46 -11.20
CA ALA B 200 34.50 -44.73 -10.17
C ALA B 200 34.84 -46.03 -9.46
N LYS B 201 34.50 -46.09 -8.17
CA LYS B 201 34.63 -47.29 -7.36
C LYS B 201 33.33 -47.44 -6.58
N GLY B 202 32.44 -48.30 -7.09
CA GLY B 202 31.17 -48.51 -6.41
C GLY B 202 30.38 -47.22 -6.34
N LYS B 203 30.01 -46.83 -5.11
CA LYS B 203 29.30 -45.59 -4.91
C LYS B 203 30.16 -44.39 -5.31
N GLN B 204 31.45 -44.45 -5.02
CA GLN B 204 32.35 -43.35 -5.36
C GLN B 204 32.44 -43.18 -6.88
N GLY B 205 32.50 -41.93 -7.33
CA GLY B 205 32.69 -41.64 -8.73
C GLY B 205 33.21 -40.24 -8.92
N ALA B 206 34.01 -40.05 -9.97
CA ALA B 206 34.57 -38.74 -10.26
C ALA B 206 34.98 -38.67 -11.72
N ALA B 207 35.12 -37.43 -12.20
CA ALA B 207 35.54 -37.16 -13.56
C ALA B 207 36.66 -36.12 -13.55
N LYS B 208 37.45 -36.11 -14.62
CA LYS B 208 38.57 -35.20 -14.72
C LYS B 208 38.69 -34.68 -16.16
N PHE B 209 38.87 -33.37 -16.29
CA PHE B 209 39.08 -32.72 -17.57
C PHE B 209 40.50 -32.17 -17.59
N GLU B 210 41.30 -32.61 -18.54
CA GLU B 210 42.69 -32.16 -18.67
C GLU B 210 42.81 -31.26 -19.90
N GLY B 211 43.41 -30.10 -19.70
CA GLY B 211 43.72 -29.20 -20.79
C GLY B 211 45.19 -28.82 -20.78
N GLU B 212 45.58 -28.09 -21.83
CA GLU B 212 46.97 -27.68 -21.99
C GLU B 212 47.43 -26.69 -20.93
N HIS B 213 46.50 -26.06 -20.21
CA HIS B 213 46.86 -25.12 -19.16
C HIS B 213 46.41 -25.59 -17.79
N ALA B 214 45.12 -25.89 -17.62
CA ALA B 214 44.57 -26.22 -16.32
C ALA B 214 43.79 -27.53 -16.39
N ASN B 215 43.56 -28.11 -15.22
CA ASN B 215 42.82 -29.36 -15.09
C ASN B 215 41.75 -29.20 -14.03
N TYR B 216 40.65 -29.93 -14.22
CA TYR B 216 39.50 -29.88 -13.34
C TYR B 216 39.10 -31.30 -12.94
N VAL B 217 38.54 -31.42 -11.74
CA VAL B 217 38.00 -32.68 -11.23
C VAL B 217 36.61 -32.40 -10.69
N VAL B 218 35.64 -33.24 -11.08
CA VAL B 218 34.24 -33.01 -10.80
C VAL B 218 33.66 -34.22 -10.10
N ALA B 219 32.94 -33.97 -9.01
CA ALA B 219 32.22 -35.03 -8.30
C ALA B 219 30.96 -35.42 -9.05
N LEU B 220 30.53 -36.65 -8.85
CA LEU B 220 29.35 -37.20 -9.50
C LEU B 220 28.22 -37.38 -8.51
N GLU B 221 27.00 -37.48 -9.03
CA GLU B 221 25.85 -37.81 -8.20
C GLU B 221 25.90 -39.27 -7.78
N ALA B 222 25.47 -39.55 -6.55
CA ALA B 222 25.49 -40.91 -6.03
C ALA B 222 24.53 -41.83 -6.76
N ASP B 223 23.53 -41.29 -7.47
CA ASP B 223 22.60 -42.12 -8.23
C ASP B 223 23.21 -42.64 -9.53
N SER B 224 24.45 -42.29 -9.83
CA SER B 224 25.10 -42.75 -11.06
C SER B 224 25.22 -44.27 -11.05
N THR B 225 25.03 -44.88 -12.22
CA THR B 225 25.15 -46.32 -12.40
C THR B 225 26.43 -46.64 -13.14
N HIS B 226 26.99 -47.82 -12.88
CA HIS B 226 28.21 -48.20 -13.57
C HIS B 226 28.49 -49.68 -13.35
N ASP B 227 28.87 -50.37 -14.42
CA ASP B 227 29.45 -51.70 -14.34
C ASP B 227 30.70 -51.70 -15.21
N PHE B 228 31.84 -51.99 -14.58
CA PHE B 228 33.14 -51.87 -15.24
C PHE B 228 33.68 -53.24 -15.63
N MET C 1 14.51 -29.32 -41.83
CA MET C 1 14.50 -27.90 -42.16
C MET C 1 15.78 -27.21 -41.71
N LYS C 2 16.21 -26.23 -42.51
CA LYS C 2 17.32 -25.35 -42.15
C LYS C 2 16.83 -23.91 -42.24
N LEU C 3 17.01 -23.16 -41.16
CA LEU C 3 16.51 -21.79 -41.07
C LEU C 3 17.68 -20.83 -41.18
N SER C 4 17.73 -20.07 -42.27
CA SER C 4 18.81 -19.13 -42.48
C SER C 4 18.74 -18.00 -41.46
N LYS C 5 19.88 -17.31 -41.30
CA LYS C 5 20.00 -16.31 -40.24
C LYS C 5 18.98 -15.18 -40.43
N ASP C 6 18.68 -14.82 -41.69
CA ASP C 6 17.65 -13.81 -41.92
C ASP C 6 16.30 -14.30 -41.43
N THR C 7 15.98 -15.56 -41.67
CA THR C 7 14.75 -16.13 -41.14
C THR C 7 14.76 -16.11 -39.61
N THR C 8 15.93 -16.34 -39.01
CA THR C 8 16.03 -16.29 -37.56
C THR C 8 15.72 -14.88 -37.06
N ALA C 9 16.27 -13.86 -37.71
CA ALA C 9 16.00 -12.49 -37.29
C ALA C 9 14.53 -12.12 -37.47
N LEU C 10 13.94 -12.54 -38.59
CA LEU C 10 12.52 -12.28 -38.80
C LEU C 10 11.68 -12.96 -37.74
N LEU C 11 12.01 -14.20 -37.41
CA LEU C 11 11.32 -14.89 -36.32
C LEU C 11 11.54 -14.16 -35.00
N LYS C 12 12.70 -13.55 -34.82
CA LYS C 12 12.96 -12.80 -33.59
C LYS C 12 12.02 -11.61 -33.48
N ASN C 13 11.84 -10.89 -34.59
CA ASN C 13 10.88 -9.78 -34.57
C ASN C 13 9.46 -10.29 -34.33
N PHE C 14 9.09 -11.39 -35.00
CA PHE C 14 7.79 -11.98 -34.78
C PHE C 14 7.63 -12.51 -33.35
N ALA C 15 8.75 -12.75 -32.67
CA ALA C 15 8.71 -13.05 -31.24
C ALA C 15 8.51 -11.78 -30.43
N THR C 16 9.14 -10.69 -30.84
CA THR C 16 8.95 -9.42 -30.14
C THR C 16 7.49 -9.00 -30.14
N ILE C 17 6.79 -9.22 -31.25
CA ILE C 17 5.36 -8.93 -31.25
C ILE C 17 4.62 -9.95 -30.39
N ASN C 18 5.00 -11.22 -30.46
CA ASN C 18 4.30 -12.25 -29.70
C ASN C 18 5.28 -13.34 -29.28
N SER C 19 5.31 -13.64 -27.98
CA SER C 19 6.28 -14.58 -27.45
C SER C 19 6.10 -15.98 -28.00
N GLY C 20 4.89 -16.33 -28.43
CA GLY C 20 4.62 -17.61 -29.03
C GLY C 20 4.31 -17.48 -30.51
N ILE C 21 4.26 -18.63 -31.19
CA ILE C 21 3.95 -18.66 -32.61
C ILE C 21 3.40 -20.04 -32.96
N MET C 22 2.68 -20.12 -34.07
CA MET C 22 2.37 -21.36 -34.75
C MET C 22 2.75 -21.19 -36.21
N LEU C 23 3.08 -22.29 -36.87
CA LEU C 23 3.47 -22.23 -38.26
C LEU C 23 2.98 -23.47 -38.99
N LYS C 24 2.61 -23.28 -40.25
CA LYS C 24 2.20 -24.36 -41.14
C LYS C 24 3.27 -24.56 -42.21
N SER C 25 3.13 -25.65 -42.96
CA SER C 25 4.08 -25.96 -44.02
C SER C 25 4.00 -24.94 -45.14
N GLY C 26 5.15 -24.49 -45.60
CA GLY C 26 5.23 -23.50 -46.66
C GLY C 26 6.42 -22.58 -46.43
N GLN C 27 6.37 -21.41 -47.05
CA GLN C 27 7.39 -20.39 -46.86
C GLN C 27 6.79 -19.08 -46.38
N PHE C 28 5.49 -19.05 -46.06
CA PHE C 28 4.78 -17.84 -45.67
C PHE C 28 4.47 -17.92 -44.19
N ILE C 29 4.88 -16.90 -43.45
CA ILE C 29 4.70 -16.84 -42.01
C ILE C 29 3.73 -15.72 -41.67
N MET C 30 2.85 -15.99 -40.71
CA MET C 30 1.85 -15.02 -40.28
C MET C 30 1.74 -15.13 -38.76
N THR C 31 1.88 -13.99 -38.08
CA THR C 31 1.86 -13.96 -36.62
C THR C 31 1.05 -12.76 -36.15
N ARG C 32 0.18 -12.99 -35.17
CA ARG C 32 -0.57 -11.93 -34.53
C ARG C 32 -0.05 -11.75 -33.10
N ALA C 33 -0.62 -10.78 -32.40
CA ALA C 33 -0.39 -10.60 -30.99
C ALA C 33 -1.67 -10.89 -30.21
N VAL C 34 -1.52 -10.99 -28.89
CA VAL C 34 -2.67 -11.33 -28.04
C VAL C 34 -3.71 -10.22 -28.09
N ASN C 35 -3.26 -8.96 -28.01
CA ASN C 35 -4.18 -7.84 -28.02
C ASN C 35 -4.88 -7.66 -29.36
N GLY C 36 -4.39 -8.28 -30.42
CA GLY C 36 -5.03 -8.22 -31.70
C GLY C 36 -4.80 -6.95 -32.49
N THR C 37 -4.09 -5.97 -31.93
CA THR C 37 -3.86 -4.72 -32.63
C THR C 37 -2.71 -4.79 -33.61
N THR C 38 -1.95 -5.89 -33.63
CA THR C 38 -0.81 -6.01 -34.51
C THR C 38 -0.89 -7.32 -35.26
N TYR C 39 -0.42 -7.30 -36.50
CA TYR C 39 -0.39 -8.48 -37.37
C TYR C 39 0.87 -8.38 -38.21
N ALA C 40 1.38 -9.54 -38.62
CA ALA C 40 2.56 -9.50 -39.46
C ALA C 40 2.58 -10.72 -40.36
N GLU C 41 3.07 -10.53 -41.58
CA GLU C 41 3.20 -11.64 -42.51
C GLU C 41 4.45 -11.43 -43.34
N ALA C 42 4.96 -12.52 -43.90
CA ALA C 42 6.18 -12.46 -44.69
C ALA C 42 6.33 -13.76 -45.45
N ASN C 43 7.30 -13.77 -46.37
CA ASN C 43 7.65 -14.95 -47.15
C ASN C 43 9.14 -15.17 -47.02
N ILE C 44 9.53 -16.13 -46.18
CA ILE C 44 10.94 -16.34 -45.88
C ILE C 44 11.62 -17.03 -47.06
N SER C 45 12.94 -16.88 -47.12
CA SER C 45 13.72 -17.55 -48.17
C SER C 45 13.60 -19.06 -48.05
N ASP C 46 13.69 -19.58 -46.83
CA ASP C 46 13.55 -21.01 -46.62
C ASP C 46 12.08 -21.41 -46.71
N VAL C 47 11.81 -22.70 -46.52
CA VAL C 47 10.47 -23.25 -46.60
C VAL C 47 10.23 -24.14 -45.38
N ILE C 48 9.08 -23.97 -44.74
CA ILE C 48 8.65 -24.85 -43.67
C ILE C 48 7.92 -26.03 -44.27
N ASP C 49 8.28 -27.24 -43.87
CA ASP C 49 7.64 -28.44 -44.38
C ASP C 49 6.71 -29.14 -43.40
N PHE C 50 6.83 -28.86 -42.11
CA PHE C 50 5.95 -29.46 -41.11
C PHE C 50 5.41 -28.37 -40.19
N ASP C 51 4.11 -28.44 -39.93
CA ASP C 51 3.47 -27.48 -39.04
C ASP C 51 3.84 -27.78 -37.59
N VAL C 52 4.07 -26.73 -36.81
CA VAL C 52 4.40 -26.88 -35.40
C VAL C 52 4.18 -25.55 -34.72
N ALA C 53 3.92 -25.59 -33.41
CA ALA C 53 3.74 -24.40 -32.60
C ALA C 53 4.82 -24.33 -31.52
N ILE C 54 5.38 -23.16 -31.34
CA ILE C 54 6.43 -22.93 -30.35
C ILE C 54 5.92 -21.93 -29.32
N TYR C 55 6.10 -22.26 -28.05
CA TYR C 55 5.59 -21.42 -26.98
C TYR C 55 6.55 -20.28 -26.65
N ASP C 56 7.82 -20.60 -26.43
CA ASP C 56 8.84 -19.61 -26.08
C ASP C 56 9.82 -19.51 -27.24
N LEU C 57 9.58 -18.54 -28.11
CA LEU C 57 10.43 -18.37 -29.29
C LEU C 57 11.78 -17.79 -28.95
N ASN C 58 11.89 -17.01 -27.87
CA ASN C 58 13.15 -16.35 -27.57
C ASN C 58 14.26 -17.37 -27.33
N GLY C 59 14.02 -18.32 -26.43
CA GLY C 59 14.99 -19.36 -26.19
C GLY C 59 15.22 -20.22 -27.41
N PHE C 60 14.17 -20.48 -28.19
CA PHE C 60 14.27 -21.27 -29.41
C PHE C 60 15.27 -20.65 -30.37
N LEU C 61 15.08 -19.36 -30.67
CA LEU C 61 15.98 -18.68 -31.56
C LEU C 61 17.38 -18.56 -30.96
N GLY C 62 17.47 -18.37 -29.65
CA GLY C 62 18.78 -18.33 -29.04
C GLY C 62 19.56 -19.61 -29.23
N ILE C 63 18.92 -20.74 -28.92
CA ILE C 63 19.61 -22.02 -29.04
C ILE C 63 19.92 -22.35 -30.49
N LEU C 64 19.02 -21.96 -31.40
CA LEU C 64 19.33 -22.15 -32.82
C LEU C 64 20.49 -21.29 -33.28
N SER C 65 20.67 -20.10 -32.69
CA SER C 65 21.85 -19.32 -32.98
C SER C 65 23.09 -19.95 -32.35
N LEU C 66 22.91 -20.66 -31.24
CA LEU C 66 24.03 -21.36 -30.61
C LEU C 66 24.56 -22.49 -31.48
N VAL C 67 23.70 -23.10 -32.27
CA VAL C 67 24.07 -24.27 -33.04
C VAL C 67 24.32 -23.86 -34.48
N ASN C 68 24.89 -24.77 -35.25
CA ASN C 68 25.22 -24.48 -36.64
C ASN C 68 23.95 -24.34 -37.47
N ASP C 69 24.02 -23.48 -38.49
CA ASP C 69 22.86 -23.26 -39.34
C ASP C 69 22.50 -24.52 -40.11
N ASP C 70 23.51 -25.27 -40.56
CA ASP C 70 23.26 -26.49 -41.32
C ASP C 70 22.48 -27.51 -40.50
N ALA C 71 22.55 -27.43 -39.17
CA ALA C 71 21.85 -28.39 -38.32
C ALA C 71 20.37 -28.41 -38.66
N GLU C 72 19.84 -29.61 -38.87
CA GLU C 72 18.48 -29.76 -39.36
C GLU C 72 17.49 -29.68 -38.21
N ILE C 73 16.33 -29.12 -38.50
CA ILE C 73 15.23 -29.04 -37.54
C ILE C 73 14.05 -29.82 -38.11
N SER C 74 13.34 -30.53 -37.23
CA SER C 74 12.22 -31.34 -37.66
C SER C 74 11.35 -31.63 -36.44
N GLN C 75 10.25 -32.32 -36.67
CA GLN C 75 9.38 -32.76 -35.59
C GLN C 75 9.90 -34.08 -35.05
N SER C 76 9.99 -34.17 -33.72
CA SER C 76 10.57 -35.34 -33.10
C SER C 76 9.59 -36.52 -33.14
N GLU C 77 10.11 -37.70 -32.81
CA GLU C 77 9.29 -38.91 -32.85
C GLU C 77 8.16 -38.89 -31.84
N ASP C 78 8.29 -38.11 -30.78
CA ASP C 78 7.25 -37.99 -29.75
C ASP C 78 6.27 -36.86 -30.04
N GLY C 79 6.38 -36.23 -31.20
CA GLY C 79 5.56 -35.08 -31.53
C GLY C 79 6.17 -33.74 -31.17
N ASN C 80 7.29 -33.74 -30.47
CA ASN C 80 7.99 -32.52 -30.11
C ASN C 80 8.94 -32.14 -31.24
N ILE C 81 9.85 -31.21 -30.98
CA ILE C 81 10.77 -30.67 -31.98
C ILE C 81 12.16 -31.21 -31.68
N LYS C 82 12.84 -31.71 -32.72
CA LYS C 82 14.20 -32.18 -32.60
C LYS C 82 15.09 -31.48 -33.61
N ILE C 83 16.27 -31.08 -33.17
CA ILE C 83 17.28 -30.49 -34.04
C ILE C 83 18.54 -31.34 -33.95
N ALA C 84 19.01 -31.78 -35.11
CA ALA C 84 20.21 -32.61 -35.20
C ALA C 84 21.35 -31.79 -35.75
N ASP C 85 22.48 -31.83 -35.05
CA ASP C 85 23.72 -31.21 -35.47
C ASP C 85 24.72 -32.28 -35.86
N ALA C 86 25.91 -31.83 -36.29
CA ALA C 86 26.95 -32.76 -36.69
C ALA C 86 27.34 -33.72 -35.57
N ARG C 87 27.29 -33.24 -34.32
CA ARG C 87 27.66 -34.06 -33.18
C ARG C 87 26.64 -34.03 -32.05
N SER C 88 25.62 -33.19 -32.13
CA SER C 88 24.72 -33.01 -31.01
C SER C 88 23.27 -33.04 -31.49
N THR C 89 22.37 -33.24 -30.54
CA THR C 89 20.94 -33.26 -30.81
C THR C 89 20.22 -32.59 -29.65
N ILE C 90 19.19 -31.80 -29.97
CA ILE C 90 18.43 -31.07 -28.98
C ILE C 90 16.95 -31.35 -29.18
N PHE C 91 16.20 -31.34 -28.08
CA PHE C 91 14.76 -31.60 -28.09
C PHE C 91 14.05 -30.47 -27.36
N TRP C 92 12.93 -30.04 -27.93
CA TRP C 92 12.13 -28.97 -27.38
C TRP C 92 10.66 -29.40 -27.37
N PRO C 93 9.92 -29.13 -26.30
CA PRO C 93 8.52 -29.54 -26.25
C PRO C 93 7.68 -28.81 -27.30
N ALA C 94 6.64 -29.50 -27.76
CA ALA C 94 5.75 -28.95 -28.78
C ALA C 94 4.59 -28.22 -28.11
N ALA C 95 4.44 -26.94 -28.44
CA ALA C 95 3.30 -26.18 -27.95
C ALA C 95 2.04 -26.58 -28.70
N ASP C 96 0.94 -26.71 -27.96
CA ASP C 96 -0.34 -27.06 -28.57
C ASP C 96 -0.90 -25.85 -29.32
N PRO C 97 -1.73 -26.09 -30.35
CA PRO C 97 -2.35 -24.95 -31.05
C PRO C 97 -3.18 -24.06 -30.15
N SER C 98 -3.85 -24.64 -29.15
CA SER C 98 -4.71 -23.84 -28.28
C SER C 98 -3.93 -23.02 -27.28
N THR C 99 -2.73 -23.48 -26.88
CA THR C 99 -1.97 -22.80 -25.84
C THR C 99 -1.17 -21.62 -26.35
N VAL C 100 -1.11 -21.41 -27.66
CA VAL C 100 -0.39 -20.27 -28.25
C VAL C 100 -1.34 -19.55 -29.19
N VAL C 101 -1.50 -18.24 -28.97
CA VAL C 101 -2.34 -17.44 -29.84
C VAL C 101 -1.72 -17.38 -31.22
N ALA C 102 -2.52 -17.64 -32.24
CA ALA C 102 -2.05 -17.64 -33.62
C ALA C 102 -3.07 -16.96 -34.51
N PRO C 103 -2.63 -16.32 -35.59
CA PRO C 103 -3.57 -15.70 -36.53
C PRO C 103 -4.34 -16.74 -37.32
N ASN C 104 -5.62 -16.45 -37.55
CA ASN C 104 -6.51 -17.41 -38.19
C ASN C 104 -6.08 -17.70 -39.62
N LYS C 105 -5.92 -16.66 -40.42
CA LYS C 105 -5.79 -16.82 -41.87
C LYS C 105 -5.11 -15.57 -42.43
N PRO C 106 -4.58 -15.66 -43.65
CA PRO C 106 -4.02 -14.46 -44.27
C PRO C 106 -5.08 -13.37 -44.42
N ILE C 107 -4.65 -12.13 -44.25
CA ILE C 107 -5.59 -11.01 -44.15
C ILE C 107 -5.79 -10.35 -45.51
N PRO C 108 -7.02 -10.25 -45.98
CA PRO C 108 -7.27 -9.54 -47.25
C PRO C 108 -7.34 -8.03 -47.07
N PHE C 109 -6.20 -7.36 -47.06
CA PHE C 109 -6.19 -5.91 -46.91
C PHE C 109 -6.86 -5.26 -48.13
N PRO C 110 -7.88 -4.44 -47.93
CA PRO C 110 -8.59 -3.86 -49.08
C PRO C 110 -7.78 -2.80 -49.80
N VAL C 111 -8.40 -2.17 -50.81
CA VAL C 111 -7.71 -1.13 -51.56
C VAL C 111 -7.34 0.02 -50.63
N ALA C 112 -6.10 0.48 -50.72
CA ALA C 112 -5.59 1.45 -49.78
C ALA C 112 -6.30 2.79 -49.94
N SER C 113 -6.76 3.36 -48.83
CA SER C 113 -7.34 4.70 -48.86
C SER C 113 -6.28 5.75 -49.14
N ALA C 114 -5.08 5.55 -48.61
CA ALA C 114 -3.97 6.47 -48.85
C ALA C 114 -2.67 5.69 -48.84
N VAL C 115 -1.66 6.25 -49.51
CA VAL C 115 -0.40 5.56 -49.71
C VAL C 115 0.73 6.58 -49.61
N THR C 116 1.82 6.18 -48.95
CA THR C 116 3.04 6.97 -48.96
C THR C 116 4.22 6.05 -48.73
N GLU C 117 5.41 6.63 -48.64
CA GLU C 117 6.65 5.88 -48.45
C GLU C 117 7.47 6.53 -47.36
N ILE C 118 8.04 5.71 -46.48
CA ILE C 118 8.94 6.18 -45.42
C ILE C 118 10.29 5.49 -45.60
N LYS C 119 11.35 6.29 -45.52
CA LYS C 119 12.71 5.76 -45.60
C LYS C 119 13.13 5.17 -44.27
N ALA C 120 14.17 4.35 -44.30
CA ALA C 120 14.61 3.65 -43.11
C ALA C 120 15.09 4.61 -42.03
N GLU C 121 15.84 5.64 -42.42
CA GLU C 121 16.43 6.53 -41.43
C GLU C 121 15.36 7.24 -40.61
N ASP C 122 14.31 7.72 -41.27
CA ASP C 122 13.27 8.44 -40.55
C ASP C 122 12.53 7.52 -39.58
N LEU C 123 12.21 6.30 -39.99
CA LEU C 123 11.55 5.37 -39.09
C LEU C 123 12.45 5.03 -37.91
N GLN C 124 13.74 4.84 -38.16
CA GLN C 124 14.69 4.57 -37.08
C GLN C 124 14.72 5.73 -36.10
N GLN C 125 14.75 6.95 -36.62
CA GLN C 125 14.77 8.12 -35.74
C GLN C 125 13.50 8.20 -34.91
N LEU C 126 12.34 7.95 -35.52
CA LEU C 126 11.10 8.01 -34.77
C LEU C 126 11.09 6.98 -33.65
N LEU C 127 11.41 5.72 -33.97
CA LEU C 127 11.40 4.68 -32.96
C LEU C 127 12.42 4.95 -31.85
N ARG C 128 13.60 5.44 -32.20
CA ARG C 128 14.63 5.66 -31.20
C ARG C 128 14.33 6.88 -30.33
N VAL C 129 13.60 7.86 -30.86
CA VAL C 129 13.40 9.08 -30.12
C VAL C 129 12.07 9.13 -29.39
N SER C 130 11.11 8.27 -29.74
CA SER C 130 9.86 8.29 -29.00
C SER C 130 10.02 7.89 -27.55
N ARG C 131 11.06 7.11 -27.23
CA ARG C 131 11.31 6.76 -25.83
C ARG C 131 11.99 7.91 -25.10
N GLY C 132 12.81 8.70 -25.80
CA GLY C 132 13.52 9.78 -25.14
C GLY C 132 12.60 10.87 -24.65
N LEU C 133 11.52 11.13 -25.38
CA LEU C 133 10.59 12.20 -25.04
C LEU C 133 9.26 11.67 -24.53
N GLN C 134 9.19 10.38 -24.21
CA GLN C 134 7.95 9.76 -23.75
C GLN C 134 6.81 10.03 -24.72
N ILE C 135 7.12 9.91 -26.02
CA ILE C 135 6.13 10.16 -27.06
C ILE C 135 5.27 8.91 -27.22
N ASP C 136 4.18 8.85 -26.45
CA ASP C 136 3.38 7.64 -26.41
C ASP C 136 2.68 7.38 -27.74
N THR C 137 2.21 8.42 -28.41
CA THR C 137 1.34 8.21 -29.55
C THR C 137 1.81 9.06 -30.72
N ILE C 138 1.53 8.60 -31.94
CA ILE C 138 1.90 9.34 -33.14
C ILE C 138 0.65 9.64 -33.93
N ALA C 139 0.68 10.72 -34.70
CA ALA C 139 -0.39 11.07 -35.60
C ALA C 139 0.18 11.28 -37.00
N ILE C 140 -0.52 10.74 -37.99
CA ILE C 140 -0.14 10.98 -39.41
C ILE C 140 -1.30 11.76 -40.02
N THR C 141 -1.06 12.98 -40.52
CA THR C 141 -2.21 13.80 -40.99
C THR C 141 -1.82 14.63 -42.21
N VAL C 142 -2.78 15.38 -42.76
CA VAL C 142 -2.52 16.23 -43.96
C VAL C 142 -2.24 17.66 -43.51
N LYS C 143 -0.99 18.12 -43.62
CA LYS C 143 -0.66 19.49 -43.29
C LYS C 143 -0.12 20.17 -44.53
N GLU C 144 -0.61 21.37 -44.82
CA GLU C 144 -0.26 22.15 -46.01
C GLU C 144 -0.15 21.29 -47.26
N GLY C 145 -1.15 20.43 -47.46
CA GLY C 145 -1.22 19.63 -48.67
C GLY C 145 -0.20 18.53 -48.78
N LYS C 146 0.43 18.14 -47.67
CA LYS C 146 1.42 17.09 -47.65
C LYS C 146 1.16 16.19 -46.45
N ILE C 147 1.39 14.91 -46.60
CA ILE C 147 1.22 13.98 -45.49
C ILE C 147 2.46 14.03 -44.61
N VAL C 148 2.24 14.11 -43.30
CA VAL C 148 3.33 14.25 -42.33
C VAL C 148 2.92 13.53 -41.06
N ILE C 149 3.90 13.41 -40.14
CA ILE C 149 3.67 12.77 -38.85
C ILE C 149 4.13 13.73 -37.77
N ASN C 150 3.50 13.60 -36.60
CA ASN C 150 3.85 14.38 -35.43
C ASN C 150 3.56 13.58 -34.18
N GLY C 151 4.42 13.72 -33.17
CA GLY C 151 4.29 12.95 -31.95
C GLY C 151 3.48 13.68 -30.90
N PHE C 152 2.50 12.98 -30.34
CA PHE C 152 1.70 13.48 -29.23
C PHE C 152 1.90 12.57 -28.02
N ASN C 153 2.03 13.17 -26.84
CA ASN C 153 2.20 12.43 -25.61
C ASN C 153 0.84 12.29 -24.92
N LYS C 154 0.37 11.04 -24.82
CA LYS C 154 -0.98 10.80 -24.32
C LYS C 154 -1.05 10.98 -22.81
N VAL C 155 0.00 10.60 -22.08
CA VAL C 155 -0.08 10.53 -20.62
C VAL C 155 -0.39 11.90 -20.04
N GLU C 156 0.14 12.97 -20.63
CA GLU C 156 -0.15 14.30 -20.14
C GLU C 156 -1.14 15.06 -21.01
N ASP C 157 -1.20 14.77 -22.31
CA ASP C 157 -2.06 15.48 -23.26
C ASP C 157 -3.10 14.49 -23.77
N SER C 158 -4.21 14.36 -23.04
CA SER C 158 -5.31 13.55 -23.54
C SER C 158 -6.03 14.23 -24.69
N ALA C 159 -5.90 15.55 -24.80
CA ALA C 159 -6.56 16.29 -25.88
C ALA C 159 -5.84 16.15 -27.21
N LEU C 160 -4.63 15.60 -27.22
CA LEU C 160 -3.86 15.38 -28.45
C LEU C 160 -3.60 16.71 -29.17
N THR C 161 -2.94 17.61 -28.47
CA THR C 161 -2.68 18.93 -29.02
C THR C 161 -1.23 19.35 -28.95
N ARG C 162 -0.51 19.00 -27.89
CA ARG C 162 0.81 19.54 -27.63
C ARG C 162 1.81 18.89 -28.59
N VAL C 163 2.22 19.64 -29.62
CA VAL C 163 3.16 19.10 -30.60
C VAL C 163 4.56 19.11 -30.01
N LYS C 164 5.15 17.93 -29.90
CA LYS C 164 6.53 17.78 -29.42
C LYS C 164 7.48 17.34 -30.52
N TYR C 165 7.17 16.24 -31.19
CA TYR C 165 7.96 15.73 -32.29
C TYR C 165 7.13 15.82 -33.57
N SER C 166 7.78 16.17 -34.66
CA SER C 166 7.08 16.31 -35.94
C SER C 166 8.06 16.03 -37.07
N LEU C 167 7.66 15.15 -37.97
CA LEU C 167 8.52 14.73 -39.07
C LEU C 167 7.77 14.84 -40.38
N THR C 168 8.40 15.44 -41.38
CA THR C 168 7.81 15.51 -42.70
C THR C 168 7.87 14.15 -43.37
N LEU C 169 6.76 13.73 -43.96
CA LEU C 169 6.67 12.43 -44.60
C LEU C 169 6.78 12.54 -46.11
N GLY C 170 5.92 13.33 -46.74
CA GLY C 170 5.99 13.47 -48.19
C GLY C 170 4.75 14.18 -48.71
N ASP C 171 4.65 14.21 -50.03
CA ASP C 171 3.51 14.85 -50.67
C ASP C 171 2.26 14.00 -50.52
N TYR C 172 1.11 14.65 -50.66
CA TYR C 172 -0.17 13.96 -50.71
C TYR C 172 -1.13 14.81 -51.52
N ASP C 173 -1.45 14.36 -52.73
CA ASP C 173 -2.36 15.08 -53.61
C ASP C 173 -3.74 14.42 -53.53
N GLY C 174 -4.48 14.77 -52.49
CA GLY C 174 -5.81 14.22 -52.28
C GLY C 174 -6.73 15.16 -51.57
N GLU C 175 -7.97 15.29 -52.08
CA GLU C 175 -8.95 16.14 -51.43
C GLU C 175 -9.36 15.61 -50.06
N ASN C 176 -9.17 14.31 -49.84
CA ASN C 176 -9.54 13.67 -48.55
C ASN C 176 -8.62 14.18 -47.44
N THR C 177 -9.12 14.24 -46.21
CA THR C 177 -8.27 14.65 -45.05
C THR C 177 -8.43 13.60 -43.95
N PHE C 178 -7.33 13.28 -43.25
CA PHE C 178 -7.39 12.23 -42.20
C PHE C 178 -6.46 12.59 -41.05
N ASN C 179 -6.69 12.01 -39.85
CA ASN C 179 -5.83 12.26 -38.68
C ASN C 179 -5.60 10.93 -37.95
N PHE C 180 -4.83 10.03 -38.54
CA PHE C 180 -4.65 8.68 -37.94
C PHE C 180 -3.71 8.76 -36.73
N ILE C 181 -4.13 8.21 -35.59
CA ILE C 181 -3.30 8.21 -34.35
C ILE C 181 -2.89 6.76 -34.06
N ILE C 182 -1.61 6.51 -33.74
CA ILE C 182 -1.14 5.10 -33.56
C ILE C 182 -0.34 4.97 -32.26
N ASN C 183 -0.62 3.95 -31.44
CA ASN C 183 0.17 3.72 -30.24
C ASN C 183 1.57 3.30 -30.61
N MET C 184 2.55 3.92 -29.95
CA MET C 184 3.95 3.55 -30.21
C MET C 184 4.23 2.11 -29.86
N ALA C 185 3.48 1.54 -28.92
CA ALA C 185 3.73 0.17 -28.51
C ALA C 185 3.53 -0.81 -29.68
N ASN C 186 2.59 -0.52 -30.56
CA ASN C 186 2.36 -1.37 -31.72
C ASN C 186 3.36 -1.11 -32.83
N MET C 187 4.13 -0.03 -32.76
CA MET C 187 5.12 0.30 -33.77
C MET C 187 6.35 -0.55 -33.48
N LYS C 188 6.37 -1.77 -34.04
CA LYS C 188 7.41 -2.74 -33.74
C LYS C 188 8.05 -3.33 -34.99
N MET C 189 7.87 -2.67 -36.14
CA MET C 189 8.46 -3.15 -37.42
C MET C 189 9.98 -3.12 -37.32
N GLN C 190 10.66 -4.04 -38.02
CA GLN C 190 12.14 -4.07 -38.02
C GLN C 190 12.66 -2.86 -38.81
N PRO C 191 13.82 -2.27 -38.43
CA PRO C 191 14.33 -1.08 -39.11
C PRO C 191 14.45 -1.34 -40.62
N GLY C 192 13.87 -0.43 -41.44
CA GLY C 192 13.94 -0.59 -42.90
C GLY C 192 12.93 0.31 -43.60
N ASN C 193 13.05 0.45 -44.92
CA ASN C 193 12.09 1.28 -45.71
C ASN C 193 10.72 0.58 -45.72
N TYR C 194 9.64 1.36 -45.66
CA TYR C 194 8.27 0.77 -45.65
C TYR C 194 7.33 1.64 -46.48
N LYS C 195 6.31 1.02 -47.08
CA LYS C 195 5.29 1.81 -47.82
C LYS C 195 4.00 1.80 -46.99
N LEU C 196 3.55 2.97 -46.54
CA LEU C 196 2.37 3.04 -45.69
C LEU C 196 1.12 2.98 -46.56
N LEU C 197 0.31 1.97 -46.35
CA LEU C 197 -1.01 1.87 -46.93
C LEU C 197 -2.02 2.02 -45.81
N LEU C 198 -2.69 3.16 -45.75
CA LEU C 198 -3.61 3.46 -44.67
C LEU C 198 -5.03 3.34 -45.20
N TRP C 199 -5.85 2.58 -44.50
CA TRP C 199 -7.24 2.41 -44.87
C TRP C 199 -8.13 2.74 -43.69
N ALA C 200 -9.37 3.13 -43.97
CA ALA C 200 -10.30 3.45 -42.92
C ALA C 200 -11.72 3.41 -43.46
N LYS C 201 -12.65 2.95 -42.62
CA LYS C 201 -14.07 3.07 -42.92
C LYS C 201 -14.84 2.87 -41.62
N GLY C 202 -15.96 3.57 -41.50
CA GLY C 202 -16.75 3.50 -40.30
C GLY C 202 -15.97 4.02 -39.10
N LYS C 203 -15.59 3.12 -38.20
CA LYS C 203 -14.87 3.50 -37.00
C LYS C 203 -13.57 2.74 -36.78
N GLN C 204 -13.15 1.88 -37.71
CA GLN C 204 -11.92 1.12 -37.55
C GLN C 204 -11.23 0.96 -38.89
N GLY C 205 -10.02 1.50 -39.00
CA GLY C 205 -9.16 1.30 -40.14
C GLY C 205 -7.94 0.49 -39.80
N ALA C 206 -6.89 0.67 -40.60
CA ALA C 206 -5.64 -0.04 -40.36
C ALA C 206 -4.52 0.64 -41.12
N ALA C 207 -3.29 0.34 -40.71
CA ALA C 207 -2.10 0.83 -41.36
C ALA C 207 -1.22 -0.35 -41.73
N LYS C 208 -0.81 -0.43 -42.99
CA LYS C 208 0.03 -1.51 -43.48
C LYS C 208 1.39 -0.94 -43.83
N PHE C 209 2.38 -1.27 -43.01
CA PHE C 209 3.77 -0.93 -43.28
C PHE C 209 4.34 -2.09 -44.07
N GLU C 210 4.42 -1.94 -45.38
CA GLU C 210 4.90 -3.02 -46.24
C GLU C 210 6.37 -2.81 -46.57
N GLY C 211 7.14 -3.90 -46.52
CA GLY C 211 8.55 -3.86 -46.81
C GLY C 211 8.98 -5.12 -47.54
N GLU C 212 10.22 -5.08 -48.02
CA GLU C 212 10.74 -6.19 -48.83
C GLU C 212 10.88 -7.49 -48.05
N HIS C 213 11.07 -7.42 -46.73
CA HIS C 213 11.25 -8.62 -45.93
C HIS C 213 10.00 -9.06 -45.19
N ALA C 214 9.10 -8.14 -44.87
CA ALA C 214 7.85 -8.50 -44.21
C ALA C 214 6.89 -7.33 -44.36
N ASN C 215 5.63 -7.60 -44.03
CA ASN C 215 4.63 -6.56 -43.92
C ASN C 215 4.03 -6.61 -42.52
N TYR C 216 3.89 -5.44 -41.92
CA TYR C 216 3.26 -5.28 -40.61
C TYR C 216 1.94 -4.55 -40.76
N VAL C 217 0.98 -4.90 -39.89
CA VAL C 217 -0.34 -4.29 -39.88
C VAL C 217 -0.61 -3.81 -38.47
N VAL C 218 -1.01 -2.55 -38.36
CA VAL C 218 -1.23 -1.89 -37.07
C VAL C 218 -2.66 -1.36 -37.05
N ALA C 219 -3.35 -1.59 -35.94
CA ALA C 219 -4.67 -1.01 -35.80
C ALA C 219 -4.58 0.49 -35.55
N LEU C 220 -5.68 1.18 -35.82
CA LEU C 220 -5.78 2.61 -35.57
C LEU C 220 -6.60 2.85 -34.32
N GLU C 221 -6.40 4.02 -33.72
CA GLU C 221 -7.12 4.39 -32.51
C GLU C 221 -8.39 5.15 -32.84
N ALA C 222 -9.37 5.06 -31.94
CA ALA C 222 -10.67 5.67 -32.19
C ALA C 222 -10.56 7.17 -32.38
N ASP C 223 -9.55 7.78 -31.75
CA ASP C 223 -9.32 9.25 -31.92
C ASP C 223 -9.05 9.54 -33.39
N SER C 224 -8.55 8.56 -34.14
CA SER C 224 -8.23 8.77 -35.58
C SER C 224 -9.48 9.20 -36.34
N THR C 225 -9.40 10.30 -37.09
CA THR C 225 -10.57 10.80 -37.86
C THR C 225 -10.20 10.87 -39.35
N HIS C 226 -11.20 10.80 -40.23
CA HIS C 226 -10.93 10.88 -41.69
C HIS C 226 -12.17 11.45 -42.40
N ASP C 227 -11.96 12.17 -43.50
CA ASP C 227 -13.10 12.70 -44.30
C ASP C 227 -12.77 12.48 -45.78
N PHE C 228 -13.66 11.82 -46.52
CA PHE C 228 -13.36 11.51 -47.91
C PHE C 228 -14.32 12.23 -48.85
N MET D 1 21.46 26.65 -33.92
CA MET D 1 22.81 26.31 -33.51
C MET D 1 23.38 25.15 -34.31
N LYS D 2 24.69 24.95 -34.19
CA LYS D 2 25.34 23.77 -34.74
C LYS D 2 26.50 23.43 -33.79
N LEU D 3 26.25 22.48 -32.90
CA LEU D 3 27.23 22.10 -31.89
C LEU D 3 27.99 20.88 -32.35
N SER D 4 29.31 20.94 -32.29
CA SER D 4 30.12 19.79 -32.65
C SER D 4 29.89 18.65 -31.68
N LYS D 5 30.23 17.44 -32.11
CA LYS D 5 30.10 16.29 -31.22
C LYS D 5 31.02 16.43 -30.01
N ASP D 6 32.12 17.17 -30.16
CA ASP D 6 32.94 17.52 -28.99
C ASP D 6 32.16 18.38 -28.02
N THR D 7 31.38 19.33 -28.55
CA THR D 7 30.51 20.14 -27.69
C THR D 7 29.50 19.27 -26.98
N THR D 8 28.93 18.29 -27.68
CA THR D 8 27.99 17.37 -27.05
C THR D 8 28.66 16.57 -25.95
N ALA D 9 29.90 16.12 -26.18
CA ALA D 9 30.62 15.39 -25.14
C ALA D 9 30.85 16.27 -23.93
N LEU D 10 31.23 17.53 -24.15
CA LEU D 10 31.41 18.45 -23.02
C LEU D 10 30.11 18.64 -22.26
N LEU D 11 29.01 18.80 -22.99
CA LEU D 11 27.71 18.95 -22.32
C LEU D 11 27.37 17.72 -21.51
N LYS D 12 27.61 16.53 -22.06
CA LYS D 12 27.29 15.30 -21.35
C LYS D 12 28.12 15.17 -20.09
N ASN D 13 29.42 15.48 -20.17
CA ASN D 13 30.24 15.43 -18.98
C ASN D 13 29.82 16.50 -17.98
N PHE D 14 29.23 17.59 -18.47
CA PHE D 14 28.67 18.59 -17.57
C PHE D 14 27.41 18.10 -16.88
N ALA D 15 26.63 17.24 -17.55
CA ALA D 15 25.39 16.75 -16.97
C ALA D 15 25.64 15.96 -15.69
N THR D 16 26.73 15.17 -15.67
CA THR D 16 27.06 14.44 -14.46
C THR D 16 27.42 15.36 -13.31
N ILE D 17 27.69 16.63 -13.58
CA ILE D 17 28.01 17.58 -12.50
C ILE D 17 26.73 18.15 -11.91
N ASN D 18 25.89 18.73 -12.74
CA ASN D 18 24.62 19.30 -12.32
C ASN D 18 23.53 18.77 -13.23
N SER D 19 22.35 18.56 -12.66
CA SER D 19 21.24 18.01 -13.43
C SER D 19 20.87 18.91 -14.60
N GLY D 20 20.82 20.21 -14.37
CA GLY D 20 20.49 21.18 -15.40
C GLY D 20 21.64 22.13 -15.70
N ILE D 21 21.36 23.06 -16.60
CA ILE D 21 22.36 24.05 -17.00
C ILE D 21 21.65 25.22 -17.66
N MET D 22 22.24 26.40 -17.54
CA MET D 22 21.89 27.56 -18.33
C MET D 22 22.68 27.56 -19.64
N LEU D 23 22.26 28.42 -20.55
CA LEU D 23 22.98 28.60 -21.81
C LEU D 23 22.96 30.07 -22.16
N LYS D 24 24.02 30.79 -21.81
CA LYS D 24 24.21 32.17 -22.21
C LYS D 24 24.70 32.24 -23.64
N SER D 25 24.40 33.36 -24.31
CA SER D 25 24.85 33.56 -25.67
C SER D 25 26.36 33.74 -25.71
N GLY D 26 27.00 33.11 -26.69
CA GLY D 26 28.44 33.25 -26.86
C GLY D 26 29.19 31.95 -27.08
N GLN D 27 30.39 31.86 -26.53
CA GLN D 27 31.24 30.67 -26.65
C GLN D 27 31.61 30.09 -25.30
N PHE D 28 30.96 30.52 -24.21
CA PHE D 28 31.37 30.18 -22.87
C PHE D 28 30.29 29.37 -22.19
N ILE D 29 30.67 28.24 -21.60
CA ILE D 29 29.73 27.34 -20.93
C ILE D 29 30.26 27.03 -19.53
N MET D 30 29.40 27.17 -18.52
CA MET D 30 29.82 26.89 -17.16
C MET D 30 28.64 26.40 -16.35
N THR D 31 28.94 25.64 -15.30
CA THR D 31 27.94 25.14 -14.37
C THR D 31 28.64 24.84 -13.05
N ARG D 32 27.84 24.57 -12.02
CA ARG D 32 28.40 24.35 -10.70
C ARG D 32 27.60 23.29 -9.96
N ALA D 33 28.24 22.69 -8.95
CA ALA D 33 27.60 21.65 -8.16
C ALA D 33 26.43 22.21 -7.38
N VAL D 34 25.43 21.35 -7.16
CA VAL D 34 24.26 21.76 -6.38
C VAL D 34 24.68 22.11 -4.97
N ASN D 35 25.55 21.30 -4.36
CA ASN D 35 26.13 21.65 -3.09
C ASN D 35 27.23 22.69 -3.22
N GLY D 36 27.67 23.00 -4.44
CA GLY D 36 28.59 24.09 -4.68
C GLY D 36 30.05 23.76 -4.52
N THR D 37 30.40 22.50 -4.27
CA THR D 37 31.82 22.14 -4.11
C THR D 37 32.54 21.96 -5.44
N THR D 38 31.81 21.84 -6.55
CA THR D 38 32.43 21.65 -7.86
C THR D 38 31.85 22.64 -8.86
N TYR D 39 32.71 23.08 -9.77
CA TYR D 39 32.37 24.06 -10.79
C TYR D 39 33.17 23.74 -12.04
N ALA D 40 32.56 23.91 -13.20
CA ALA D 40 33.21 23.61 -14.46
C ALA D 40 32.95 24.73 -15.46
N GLU D 41 33.96 25.06 -16.24
CA GLU D 41 33.85 26.08 -17.26
C GLU D 41 34.58 25.62 -18.51
N ALA D 42 34.23 26.21 -19.64
CA ALA D 42 34.83 25.81 -20.90
C ALA D 42 34.50 26.83 -21.97
N ASN D 43 35.32 26.84 -23.00
CA ASN D 43 35.08 27.61 -24.22
C ASN D 43 34.73 26.65 -25.34
N ILE D 44 33.65 26.93 -26.06
CA ILE D 44 33.16 26.09 -27.13
C ILE D 44 33.39 26.80 -28.46
N SER D 45 33.95 26.06 -29.42
CA SER D 45 34.15 26.63 -30.74
C SER D 45 32.83 26.97 -31.44
N ASP D 46 31.77 26.23 -31.12
CA ASP D 46 30.46 26.54 -31.66
C ASP D 46 29.90 27.79 -30.99
N VAL D 47 28.97 28.44 -31.69
CA VAL D 47 28.49 29.76 -31.30
C VAL D 47 27.07 29.63 -30.75
N ILE D 48 26.83 30.29 -29.61
CA ILE D 48 25.51 30.36 -29.00
C ILE D 48 25.03 31.80 -29.13
N ASP D 49 23.82 31.98 -29.67
CA ASP D 49 23.28 33.30 -29.91
C ASP D 49 22.16 33.69 -28.95
N PHE D 50 21.55 32.74 -28.25
CA PHE D 50 20.49 33.07 -27.31
C PHE D 50 20.65 32.25 -26.04
N ASP D 51 20.08 32.77 -24.96
CA ASP D 51 20.15 32.13 -23.65
C ASP D 51 18.89 31.32 -23.41
N VAL D 52 19.05 30.21 -22.69
CA VAL D 52 17.93 29.38 -22.26
C VAL D 52 18.42 28.45 -21.16
N ALA D 53 17.57 28.22 -20.17
CA ALA D 53 17.91 27.35 -19.05
C ALA D 53 17.08 26.08 -19.14
N ILE D 54 17.74 24.93 -18.99
CA ILE D 54 17.08 23.64 -19.09
C ILE D 54 17.47 22.78 -17.91
N TYR D 55 16.50 22.06 -17.35
CA TYR D 55 16.74 21.21 -16.19
C TYR D 55 17.18 19.81 -16.59
N ASP D 56 16.59 19.25 -17.64
CA ASP D 56 16.83 17.86 -18.03
C ASP D 56 17.90 17.80 -19.13
N LEU D 57 19.13 18.08 -18.72
CA LEU D 57 20.23 18.15 -19.69
C LEU D 57 20.50 16.81 -20.33
N ASN D 58 20.45 15.72 -19.55
CA ASN D 58 20.83 14.42 -20.07
C ASN D 58 19.94 14.00 -21.23
N GLY D 59 18.62 14.07 -21.03
CA GLY D 59 17.71 13.73 -22.12
C GLY D 59 17.91 14.63 -23.32
N PHE D 60 18.18 15.91 -23.09
CA PHE D 60 18.34 16.84 -24.20
C PHE D 60 19.58 16.52 -25.02
N LEU D 61 20.71 16.31 -24.36
CA LEU D 61 21.90 15.96 -25.10
C LEU D 61 21.74 14.61 -25.78
N GLY D 62 21.01 13.69 -25.16
CA GLY D 62 20.77 12.41 -25.79
C GLY D 62 19.98 12.55 -27.08
N ILE D 63 18.87 13.29 -27.04
CA ILE D 63 18.08 13.45 -28.25
C ILE D 63 18.85 14.25 -29.29
N LEU D 64 19.65 15.24 -28.86
CA LEU D 64 20.45 15.99 -29.83
C LEU D 64 21.45 15.08 -30.51
N SER D 65 22.11 14.19 -29.75
CA SER D 65 22.99 13.21 -30.35
C SER D 65 22.23 12.28 -31.28
N LEU D 66 20.95 12.05 -30.99
CA LEU D 66 20.13 11.19 -31.83
C LEU D 66 19.88 11.79 -33.21
N VAL D 67 19.67 13.09 -33.30
CA VAL D 67 19.31 13.72 -34.56
C VAL D 67 20.54 13.85 -35.43
N ASN D 68 20.32 14.08 -36.72
CA ASN D 68 21.41 14.31 -37.64
C ASN D 68 22.18 15.55 -37.24
N ASP D 69 23.51 15.50 -37.41
CA ASP D 69 24.37 16.57 -36.92
C ASP D 69 24.12 17.90 -37.64
N ASP D 70 23.55 17.87 -38.83
CA ASP D 70 23.30 19.09 -39.59
C ASP D 70 22.19 19.94 -39.01
N ALA D 71 21.45 19.43 -38.02
CA ALA D 71 20.26 20.10 -37.54
C ALA D 71 20.61 21.44 -36.89
N GLU D 72 19.58 22.27 -36.73
CA GLU D 72 19.72 23.60 -36.17
C GLU D 72 18.83 23.75 -34.93
N ILE D 73 19.25 24.65 -34.04
CA ILE D 73 18.60 24.86 -32.76
C ILE D 73 18.14 26.31 -32.68
N SER D 74 16.92 26.52 -32.17
CA SER D 74 16.44 27.86 -31.90
C SER D 74 15.44 27.79 -30.75
N GLN D 75 14.90 28.95 -30.38
CA GLN D 75 13.89 29.01 -29.34
C GLN D 75 12.50 28.98 -29.97
N SER D 76 11.58 28.31 -29.29
CA SER D 76 10.28 28.03 -29.88
C SER D 76 9.39 29.27 -29.86
N GLU D 77 8.29 29.17 -30.61
CA GLU D 77 7.26 30.19 -30.55
C GLU D 77 6.49 30.15 -29.24
N ASP D 78 6.63 29.08 -28.46
CA ASP D 78 6.00 28.96 -27.16
C ASP D 78 7.01 29.03 -26.02
N GLY D 79 8.19 29.60 -26.28
CA GLY D 79 9.20 29.73 -25.24
C GLY D 79 9.94 28.45 -24.93
N ASN D 80 9.85 27.45 -25.80
CA ASN D 80 10.59 26.20 -25.66
C ASN D 80 11.78 26.21 -26.61
N ILE D 81 12.46 25.08 -26.69
CA ILE D 81 13.56 24.90 -27.61
C ILE D 81 13.09 24.03 -28.76
N LYS D 82 13.42 24.43 -29.98
CA LYS D 82 13.06 23.64 -31.15
C LYS D 82 14.31 23.33 -31.95
N ILE D 83 14.45 22.05 -32.30
CA ILE D 83 15.59 21.56 -33.07
C ILE D 83 15.06 20.91 -34.32
N ALA D 84 15.58 21.32 -35.47
CA ALA D 84 15.06 20.82 -36.73
C ALA D 84 16.20 20.36 -37.63
N ASP D 85 16.10 19.13 -38.13
CA ASP D 85 16.98 18.60 -39.14
C ASP D 85 16.31 18.67 -40.50
N ALA D 86 16.84 17.90 -41.47
CA ALA D 86 16.39 18.01 -42.84
C ALA D 86 14.92 17.68 -43.03
N ARG D 87 14.34 16.81 -42.21
CA ARG D 87 12.96 16.38 -42.45
C ARG D 87 12.08 16.47 -41.20
N SER D 88 12.69 16.51 -40.02
CA SER D 88 11.95 16.45 -38.78
C SER D 88 12.21 17.69 -37.94
N THR D 89 11.20 18.09 -37.17
CA THR D 89 11.32 19.17 -36.21
C THR D 89 10.84 18.67 -34.86
N ILE D 90 11.60 18.98 -33.81
CA ILE D 90 11.33 18.51 -32.47
C ILE D 90 11.24 19.73 -31.57
N PHE D 91 10.44 19.62 -30.51
CA PHE D 91 10.26 20.69 -29.53
C PHE D 91 10.58 20.14 -28.16
N TRP D 92 11.78 20.36 -27.73
CA TRP D 92 12.17 20.00 -26.38
C TRP D 92 11.82 21.14 -25.45
N PRO D 93 11.10 20.88 -24.37
CA PRO D 93 10.60 21.97 -23.52
C PRO D 93 11.72 22.73 -22.82
N ALA D 94 11.47 24.02 -22.61
CA ALA D 94 12.35 24.89 -21.84
C ALA D 94 11.84 24.99 -20.40
N ALA D 95 12.70 25.53 -19.55
CA ALA D 95 12.49 25.48 -18.11
C ALA D 95 12.41 26.87 -17.51
N ASP D 96 11.74 26.97 -16.37
CA ASP D 96 11.69 28.20 -15.59
C ASP D 96 13.07 28.49 -15.03
N PRO D 97 13.66 29.66 -15.30
CA PRO D 97 15.05 29.90 -14.87
C PRO D 97 15.27 29.83 -13.38
N SER D 98 14.22 29.86 -12.57
CA SER D 98 14.40 29.80 -11.12
C SER D 98 14.96 28.44 -10.68
N THR D 99 14.48 27.35 -11.28
CA THR D 99 14.80 26.02 -10.79
C THR D 99 16.30 25.72 -10.89
N VAL D 100 16.93 26.12 -11.99
CA VAL D 100 18.33 25.80 -12.20
C VAL D 100 19.21 26.62 -11.28
N VAL D 101 20.18 25.97 -10.66
CA VAL D 101 21.21 26.68 -9.91
C VAL D 101 22.15 27.35 -10.90
N ALA D 102 22.02 28.67 -11.04
CA ALA D 102 22.76 29.40 -12.06
C ALA D 102 23.93 30.12 -11.43
N PRO D 103 25.16 29.69 -11.68
CA PRO D 103 26.31 30.48 -11.21
C PRO D 103 26.31 31.85 -11.88
N ASN D 104 26.54 32.89 -11.07
CA ASN D 104 26.37 34.25 -11.55
C ASN D 104 27.51 34.66 -12.48
N LYS D 105 28.74 34.34 -12.11
CA LYS D 105 29.90 34.79 -12.86
C LYS D 105 31.04 33.81 -12.64
N PRO D 106 31.87 33.59 -13.65
CA PRO D 106 33.02 32.70 -13.48
C PRO D 106 34.02 33.28 -12.49
N ILE D 107 34.73 32.38 -11.80
CA ILE D 107 35.77 32.76 -10.85
C ILE D 107 37.07 32.93 -11.61
N PRO D 108 37.67 34.13 -11.63
CA PRO D 108 38.92 34.32 -12.35
C PRO D 108 40.07 33.54 -11.74
N PHE D 109 40.30 33.73 -10.43
CA PHE D 109 41.25 32.96 -9.65
C PHE D 109 42.65 33.00 -10.26
N PRO D 110 43.34 34.13 -10.22
CA PRO D 110 44.61 34.24 -10.93
C PRO D 110 45.76 33.51 -10.28
N VAL D 111 45.88 33.57 -8.95
CA VAL D 111 47.08 33.11 -8.26
C VAL D 111 46.80 31.79 -7.55
N ALA D 112 47.87 31.04 -7.32
CA ALA D 112 47.79 29.76 -6.63
C ALA D 112 49.16 29.43 -6.05
N SER D 113 49.18 28.43 -5.18
CA SER D 113 50.40 28.06 -4.46
C SER D 113 51.20 26.96 -5.15
N ALA D 114 50.52 25.95 -5.71
CA ALA D 114 51.21 24.81 -6.29
C ALA D 114 50.68 24.55 -7.70
N VAL D 115 51.53 23.94 -8.52
CA VAL D 115 51.16 23.60 -9.89
C VAL D 115 51.89 22.33 -10.29
N THR D 116 51.23 21.51 -11.08
CA THR D 116 51.79 20.27 -11.61
C THR D 116 50.99 19.89 -12.84
N GLU D 117 51.25 18.70 -13.38
CA GLU D 117 50.53 18.21 -14.55
C GLU D 117 50.29 16.72 -14.40
N ILE D 118 49.05 16.30 -14.66
CA ILE D 118 48.66 14.90 -14.57
C ILE D 118 48.28 14.40 -15.95
N LYS D 119 48.71 13.18 -16.26
CA LYS D 119 48.40 12.58 -17.55
C LYS D 119 47.00 12.00 -17.55
N ALA D 120 46.47 11.81 -18.77
CA ALA D 120 45.11 11.30 -18.91
C ALA D 120 44.99 9.88 -18.38
N GLU D 121 45.91 9.00 -18.77
CA GLU D 121 45.80 7.60 -18.40
C GLU D 121 45.95 7.39 -16.90
N ASP D 122 46.80 8.20 -16.25
CA ASP D 122 46.93 8.10 -14.80
C ASP D 122 45.63 8.50 -14.12
N LEU D 123 44.99 9.56 -14.61
CA LEU D 123 43.70 9.96 -14.07
C LEU D 123 42.66 8.86 -14.26
N GLN D 124 42.64 8.26 -15.45
CA GLN D 124 41.72 7.15 -15.70
C GLN D 124 41.96 6.01 -14.73
N GLN D 125 43.23 5.64 -14.55
CA GLN D 125 43.56 4.52 -13.67
C GLN D 125 43.16 4.81 -12.23
N LEU D 126 43.42 6.03 -11.75
CA LEU D 126 43.06 6.33 -10.37
C LEU D 126 41.56 6.37 -10.19
N LEU D 127 40.81 6.88 -11.19
CA LEU D 127 39.36 6.84 -11.09
C LEU D 127 38.86 5.41 -11.04
N ARG D 128 39.42 4.54 -11.87
CA ARG D 128 38.97 3.15 -11.89
C ARG D 128 39.29 2.45 -10.57
N VAL D 129 40.49 2.69 -10.03
CA VAL D 129 40.86 2.03 -8.78
C VAL D 129 40.03 2.57 -7.62
N SER D 130 39.69 3.86 -7.66
CA SER D 130 38.80 4.41 -6.65
C SER D 130 37.42 3.78 -6.74
N ARG D 131 36.95 3.53 -7.95
CA ARG D 131 35.70 2.78 -8.12
C ARG D 131 35.83 1.38 -7.53
N GLY D 132 36.95 0.71 -7.80
CA GLY D 132 37.10 -0.67 -7.36
C GLY D 132 37.24 -0.82 -5.86
N LEU D 133 38.09 -0.01 -5.24
CA LEU D 133 38.41 -0.15 -3.83
C LEU D 133 37.50 0.67 -2.93
N GLN D 134 36.46 1.29 -3.49
CA GLN D 134 35.57 2.17 -2.72
C GLN D 134 36.35 3.30 -2.07
N ILE D 135 37.34 3.83 -2.80
CA ILE D 135 38.16 4.93 -2.31
C ILE D 135 37.31 6.19 -2.41
N ASP D 136 36.73 6.61 -1.28
CA ASP D 136 35.81 7.74 -1.28
C ASP D 136 36.53 9.08 -1.41
N THR D 137 37.82 9.14 -1.09
CA THR D 137 38.49 10.43 -1.00
C THR D 137 39.95 10.25 -1.39
N ILE D 138 40.60 11.34 -1.78
CA ILE D 138 42.04 11.35 -1.98
C ILE D 138 42.62 12.58 -1.28
N ALA D 139 43.95 12.65 -1.32
CA ALA D 139 44.67 13.79 -0.76
C ALA D 139 45.93 13.99 -1.60
N ILE D 140 46.07 15.18 -2.16
CA ILE D 140 47.29 15.59 -2.83
C ILE D 140 48.24 16.16 -1.80
N THR D 141 49.45 15.61 -1.73
CA THR D 141 50.42 16.02 -0.72
C THR D 141 51.81 15.93 -1.30
N VAL D 142 52.80 16.21 -0.45
CA VAL D 142 54.21 16.17 -0.82
C VAL D 142 54.94 15.28 0.17
N LYS D 143 55.60 14.25 -0.34
CA LYS D 143 56.46 13.39 0.45
C LYS D 143 57.76 13.16 -0.28
N GLU D 144 58.84 12.97 0.48
CA GLU D 144 60.21 12.87 -0.02
C GLU D 144 60.48 13.88 -1.14
N GLY D 145 59.91 15.07 -1.00
CA GLY D 145 60.01 16.06 -2.07
C GLY D 145 59.35 15.63 -3.35
N LYS D 146 58.18 15.00 -3.25
CA LYS D 146 57.45 14.53 -4.43
C LYS D 146 55.98 14.89 -4.31
N ILE D 147 55.46 15.55 -5.34
CA ILE D 147 54.03 15.76 -5.47
C ILE D 147 53.37 14.41 -5.75
N VAL D 148 52.53 13.96 -4.82
CA VAL D 148 51.88 12.66 -4.91
C VAL D 148 50.41 12.81 -4.54
N ILE D 149 49.61 11.81 -4.93
CA ILE D 149 48.21 11.72 -4.56
C ILE D 149 47.98 10.37 -3.90
N ASN D 150 47.34 10.38 -2.73
CA ASN D 150 47.07 9.15 -1.98
C ASN D 150 45.58 9.04 -1.72
N GLY D 151 45.02 7.87 -2.01
CA GLY D 151 43.58 7.66 -1.88
C GLY D 151 43.25 6.87 -0.63
N PHE D 152 42.16 7.26 0.03
CA PHE D 152 41.68 6.61 1.24
C PHE D 152 40.15 6.63 1.26
N ASN D 153 39.59 5.90 2.20
CA ASN D 153 38.15 5.76 2.37
C ASN D 153 37.75 6.30 3.74
N LYS D 154 36.79 7.23 3.76
CA LYS D 154 36.36 7.83 5.01
C LYS D 154 35.49 6.86 5.82
N VAL D 155 34.57 6.16 5.15
CA VAL D 155 33.61 5.33 5.87
C VAL D 155 34.28 4.19 6.60
N GLU D 156 35.49 3.80 6.17
CA GLU D 156 36.27 2.80 6.87
C GLU D 156 37.43 3.43 7.64
N ASP D 157 38.27 4.21 6.95
CA ASP D 157 39.38 4.90 7.58
C ASP D 157 38.95 6.34 7.85
N SER D 158 38.20 6.50 8.95
CA SER D 158 37.70 7.82 9.30
C SER D 158 38.84 8.80 9.59
N ALA D 159 39.87 8.33 10.30
CA ALA D 159 41.02 9.19 10.57
C ALA D 159 41.87 9.44 9.33
N LEU D 160 41.68 8.67 8.26
CA LEU D 160 42.45 8.83 7.02
C LEU D 160 43.95 8.73 7.29
N THR D 161 44.34 7.72 8.06
CA THR D 161 45.74 7.50 8.41
C THR D 161 46.38 6.37 7.62
N ARG D 162 45.59 5.43 7.12
CA ARG D 162 46.10 4.29 6.36
C ARG D 162 45.84 4.53 4.88
N VAL D 163 46.91 4.53 4.09
CA VAL D 163 46.83 4.79 2.66
C VAL D 163 46.41 3.51 1.94
N LYS D 164 45.40 3.62 1.07
CA LYS D 164 44.93 2.49 0.28
C LYS D 164 45.42 2.50 -1.14
N TYR D 165 45.81 3.67 -1.67
CA TYR D 165 46.34 3.77 -3.02
C TYR D 165 47.23 5.00 -3.08
N SER D 166 48.26 4.93 -3.94
CA SER D 166 49.21 6.01 -4.07
C SER D 166 49.56 6.23 -5.54
N LEU D 167 49.73 7.50 -5.91
CA LEU D 167 50.22 7.88 -7.22
C LEU D 167 51.06 9.13 -7.08
N THR D 168 52.22 9.14 -7.75
CA THR D 168 53.13 10.29 -7.69
C THR D 168 52.94 11.16 -8.92
N LEU D 169 52.55 12.41 -8.70
CA LEU D 169 52.50 13.37 -9.79
C LEU D 169 53.90 13.64 -10.35
N GLY D 170 54.88 13.76 -9.46
CA GLY D 170 56.24 14.03 -9.89
C GLY D 170 57.04 14.63 -8.75
N ASP D 171 58.04 15.42 -9.12
CA ASP D 171 58.81 16.17 -8.14
C ASP D 171 58.14 17.51 -7.85
N TYR D 172 58.46 18.09 -6.71
CA TYR D 172 57.95 19.40 -6.33
C TYR D 172 59.04 20.44 -6.54
N ASP D 173 58.72 21.47 -7.33
CA ASP D 173 59.69 22.52 -7.61
C ASP D 173 59.90 23.41 -6.39
N GLY D 174 58.83 23.77 -5.69
CA GLY D 174 58.92 24.65 -4.54
C GLY D 174 59.25 23.90 -3.26
N GLU D 175 59.25 24.66 -2.17
CA GLU D 175 59.53 24.12 -0.84
C GLU D 175 58.35 24.17 0.10
N ASN D 176 57.24 24.80 -0.30
CA ASN D 176 56.07 24.88 0.55
C ASN D 176 55.46 23.49 0.74
N THR D 177 54.77 23.29 1.86
CA THR D 177 54.18 22.01 2.18
C THR D 177 52.66 22.15 2.30
N PHE D 178 51.97 21.07 1.96
CA PHE D 178 50.52 21.06 2.05
C PHE D 178 50.00 19.63 1.95
N ASN D 179 48.72 19.47 2.27
CA ASN D 179 48.03 18.20 2.13
C ASN D 179 46.55 18.53 1.96
N PHE D 180 46.07 18.48 0.72
CA PHE D 180 44.71 18.85 0.39
C PHE D 180 43.87 17.60 0.17
N ILE D 181 42.74 17.54 0.87
CA ILE D 181 41.89 16.36 0.86
C ILE D 181 40.67 16.68 0.02
N ILE D 182 40.37 15.81 -0.94
CA ILE D 182 39.31 16.03 -1.92
C ILE D 182 38.46 14.79 -2.03
N ASN D 183 37.15 14.95 -1.82
CA ASN D 183 36.22 13.86 -2.00
C ASN D 183 36.19 13.41 -3.45
N MET D 184 36.00 12.10 -3.65
CA MET D 184 36.02 11.52 -4.98
C MET D 184 34.70 11.66 -5.72
N ALA D 185 33.61 11.97 -5.03
CA ALA D 185 32.35 12.21 -5.72
C ALA D 185 32.37 13.48 -6.55
N ASN D 186 33.37 14.34 -6.34
CA ASN D 186 33.53 15.57 -7.11
C ASN D 186 34.15 15.34 -8.48
N MET D 187 35.02 14.34 -8.61
CA MET D 187 35.74 14.11 -9.85
C MET D 187 34.79 13.74 -10.98
N LYS D 188 34.61 14.64 -11.94
CA LYS D 188 33.73 14.40 -13.08
C LYS D 188 34.41 14.77 -14.40
N MET D 189 35.69 15.13 -14.36
CA MET D 189 36.36 15.71 -15.51
C MET D 189 36.39 14.73 -16.67
N GLN D 190 36.42 15.27 -17.88
CA GLN D 190 36.61 14.43 -19.05
C GLN D 190 37.97 13.76 -18.97
N PRO D 191 38.11 12.53 -19.44
CA PRO D 191 39.42 11.88 -19.41
C PRO D 191 40.38 12.53 -20.38
N GLY D 192 41.32 13.31 -19.85
CA GLY D 192 42.30 13.98 -20.69
C GLY D 192 43.42 14.53 -19.84
N ASN D 193 44.52 14.87 -20.50
CA ASN D 193 45.67 15.43 -19.81
C ASN D 193 45.31 16.76 -19.18
N TYR D 194 45.66 16.93 -17.92
CA TYR D 194 45.27 18.13 -17.18
C TYR D 194 46.49 18.77 -16.52
N LYS D 195 46.37 20.07 -16.29
CA LYS D 195 47.31 20.83 -15.48
C LYS D 195 46.64 21.14 -14.15
N LEU D 196 47.30 20.75 -13.05
CA LEU D 196 46.72 20.83 -11.72
C LEU D 196 47.22 22.09 -11.03
N LEU D 197 46.29 22.86 -10.47
CA LEU D 197 46.57 24.15 -9.84
C LEU D 197 45.97 24.12 -8.44
N LEU D 198 46.82 24.27 -7.43
CA LEU D 198 46.41 24.16 -6.04
C LEU D 198 46.59 25.51 -5.36
N TRP D 199 45.55 25.94 -4.64
CA TRP D 199 45.62 27.19 -3.90
C TRP D 199 44.90 27.00 -2.57
N ALA D 200 45.35 27.75 -1.56
CA ALA D 200 44.76 27.60 -0.23
C ALA D 200 45.12 28.82 0.61
N LYS D 201 44.10 29.42 1.23
CA LYS D 201 44.29 30.54 2.14
C LYS D 201 43.48 30.28 3.39
N GLY D 202 44.16 30.25 4.53
CA GLY D 202 43.51 30.03 5.81
C GLY D 202 42.65 28.78 5.81
N LYS D 203 41.34 28.97 5.82
CA LYS D 203 40.39 27.87 5.78
C LYS D 203 40.07 27.42 4.36
N GLN D 204 39.90 28.36 3.43
CA GLN D 204 39.42 28.01 2.10
C GLN D 204 40.55 27.50 1.22
N GLY D 205 40.16 26.76 0.19
CA GLY D 205 41.13 26.19 -0.75
C GLY D 205 40.44 25.83 -2.04
N ALA D 206 41.26 25.53 -3.04
CA ALA D 206 40.76 25.26 -4.39
C ALA D 206 41.75 24.41 -5.15
N ALA D 207 41.21 23.42 -5.86
CA ALA D 207 41.97 22.56 -6.76
C ALA D 207 41.37 22.67 -8.15
N LYS D 208 42.21 22.99 -9.12
CA LYS D 208 41.78 23.20 -10.49
C LYS D 208 42.48 22.22 -11.41
N PHE D 209 41.72 21.68 -12.36
CA PHE D 209 42.25 20.82 -13.42
C PHE D 209 41.96 21.49 -14.74
N GLU D 210 43.02 21.83 -15.47
CA GLU D 210 42.91 22.59 -16.72
C GLU D 210 43.15 21.66 -17.89
N GLY D 211 42.22 21.66 -18.85
CA GLY D 211 42.32 20.85 -20.03
C GLY D 211 42.20 21.69 -21.29
N GLU D 212 42.44 21.05 -22.44
CA GLU D 212 42.41 21.74 -23.71
C GLU D 212 41.02 22.27 -24.07
N HIS D 213 39.97 21.78 -23.41
CA HIS D 213 38.61 22.24 -23.66
C HIS D 213 37.94 22.84 -22.45
N ALA D 214 38.08 22.21 -21.29
CA ALA D 214 37.36 22.64 -20.10
C ALA D 214 38.29 22.66 -18.91
N ASN D 215 37.93 23.48 -17.94
CA ASN D 215 38.65 23.60 -16.67
C ASN D 215 37.68 23.35 -15.53
N TYR D 216 38.20 22.76 -14.46
CA TYR D 216 37.38 22.35 -13.33
C TYR D 216 37.96 22.92 -12.04
N VAL D 217 37.07 23.38 -11.17
CA VAL D 217 37.42 23.93 -9.86
C VAL D 217 36.66 23.14 -8.81
N VAL D 218 37.36 22.73 -7.76
CA VAL D 218 36.75 22.03 -6.64
C VAL D 218 37.29 22.62 -5.35
N ALA D 219 36.51 22.50 -4.30
CA ALA D 219 36.88 23.02 -2.99
C ALA D 219 37.49 21.92 -2.15
N LEU D 220 38.58 22.23 -1.46
CA LEU D 220 39.22 21.27 -0.59
C LEU D 220 38.34 20.99 0.64
N GLU D 221 38.71 19.95 1.37
CA GLU D 221 37.94 19.58 2.54
C GLU D 221 38.46 20.30 3.78
N ALA D 222 37.65 20.24 4.86
CA ALA D 222 37.93 21.03 6.06
C ALA D 222 39.24 20.63 6.73
N ASP D 223 39.77 19.44 6.45
CA ASP D 223 41.01 19.00 7.03
C ASP D 223 42.22 19.30 6.15
N SER D 224 42.02 19.96 5.02
CA SER D 224 43.15 20.28 4.15
C SER D 224 44.06 21.30 4.81
N THR D 225 45.35 21.00 4.82
CA THR D 225 46.35 21.81 5.51
C THR D 225 47.33 22.39 4.50
N HIS D 226 47.89 23.54 4.84
CA HIS D 226 48.84 24.18 3.94
C HIS D 226 49.69 25.16 4.71
N ASP D 227 50.99 25.19 4.41
CA ASP D 227 51.89 26.20 4.94
C ASP D 227 52.95 26.47 3.88
N PHE D 228 53.14 27.74 3.56
CA PHE D 228 53.99 28.14 2.44
C PHE D 228 55.17 28.98 2.93
#